data_2DYI
# 
_entry.id   2DYI 
# 
_audit_conform.dict_name       mmcif_pdbx.dic 
_audit_conform.dict_version    5.389 
_audit_conform.dict_location   http://mmcif.pdb.org/dictionaries/ascii/mmcif_pdbx.dic 
# 
loop_
_database_2.database_id 
_database_2.database_code 
_database_2.pdbx_database_accession 
_database_2.pdbx_DOI 
PDB   2DYI         pdb_00002dyi 10.2210/pdb2dyi/pdb 
RCSB  RCSB026001   ?            ?                   
WWPDB D_1000026001 ?            ?                   
# 
loop_
_pdbx_audit_revision_history.ordinal 
_pdbx_audit_revision_history.data_content_type 
_pdbx_audit_revision_history.major_revision 
_pdbx_audit_revision_history.minor_revision 
_pdbx_audit_revision_history.revision_date 
1 'Structure model' 1 0 2007-03-14 
2 'Structure model' 1 1 2008-04-30 
3 'Structure model' 1 2 2011-07-13 
4 'Structure model' 1 3 2024-03-13 
5 'Structure model' 1 4 2024-04-03 
# 
_pdbx_audit_revision_details.ordinal             1 
_pdbx_audit_revision_details.revision_ordinal    1 
_pdbx_audit_revision_details.data_content_type   'Structure model' 
_pdbx_audit_revision_details.provider            repository 
_pdbx_audit_revision_details.type                'Initial release' 
_pdbx_audit_revision_details.description         ? 
_pdbx_audit_revision_details.details             ? 
# 
loop_
_pdbx_audit_revision_group.ordinal 
_pdbx_audit_revision_group.revision_ordinal 
_pdbx_audit_revision_group.data_content_type 
_pdbx_audit_revision_group.group 
1 2 'Structure model' 'Version format compliance' 
2 3 'Structure model' 'Source and taxonomy'       
3 3 'Structure model' 'Version format compliance' 
4 4 'Structure model' 'Data collection'           
5 4 'Structure model' 'Database references'       
6 5 'Structure model' 'Refinement description'    
# 
loop_
_pdbx_audit_revision_category.ordinal 
_pdbx_audit_revision_category.revision_ordinal 
_pdbx_audit_revision_category.data_content_type 
_pdbx_audit_revision_category.category 
1 4 'Structure model' chem_comp_atom                
2 4 'Structure model' chem_comp_bond                
3 4 'Structure model' database_2                    
4 5 'Structure model' pdbx_initial_refinement_model 
# 
loop_
_pdbx_audit_revision_item.ordinal 
_pdbx_audit_revision_item.revision_ordinal 
_pdbx_audit_revision_item.data_content_type 
_pdbx_audit_revision_item.item 
1 4 'Structure model' '_database_2.pdbx_DOI'                
2 4 'Structure model' '_database_2.pdbx_database_accession' 
# 
_pdbx_database_status.status_code                     REL 
_pdbx_database_status.entry_id                        2DYI 
_pdbx_database_status.recvd_initial_deposition_date   2006-09-14 
_pdbx_database_status.deposit_site                    PDBJ 
_pdbx_database_status.process_site                    PDBJ 
_pdbx_database_status.status_code_sf                  REL 
_pdbx_database_status.status_code_mr                  ? 
_pdbx_database_status.SG_entry                        Y 
_pdbx_database_status.pdb_format_compatible           Y 
_pdbx_database_status.status_code_cs                  ? 
_pdbx_database_status.status_code_nmr_data            ? 
_pdbx_database_status.methods_development_category    ? 
# 
_pdbx_database_related.db_name        TargetDB 
_pdbx_database_related.db_id          ttk003000786.1 
_pdbx_database_related.details        . 
_pdbx_database_related.content_type   unspecified 
# 
loop_
_audit_author.name 
_audit_author.pdbx_ordinal 
'Kawazoe, M.'                                            1 
'Takemoto, C.'                                           2 
'Kaminishi, T.'                                          3 
'Tatsuguchi, A.'                                         4 
'Shirouzu, M.'                                           5 
'Yokoyama, S.'                                           6 
'RIKEN Structural Genomics/Proteomics Initiative (RSGI)' 7 
# 
_citation.id                        primary 
_citation.title                     'Crystal structure of 16S ribosomal RNA processing protein RimM from Thermus thermophilus HB8' 
_citation.journal_abbrev            'To be published' 
_citation.journal_volume            ? 
_citation.page_first                ? 
_citation.page_last                 ? 
_citation.year                      ? 
_citation.journal_id_ASTM           ? 
_citation.country                   ? 
_citation.journal_id_ISSN           ? 
_citation.journal_id_CSD            0353 
_citation.book_publisher            ? 
_citation.pdbx_database_id_PubMed   ? 
_citation.pdbx_database_id_DOI      ? 
# 
loop_
_citation_author.citation_id 
_citation_author.name 
_citation_author.ordinal 
_citation_author.identifier_ORCID 
primary 'Kawazoe, M.'    1 ? 
primary 'Takemoto, C.'   2 ? 
primary 'Kaminishi, T.'  3 ? 
primary 'Tatsuguchi, A.' 4 ? 
primary 'Shirouzu, M.'   5 ? 
primary 'Yokoyama, S.'   6 ? 
# 
loop_
_entity.id 
_entity.type 
_entity.src_method 
_entity.pdbx_description 
_entity.formula_weight 
_entity.pdbx_number_of_molecules 
_entity.pdbx_ec 
_entity.pdbx_mutation 
_entity.pdbx_fragment 
_entity.details 
1 polymer man 'Probable 16S rRNA-processing protein rimM' 18094.768 1   ? ? ? ? 
2 water   nat water                                       18.015    137 ? ? ? ? 
# 
_entity_poly.entity_id                      1 
_entity_poly.type                           'polypeptide(L)' 
_entity_poly.nstd_linkage                   no 
_entity_poly.nstd_monomer                   no 
_entity_poly.pdbx_seq_one_letter_code       
;MRLVEIGRFGAPYALKGGLRFRGEPVVLHLERVYVEGHGWRAIEDLYRVGEELVVHLAGVTDRTLAEALVGLRVYAEVAD
LPPLEEGRYYYFALIGLPVYVEGRQVGEVVDILDAGAQDVLIIRGVGERLRDRAERLVPLQAPYVRVEEGSIHVDPIPGL
FD
;
_entity_poly.pdbx_seq_one_letter_code_can   
;MRLVEIGRFGAPYALKGGLRFRGEPVVLHLERVYVEGHGWRAIEDLYRVGEELVVHLAGVTDRTLAEALVGLRVYAEVAD
LPPLEEGRYYYFALIGLPVYVEGRQVGEVVDILDAGAQDVLIIRGVGERLRDRAERLVPLQAPYVRVEEGSIHVDPIPGL
FD
;
_entity_poly.pdbx_strand_id                 A 
_entity_poly.pdbx_target_identifier         ttk003000786.1 
# 
_pdbx_entity_nonpoly.entity_id   2 
_pdbx_entity_nonpoly.name        water 
_pdbx_entity_nonpoly.comp_id     HOH 
# 
loop_
_entity_poly_seq.entity_id 
_entity_poly_seq.num 
_entity_poly_seq.mon_id 
_entity_poly_seq.hetero 
1 1   MET n 
1 2   ARG n 
1 3   LEU n 
1 4   VAL n 
1 5   GLU n 
1 6   ILE n 
1 7   GLY n 
1 8   ARG n 
1 9   PHE n 
1 10  GLY n 
1 11  ALA n 
1 12  PRO n 
1 13  TYR n 
1 14  ALA n 
1 15  LEU n 
1 16  LYS n 
1 17  GLY n 
1 18  GLY n 
1 19  LEU n 
1 20  ARG n 
1 21  PHE n 
1 22  ARG n 
1 23  GLY n 
1 24  GLU n 
1 25  PRO n 
1 26  VAL n 
1 27  VAL n 
1 28  LEU n 
1 29  HIS n 
1 30  LEU n 
1 31  GLU n 
1 32  ARG n 
1 33  VAL n 
1 34  TYR n 
1 35  VAL n 
1 36  GLU n 
1 37  GLY n 
1 38  HIS n 
1 39  GLY n 
1 40  TRP n 
1 41  ARG n 
1 42  ALA n 
1 43  ILE n 
1 44  GLU n 
1 45  ASP n 
1 46  LEU n 
1 47  TYR n 
1 48  ARG n 
1 49  VAL n 
1 50  GLY n 
1 51  GLU n 
1 52  GLU n 
1 53  LEU n 
1 54  VAL n 
1 55  VAL n 
1 56  HIS n 
1 57  LEU n 
1 58  ALA n 
1 59  GLY n 
1 60  VAL n 
1 61  THR n 
1 62  ASP n 
1 63  ARG n 
1 64  THR n 
1 65  LEU n 
1 66  ALA n 
1 67  GLU n 
1 68  ALA n 
1 69  LEU n 
1 70  VAL n 
1 71  GLY n 
1 72  LEU n 
1 73  ARG n 
1 74  VAL n 
1 75  TYR n 
1 76  ALA n 
1 77  GLU n 
1 78  VAL n 
1 79  ALA n 
1 80  ASP n 
1 81  LEU n 
1 82  PRO n 
1 83  PRO n 
1 84  LEU n 
1 85  GLU n 
1 86  GLU n 
1 87  GLY n 
1 88  ARG n 
1 89  TYR n 
1 90  TYR n 
1 91  TYR n 
1 92  PHE n 
1 93  ALA n 
1 94  LEU n 
1 95  ILE n 
1 96  GLY n 
1 97  LEU n 
1 98  PRO n 
1 99  VAL n 
1 100 TYR n 
1 101 VAL n 
1 102 GLU n 
1 103 GLY n 
1 104 ARG n 
1 105 GLN n 
1 106 VAL n 
1 107 GLY n 
1 108 GLU n 
1 109 VAL n 
1 110 VAL n 
1 111 ASP n 
1 112 ILE n 
1 113 LEU n 
1 114 ASP n 
1 115 ALA n 
1 116 GLY n 
1 117 ALA n 
1 118 GLN n 
1 119 ASP n 
1 120 VAL n 
1 121 LEU n 
1 122 ILE n 
1 123 ILE n 
1 124 ARG n 
1 125 GLY n 
1 126 VAL n 
1 127 GLY n 
1 128 GLU n 
1 129 ARG n 
1 130 LEU n 
1 131 ARG n 
1 132 ASP n 
1 133 ARG n 
1 134 ALA n 
1 135 GLU n 
1 136 ARG n 
1 137 LEU n 
1 138 VAL n 
1 139 PRO n 
1 140 LEU n 
1 141 GLN n 
1 142 ALA n 
1 143 PRO n 
1 144 TYR n 
1 145 VAL n 
1 146 ARG n 
1 147 VAL n 
1 148 GLU n 
1 149 GLU n 
1 150 GLY n 
1 151 SER n 
1 152 ILE n 
1 153 HIS n 
1 154 VAL n 
1 155 ASP n 
1 156 PRO n 
1 157 ILE n 
1 158 PRO n 
1 159 GLY n 
1 160 LEU n 
1 161 PHE n 
1 162 ASP n 
# 
_entity_src_gen.entity_id                          1 
_entity_src_gen.pdbx_src_id                        1 
_entity_src_gen.pdbx_alt_source_flag               sample 
_entity_src_gen.pdbx_seq_type                      ? 
_entity_src_gen.pdbx_beg_seq_num                   ? 
_entity_src_gen.pdbx_end_seq_num                   ? 
_entity_src_gen.gene_src_common_name               ? 
_entity_src_gen.gene_src_genus                     Thermus 
_entity_src_gen.pdbx_gene_src_gene                 TTHA1033 
_entity_src_gen.gene_src_species                   'Thermus thermophilus' 
_entity_src_gen.gene_src_strain                    HB8 
_entity_src_gen.gene_src_tissue                    ? 
_entity_src_gen.gene_src_tissue_fraction           ? 
_entity_src_gen.gene_src_details                   ? 
_entity_src_gen.pdbx_gene_src_fragment             ? 
_entity_src_gen.pdbx_gene_src_scientific_name      'Thermus thermophilus' 
_entity_src_gen.pdbx_gene_src_ncbi_taxonomy_id     300852 
_entity_src_gen.pdbx_gene_src_variant              ? 
_entity_src_gen.pdbx_gene_src_cell_line            ? 
_entity_src_gen.pdbx_gene_src_atcc                 ? 
_entity_src_gen.pdbx_gene_src_organ                ? 
_entity_src_gen.pdbx_gene_src_organelle            ? 
_entity_src_gen.pdbx_gene_src_cell                 ? 
_entity_src_gen.pdbx_gene_src_cellular_location    ? 
_entity_src_gen.host_org_common_name               ? 
_entity_src_gen.pdbx_host_org_scientific_name      'Escherichia coli BL21(DE3)' 
_entity_src_gen.pdbx_host_org_ncbi_taxonomy_id     469008 
_entity_src_gen.host_org_genus                     Escherichia 
_entity_src_gen.pdbx_host_org_gene                 ? 
_entity_src_gen.pdbx_host_org_organ                ? 
_entity_src_gen.host_org_species                   'Escherichia coli' 
_entity_src_gen.pdbx_host_org_tissue               ? 
_entity_src_gen.pdbx_host_org_tissue_fraction      ? 
_entity_src_gen.pdbx_host_org_strain               'BL21(DE3)' 
_entity_src_gen.pdbx_host_org_variant              ? 
_entity_src_gen.pdbx_host_org_cell_line            ? 
_entity_src_gen.pdbx_host_org_atcc                 ? 
_entity_src_gen.pdbx_host_org_culture_collection   ? 
_entity_src_gen.pdbx_host_org_cell                 ? 
_entity_src_gen.pdbx_host_org_organelle            ? 
_entity_src_gen.pdbx_host_org_cellular_location    ? 
_entity_src_gen.pdbx_host_org_vector_type          PLASMID 
_entity_src_gen.pdbx_host_org_vector               ? 
_entity_src_gen.host_org_details                   ? 
_entity_src_gen.expression_system_id               ? 
_entity_src_gen.plasmid_name                       pET11b 
_entity_src_gen.plasmid_details                    ? 
_entity_src_gen.pdbx_description                   ? 
# 
loop_
_chem_comp.id 
_chem_comp.type 
_chem_comp.mon_nstd_flag 
_chem_comp.name 
_chem_comp.pdbx_synonyms 
_chem_comp.formula 
_chem_comp.formula_weight 
ALA 'L-peptide linking' y ALANINE         ? 'C3 H7 N O2'     89.093  
ARG 'L-peptide linking' y ARGININE        ? 'C6 H15 N4 O2 1' 175.209 
ASP 'L-peptide linking' y 'ASPARTIC ACID' ? 'C4 H7 N O4'     133.103 
GLN 'L-peptide linking' y GLUTAMINE       ? 'C5 H10 N2 O3'   146.144 
GLU 'L-peptide linking' y 'GLUTAMIC ACID' ? 'C5 H9 N O4'     147.129 
GLY 'peptide linking'   y GLYCINE         ? 'C2 H5 N O2'     75.067  
HIS 'L-peptide linking' y HISTIDINE       ? 'C6 H10 N3 O2 1' 156.162 
HOH non-polymer         . WATER           ? 'H2 O'           18.015  
ILE 'L-peptide linking' y ISOLEUCINE      ? 'C6 H13 N O2'    131.173 
LEU 'L-peptide linking' y LEUCINE         ? 'C6 H13 N O2'    131.173 
LYS 'L-peptide linking' y LYSINE          ? 'C6 H15 N2 O2 1' 147.195 
MET 'L-peptide linking' y METHIONINE      ? 'C5 H11 N O2 S'  149.211 
PHE 'L-peptide linking' y PHENYLALANINE   ? 'C9 H11 N O2'    165.189 
PRO 'L-peptide linking' y PROLINE         ? 'C5 H9 N O2'     115.130 
SER 'L-peptide linking' y SERINE          ? 'C3 H7 N O3'     105.093 
THR 'L-peptide linking' y THREONINE       ? 'C4 H9 N O3'     119.119 
TRP 'L-peptide linking' y TRYPTOPHAN      ? 'C11 H12 N2 O2'  204.225 
TYR 'L-peptide linking' y TYROSINE        ? 'C9 H11 N O3'    181.189 
VAL 'L-peptide linking' y VALINE          ? 'C5 H11 N O2'    117.146 
# 
loop_
_pdbx_poly_seq_scheme.asym_id 
_pdbx_poly_seq_scheme.entity_id 
_pdbx_poly_seq_scheme.seq_id 
_pdbx_poly_seq_scheme.mon_id 
_pdbx_poly_seq_scheme.ndb_seq_num 
_pdbx_poly_seq_scheme.pdb_seq_num 
_pdbx_poly_seq_scheme.auth_seq_num 
_pdbx_poly_seq_scheme.pdb_mon_id 
_pdbx_poly_seq_scheme.auth_mon_id 
_pdbx_poly_seq_scheme.pdb_strand_id 
_pdbx_poly_seq_scheme.pdb_ins_code 
_pdbx_poly_seq_scheme.hetero 
A 1 1   MET 1   1   1   MET MET A . n 
A 1 2   ARG 2   2   2   ARG ARG A . n 
A 1 3   LEU 3   3   3   LEU LEU A . n 
A 1 4   VAL 4   4   4   VAL VAL A . n 
A 1 5   GLU 5   5   5   GLU GLU A . n 
A 1 6   ILE 6   6   6   ILE ILE A . n 
A 1 7   GLY 7   7   7   GLY GLY A . n 
A 1 8   ARG 8   8   8   ARG ARG A . n 
A 1 9   PHE 9   9   9   PHE PHE A . n 
A 1 10  GLY 10  10  10  GLY GLY A . n 
A 1 11  ALA 11  11  11  ALA ALA A . n 
A 1 12  PRO 12  12  12  PRO PRO A . n 
A 1 13  TYR 13  13  13  TYR TYR A . n 
A 1 14  ALA 14  14  14  ALA ALA A . n 
A 1 15  LEU 15  15  15  LEU LEU A . n 
A 1 16  LYS 16  16  16  LYS LYS A . n 
A 1 17  GLY 17  17  17  GLY GLY A . n 
A 1 18  GLY 18  18  18  GLY GLY A . n 
A 1 19  LEU 19  19  19  LEU LEU A . n 
A 1 20  ARG 20  20  20  ARG ARG A . n 
A 1 21  PHE 21  21  21  PHE PHE A . n 
A 1 22  ARG 22  22  22  ARG ARG A . n 
A 1 23  GLY 23  23  23  GLY GLY A . n 
A 1 24  GLU 24  24  24  GLU GLU A . n 
A 1 25  PRO 25  25  25  PRO PRO A . n 
A 1 26  VAL 26  26  26  VAL VAL A . n 
A 1 27  VAL 27  27  27  VAL VAL A . n 
A 1 28  LEU 28  28  28  LEU LEU A . n 
A 1 29  HIS 29  29  29  HIS HIS A . n 
A 1 30  LEU 30  30  30  LEU LEU A . n 
A 1 31  GLU 31  31  31  GLU GLU A . n 
A 1 32  ARG 32  32  32  ARG ARG A . n 
A 1 33  VAL 33  33  33  VAL VAL A . n 
A 1 34  TYR 34  34  34  TYR TYR A . n 
A 1 35  VAL 35  35  35  VAL VAL A . n 
A 1 36  GLU 36  36  36  GLU GLU A . n 
A 1 37  GLY 37  37  37  GLY GLY A . n 
A 1 38  HIS 38  38  38  HIS HIS A . n 
A 1 39  GLY 39  39  39  GLY GLY A . n 
A 1 40  TRP 40  40  40  TRP TRP A . n 
A 1 41  ARG 41  41  41  ARG ARG A . n 
A 1 42  ALA 42  42  42  ALA ALA A . n 
A 1 43  ILE 43  43  43  ILE ILE A . n 
A 1 44  GLU 44  44  44  GLU GLU A . n 
A 1 45  ASP 45  45  45  ASP ASP A . n 
A 1 46  LEU 46  46  46  LEU LEU A . n 
A 1 47  TYR 47  47  47  TYR TYR A . n 
A 1 48  ARG 48  48  48  ARG ARG A . n 
A 1 49  VAL 49  49  49  VAL VAL A . n 
A 1 50  GLY 50  50  50  GLY GLY A . n 
A 1 51  GLU 51  51  51  GLU GLU A . n 
A 1 52  GLU 52  52  52  GLU GLU A . n 
A 1 53  LEU 53  53  53  LEU LEU A . n 
A 1 54  VAL 54  54  54  VAL VAL A . n 
A 1 55  VAL 55  55  55  VAL VAL A . n 
A 1 56  HIS 56  56  56  HIS HIS A . n 
A 1 57  LEU 57  57  57  LEU LEU A . n 
A 1 58  ALA 58  58  58  ALA ALA A . n 
A 1 59  GLY 59  59  59  GLY GLY A . n 
A 1 60  VAL 60  60  60  VAL VAL A . n 
A 1 61  THR 61  61  61  THR THR A . n 
A 1 62  ASP 62  62  62  ASP ASP A . n 
A 1 63  ARG 63  63  63  ARG ARG A . n 
A 1 64  THR 64  64  64  THR THR A . n 
A 1 65  LEU 65  65  65  LEU LEU A . n 
A 1 66  ALA 66  66  66  ALA ALA A . n 
A 1 67  GLU 67  67  67  GLU GLU A . n 
A 1 68  ALA 68  68  68  ALA ALA A . n 
A 1 69  LEU 69  69  69  LEU LEU A . n 
A 1 70  VAL 70  70  70  VAL VAL A . n 
A 1 71  GLY 71  71  71  GLY GLY A . n 
A 1 72  LEU 72  72  72  LEU LEU A . n 
A 1 73  ARG 73  73  73  ARG ARG A . n 
A 1 74  VAL 74  74  74  VAL VAL A . n 
A 1 75  TYR 75  75  75  TYR TYR A . n 
A 1 76  ALA 76  76  76  ALA ALA A . n 
A 1 77  GLU 77  77  77  GLU GLU A . n 
A 1 78  VAL 78  78  78  VAL VAL A . n 
A 1 79  ALA 79  79  79  ALA ALA A . n 
A 1 80  ASP 80  80  80  ASP ASP A . n 
A 1 81  LEU 81  81  81  LEU LEU A . n 
A 1 82  PRO 82  82  82  PRO PRO A . n 
A 1 83  PRO 83  83  83  PRO PRO A . n 
A 1 84  LEU 84  84  84  LEU LEU A . n 
A 1 85  GLU 85  85  85  GLU GLU A . n 
A 1 86  GLU 86  86  86  GLU GLU A . n 
A 1 87  GLY 87  87  87  GLY GLY A . n 
A 1 88  ARG 88  88  88  ARG ARG A . n 
A 1 89  TYR 89  89  89  TYR TYR A . n 
A 1 90  TYR 90  90  90  TYR TYR A . n 
A 1 91  TYR 91  91  91  TYR TYR A . n 
A 1 92  PHE 92  92  92  PHE PHE A . n 
A 1 93  ALA 93  93  93  ALA ALA A . n 
A 1 94  LEU 94  94  94  LEU LEU A . n 
A 1 95  ILE 95  95  95  ILE ILE A . n 
A 1 96  GLY 96  96  96  GLY GLY A . n 
A 1 97  LEU 97  97  97  LEU LEU A . n 
A 1 98  PRO 98  98  98  PRO PRO A . n 
A 1 99  VAL 99  99  99  VAL VAL A . n 
A 1 100 TYR 100 100 100 TYR TYR A . n 
A 1 101 VAL 101 101 101 VAL VAL A . n 
A 1 102 GLU 102 102 102 GLU GLU A . n 
A 1 103 GLY 103 103 103 GLY GLY A . n 
A 1 104 ARG 104 104 104 ARG ARG A . n 
A 1 105 GLN 105 105 105 GLN GLN A . n 
A 1 106 VAL 106 106 106 VAL VAL A . n 
A 1 107 GLY 107 107 107 GLY GLY A . n 
A 1 108 GLU 108 108 108 GLU GLU A . n 
A 1 109 VAL 109 109 109 VAL VAL A . n 
A 1 110 VAL 110 110 110 VAL VAL A . n 
A 1 111 ASP 111 111 111 ASP ASP A . n 
A 1 112 ILE 112 112 112 ILE ILE A . n 
A 1 113 LEU 113 113 113 LEU LEU A . n 
A 1 114 ASP 114 114 114 ASP ASP A . n 
A 1 115 ALA 115 115 115 ALA ALA A . n 
A 1 116 GLY 116 116 116 GLY GLY A . n 
A 1 117 ALA 117 117 117 ALA ALA A . n 
A 1 118 GLN 118 118 118 GLN GLN A . n 
A 1 119 ASP 119 119 119 ASP ASP A . n 
A 1 120 VAL 120 120 120 VAL VAL A . n 
A 1 121 LEU 121 121 121 LEU LEU A . n 
A 1 122 ILE 122 122 122 ILE ILE A . n 
A 1 123 ILE 123 123 123 ILE ILE A . n 
A 1 124 ARG 124 124 124 ARG ARG A . n 
A 1 125 GLY 125 125 125 GLY GLY A . n 
A 1 126 VAL 126 126 126 VAL VAL A . n 
A 1 127 GLY 127 127 127 GLY GLY A . n 
A 1 128 GLU 128 128 128 GLU GLU A . n 
A 1 129 ARG 129 129 129 ARG ARG A . n 
A 1 130 LEU 130 130 130 LEU LEU A . n 
A 1 131 ARG 131 131 131 ARG ARG A . n 
A 1 132 ASP 132 132 132 ASP ASP A . n 
A 1 133 ARG 133 133 133 ARG ARG A . n 
A 1 134 ALA 134 134 134 ALA ALA A . n 
A 1 135 GLU 135 135 135 GLU GLU A . n 
A 1 136 ARG 136 136 136 ARG ARG A . n 
A 1 137 LEU 137 137 137 LEU LEU A . n 
A 1 138 VAL 138 138 138 VAL VAL A . n 
A 1 139 PRO 139 139 139 PRO PRO A . n 
A 1 140 LEU 140 140 140 LEU LEU A . n 
A 1 141 GLN 141 141 141 GLN GLN A . n 
A 1 142 ALA 142 142 142 ALA ALA A . n 
A 1 143 PRO 143 143 143 PRO PRO A . n 
A 1 144 TYR 144 144 144 TYR TYR A . n 
A 1 145 VAL 145 145 145 VAL VAL A . n 
A 1 146 ARG 146 146 146 ARG ARG A . n 
A 1 147 VAL 147 147 147 VAL VAL A . n 
A 1 148 GLU 148 148 148 GLU GLU A . n 
A 1 149 GLU 149 149 149 GLU GLU A . n 
A 1 150 GLY 150 150 150 GLY GLY A . n 
A 1 151 SER 151 151 151 SER SER A . n 
A 1 152 ILE 152 152 152 ILE ILE A . n 
A 1 153 HIS 153 153 153 HIS HIS A . n 
A 1 154 VAL 154 154 154 VAL VAL A . n 
A 1 155 ASP 155 155 155 ASP ASP A . n 
A 1 156 PRO 156 156 156 PRO PRO A . n 
A 1 157 ILE 157 157 157 ILE ILE A . n 
A 1 158 PRO 158 158 158 PRO PRO A . n 
A 1 159 GLY 159 159 159 GLY GLY A . n 
A 1 160 LEU 160 160 160 LEU LEU A . n 
A 1 161 PHE 161 161 161 PHE PHE A . n 
A 1 162 ASP 162 162 162 ASP ASP A . n 
# 
loop_
_pdbx_nonpoly_scheme.asym_id 
_pdbx_nonpoly_scheme.entity_id 
_pdbx_nonpoly_scheme.mon_id 
_pdbx_nonpoly_scheme.ndb_seq_num 
_pdbx_nonpoly_scheme.pdb_seq_num 
_pdbx_nonpoly_scheme.auth_seq_num 
_pdbx_nonpoly_scheme.pdb_mon_id 
_pdbx_nonpoly_scheme.auth_mon_id 
_pdbx_nonpoly_scheme.pdb_strand_id 
_pdbx_nonpoly_scheme.pdb_ins_code 
B 2 HOH 1   201 201 HOH HOH A . 
B 2 HOH 2   202 202 HOH HOH A . 
B 2 HOH 3   203 203 HOH HOH A . 
B 2 HOH 4   204 204 HOH HOH A . 
B 2 HOH 5   205 205 HOH HOH A . 
B 2 HOH 6   206 206 HOH HOH A . 
B 2 HOH 7   207 207 HOH HOH A . 
B 2 HOH 8   208 208 HOH HOH A . 
B 2 HOH 9   209 209 HOH HOH A . 
B 2 HOH 10  210 210 HOH HOH A . 
B 2 HOH 11  211 211 HOH HOH A . 
B 2 HOH 12  212 212 HOH HOH A . 
B 2 HOH 13  213 213 HOH HOH A . 
B 2 HOH 14  214 214 HOH HOH A . 
B 2 HOH 15  215 215 HOH HOH A . 
B 2 HOH 16  216 216 HOH HOH A . 
B 2 HOH 17  217 217 HOH HOH A . 
B 2 HOH 18  218 218 HOH HOH A . 
B 2 HOH 19  219 219 HOH HOH A . 
B 2 HOH 20  220 220 HOH HOH A . 
B 2 HOH 21  221 221 HOH HOH A . 
B 2 HOH 22  222 222 HOH HOH A . 
B 2 HOH 23  223 223 HOH HOH A . 
B 2 HOH 24  224 224 HOH HOH A . 
B 2 HOH 25  225 225 HOH HOH A . 
B 2 HOH 26  226 226 HOH HOH A . 
B 2 HOH 27  227 227 HOH HOH A . 
B 2 HOH 28  228 228 HOH HOH A . 
B 2 HOH 29  229 229 HOH HOH A . 
B 2 HOH 30  230 230 HOH HOH A . 
B 2 HOH 31  231 231 HOH HOH A . 
B 2 HOH 32  232 232 HOH HOH A . 
B 2 HOH 33  233 233 HOH HOH A . 
B 2 HOH 34  234 234 HOH HOH A . 
B 2 HOH 35  235 235 HOH HOH A . 
B 2 HOH 36  236 236 HOH HOH A . 
B 2 HOH 37  237 237 HOH HOH A . 
B 2 HOH 38  238 238 HOH HOH A . 
B 2 HOH 39  239 239 HOH HOH A . 
B 2 HOH 40  240 240 HOH HOH A . 
B 2 HOH 41  241 241 HOH HOH A . 
B 2 HOH 42  242 242 HOH HOH A . 
B 2 HOH 43  243 243 HOH HOH A . 
B 2 HOH 44  244 244 HOH HOH A . 
B 2 HOH 45  245 245 HOH HOH A . 
B 2 HOH 46  246 246 HOH HOH A . 
B 2 HOH 47  247 247 HOH HOH A . 
B 2 HOH 48  248 248 HOH HOH A . 
B 2 HOH 49  249 249 HOH HOH A . 
B 2 HOH 50  250 250 HOH HOH A . 
B 2 HOH 51  251 251 HOH HOH A . 
B 2 HOH 52  252 252 HOH HOH A . 
B 2 HOH 53  253 253 HOH HOH A . 
B 2 HOH 54  254 254 HOH HOH A . 
B 2 HOH 55  255 255 HOH HOH A . 
B 2 HOH 56  256 256 HOH HOH A . 
B 2 HOH 57  257 257 HOH HOH A . 
B 2 HOH 58  258 258 HOH HOH A . 
B 2 HOH 59  259 259 HOH HOH A . 
B 2 HOH 60  260 260 HOH HOH A . 
B 2 HOH 61  261 261 HOH HOH A . 
B 2 HOH 62  262 262 HOH HOH A . 
B 2 HOH 63  263 263 HOH HOH A . 
B 2 HOH 64  264 264 HOH HOH A . 
B 2 HOH 65  265 265 HOH HOH A . 
B 2 HOH 66  266 266 HOH HOH A . 
B 2 HOH 67  267 267 HOH HOH A . 
B 2 HOH 68  268 268 HOH HOH A . 
B 2 HOH 69  269 269 HOH HOH A . 
B 2 HOH 70  270 270 HOH HOH A . 
B 2 HOH 71  271 271 HOH HOH A . 
B 2 HOH 72  272 272 HOH HOH A . 
B 2 HOH 73  273 273 HOH HOH A . 
B 2 HOH 74  274 274 HOH HOH A . 
B 2 HOH 75  275 275 HOH HOH A . 
B 2 HOH 76  276 276 HOH HOH A . 
B 2 HOH 77  277 277 HOH HOH A . 
B 2 HOH 78  278 278 HOH HOH A . 
B 2 HOH 79  279 279 HOH HOH A . 
B 2 HOH 80  280 280 HOH HOH A . 
B 2 HOH 81  281 281 HOH HOH A . 
B 2 HOH 82  282 282 HOH HOH A . 
B 2 HOH 83  283 283 HOH HOH A . 
B 2 HOH 84  284 284 HOH HOH A . 
B 2 HOH 85  285 285 HOH HOH A . 
B 2 HOH 86  286 286 HOH HOH A . 
B 2 HOH 87  287 287 HOH HOH A . 
B 2 HOH 88  288 288 HOH HOH A . 
B 2 HOH 89  289 289 HOH HOH A . 
B 2 HOH 90  290 290 HOH HOH A . 
B 2 HOH 91  291 291 HOH HOH A . 
B 2 HOH 92  292 292 HOH HOH A . 
B 2 HOH 93  293 293 HOH HOH A . 
B 2 HOH 94  294 294 HOH HOH A . 
B 2 HOH 95  295 295 HOH HOH A . 
B 2 HOH 96  296 296 HOH HOH A . 
B 2 HOH 97  297 297 HOH HOH A . 
B 2 HOH 98  298 298 HOH HOH A . 
B 2 HOH 99  299 299 HOH HOH A . 
B 2 HOH 100 300 300 HOH HOH A . 
B 2 HOH 101 301 301 HOH HOH A . 
B 2 HOH 102 302 302 HOH HOH A . 
B 2 HOH 103 303 303 HOH HOH A . 
B 2 HOH 104 304 304 HOH HOH A . 
B 2 HOH 105 305 305 HOH HOH A . 
B 2 HOH 106 306 306 HOH HOH A . 
B 2 HOH 107 307 307 HOH HOH A . 
B 2 HOH 108 308 308 HOH HOH A . 
B 2 HOH 109 309 309 HOH HOH A . 
B 2 HOH 110 310 310 HOH HOH A . 
B 2 HOH 111 311 311 HOH HOH A . 
B 2 HOH 112 312 312 HOH HOH A . 
B 2 HOH 113 313 313 HOH HOH A . 
B 2 HOH 114 314 314 HOH HOH A . 
B 2 HOH 115 315 315 HOH HOH A . 
B 2 HOH 116 316 316 HOH HOH A . 
B 2 HOH 117 317 317 HOH HOH A . 
B 2 HOH 118 318 318 HOH HOH A . 
B 2 HOH 119 319 319 HOH HOH A . 
B 2 HOH 120 320 320 HOH HOH A . 
B 2 HOH 121 321 321 HOH HOH A . 
B 2 HOH 122 322 322 HOH HOH A . 
B 2 HOH 123 323 323 HOH HOH A . 
B 2 HOH 124 324 324 HOH HOH A . 
B 2 HOH 125 325 325 HOH HOH A . 
B 2 HOH 126 326 326 HOH HOH A . 
B 2 HOH 127 327 327 HOH HOH A . 
B 2 HOH 128 328 328 HOH HOH A . 
B 2 HOH 129 329 329 HOH HOH A . 
B 2 HOH 130 330 330 HOH HOH A . 
B 2 HOH 131 331 331 HOH HOH A . 
B 2 HOH 132 332 332 HOH HOH A . 
B 2 HOH 133 333 333 HOH HOH A . 
B 2 HOH 134 334 334 HOH HOH A . 
B 2 HOH 135 335 335 HOH HOH A . 
B 2 HOH 136 336 336 HOH HOH A . 
B 2 HOH 137 337 337 HOH HOH A . 
# 
loop_
_software.name 
_software.classification 
_software.version 
_software.citation_id 
_software.pdbx_ordinal 
CNS      refinement        1.1 ? 1 
HKL-2000 'data collection' .   ? 2 
DENZO    'data reduction'  .   ? 3 
HKL-2000 'data scaling'    .   ? 4 
PHASER   phasing           .   ? 5 
# 
_cell.entry_id           2DYI 
_cell.length_a           51.328 
_cell.length_b           53.103 
_cell.length_c           70.437 
_cell.angle_alpha        90.00 
_cell.angle_beta         90.00 
_cell.angle_gamma        90.00 
_cell.Z_PDB              4 
_cell.pdbx_unique_axis   ? 
_cell.length_a_esd       ? 
_cell.length_b_esd       ? 
_cell.length_c_esd       ? 
_cell.angle_alpha_esd    ? 
_cell.angle_beta_esd     ? 
_cell.angle_gamma_esd    ? 
# 
_symmetry.entry_id                         2DYI 
_symmetry.space_group_name_H-M             'P 21 21 21' 
_symmetry.pdbx_full_space_group_name_H-M   ? 
_symmetry.cell_setting                     ? 
_symmetry.Int_Tables_number                19 
_symmetry.space_group_name_Hall            ? 
# 
_exptl.entry_id          2DYI 
_exptl.method            'X-RAY DIFFRACTION' 
_exptl.crystals_number   1 
# 
_exptl_crystal.id                    1 
_exptl_crystal.density_meas          ? 
_exptl_crystal.density_Matthews      2.65 
_exptl_crystal.density_percent_sol   53.61 
_exptl_crystal.description           ? 
_exptl_crystal.F_000                 ? 
_exptl_crystal.preparation           ? 
# 
_exptl_crystal_grow.crystal_id      1 
_exptl_crystal_grow.method          'VAPOR DIFFUSION, SITTING DROP' 
_exptl_crystal_grow.temp            293 
_exptl_crystal_grow.temp_details    ? 
_exptl_crystal_grow.pH              7.6 
_exptl_crystal_grow.pdbx_details    
'25mM Tris-HCl, 0.025% w/v Polyethylene glycol 6000, 0.5M Lithium sulfate, pH 7.6, VAPOR DIFFUSION, SITTING DROP, temperature 293K' 
_exptl_crystal_grow.pdbx_pH_range   . 
# 
_diffrn.id                     1 
_diffrn.ambient_temp           90 
_diffrn.ambient_temp_details   ? 
_diffrn.crystal_id             1 
# 
_diffrn_detector.diffrn_id              1 
_diffrn_detector.detector               CCD 
_diffrn_detector.type                   'ADSC QUANTUM 210' 
_diffrn_detector.pdbx_collection_date   2005-04-15 
_diffrn_detector.details                mirrors 
# 
_diffrn_radiation.diffrn_id                        1 
_diffrn_radiation.wavelength_id                    1 
_diffrn_radiation.pdbx_monochromatic_or_laue_m_l   M 
_diffrn_radiation.monochromator                    'Si 111 CHANNEL' 
_diffrn_radiation.pdbx_diffrn_protocol             'SINGLE WAVELENGTH' 
_diffrn_radiation.pdbx_scattering_type             x-ray 
# 
_diffrn_radiation_wavelength.id           1 
_diffrn_radiation_wavelength.wavelength   1.0000 
_diffrn_radiation_wavelength.wt           1.0 
# 
_diffrn_source.diffrn_id                   1 
_diffrn_source.source                      SYNCHROTRON 
_diffrn_source.type                        'PHOTON FACTORY BEAMLINE AR-NW12A' 
_diffrn_source.pdbx_synchrotron_site       'Photon Factory' 
_diffrn_source.pdbx_synchrotron_beamline   AR-NW12A 
_diffrn_source.pdbx_wavelength             ? 
_diffrn_source.pdbx_wavelength_list        1.0000 
# 
_reflns.entry_id                     2DYI 
_reflns.observed_criterion_sigma_I   -3 
_reflns.observed_criterion_sigma_F   ? 
_reflns.d_resolution_low             42.40 
_reflns.d_resolution_high            2.00 
_reflns.number_obs                   13576 
_reflns.number_all                   ? 
_reflns.percent_possible_obs         100.0 
_reflns.pdbx_Rmerge_I_obs            ? 
_reflns.pdbx_Rsym_value              0.083 
_reflns.pdbx_netI_over_sigmaI        23.8 
_reflns.B_iso_Wilson_estimate        6.9 
_reflns.pdbx_redundancy              7.17 
_reflns.R_free_details               ? 
_reflns.limit_h_max                  ? 
_reflns.limit_h_min                  ? 
_reflns.limit_k_max                  ? 
_reflns.limit_k_min                  ? 
_reflns.limit_l_max                  ? 
_reflns.limit_l_min                  ? 
_reflns.observed_criterion_F_max     ? 
_reflns.observed_criterion_F_min     ? 
_reflns.pdbx_chi_squared             ? 
_reflns.pdbx_scaling_rejects         ? 
_reflns.pdbx_ordinal                 1 
_reflns.pdbx_diffrn_id               1 
# 
_reflns_shell.d_res_high             2.00 
_reflns_shell.d_res_low              2.07 
_reflns_shell.percent_possible_all   100.0 
_reflns_shell.Rmerge_I_obs           ? 
_reflns_shell.pdbx_Rsym_value        0.314 
_reflns_shell.meanI_over_sigI_obs    6.93 
_reflns_shell.pdbx_redundancy        7.3 
_reflns_shell.percent_possible_obs   ? 
_reflns_shell.number_unique_all      1316 
_reflns_shell.number_measured_all    ? 
_reflns_shell.number_measured_obs    ? 
_reflns_shell.number_unique_obs      ? 
_reflns_shell.pdbx_chi_squared       ? 
_reflns_shell.pdbx_ordinal           1 
_reflns_shell.pdbx_diffrn_id         1 
# 
_refine.entry_id                                 2DYI 
_refine.ls_number_reflns_obs                     13529 
_refine.ls_number_reflns_all                     ? 
_refine.pdbx_ls_sigma_I                          ? 
_refine.pdbx_ls_sigma_F                          0.0 
_refine.pdbx_data_cutoff_high_absF               1166587.98 
_refine.pdbx_data_cutoff_low_absF                0.000000 
_refine.pdbx_data_cutoff_high_rms_absF           ? 
_refine.ls_d_res_low                             42.4 
_refine.ls_d_res_high                            2.00 
_refine.ls_percent_reflns_obs                    99.9 
_refine.ls_R_factor_obs                          0.192 
_refine.ls_R_factor_all                          ? 
_refine.ls_R_factor_R_work                       0.192 
_refine.ls_R_factor_R_free                       0.256 
_refine.ls_R_factor_R_free_error                 0.010 
_refine.ls_R_factor_R_free_error_details         ? 
_refine.ls_percent_reflns_R_free                 4.8 
_refine.ls_number_reflns_R_free                  654 
_refine.ls_number_parameters                     ? 
_refine.ls_number_restraints                     ? 
_refine.occupancy_min                            ? 
_refine.occupancy_max                            ? 
_refine.correlation_coeff_Fo_to_Fc               ? 
_refine.correlation_coeff_Fo_to_Fc_free          ? 
_refine.B_iso_mean                               23.3 
_refine.aniso_B[1][1]                            -3.28 
_refine.aniso_B[2][2]                            4.27 
_refine.aniso_B[3][3]                            -0.99 
_refine.aniso_B[1][2]                            0.00 
_refine.aniso_B[1][3]                            0.00 
_refine.aniso_B[2][3]                            0.00 
_refine.solvent_model_details                    'FLAT MODEL' 
_refine.solvent_model_param_ksol                 0.374585 
_refine.solvent_model_param_bsol                 45.9156 
_refine.pdbx_solvent_vdw_probe_radii             ? 
_refine.pdbx_solvent_ion_probe_radii             ? 
_refine.pdbx_solvent_shrinkage_radii             ? 
_refine.pdbx_ls_cross_valid_method               THROUGHOUT 
_refine.details                                  ? 
_refine.pdbx_starting_model                      'Preliminary assigned NMR model' 
_refine.pdbx_method_to_determine_struct          'MOLECULAR REPLACEMENT' 
_refine.pdbx_isotropic_thermal_model             RESTRAINED 
_refine.pdbx_stereochemistry_target_values       ? 
_refine.pdbx_stereochem_target_val_spec_case     ? 
_refine.pdbx_R_Free_selection_details            RANDOM 
_refine.pdbx_overall_ESU_R                       ? 
_refine.pdbx_overall_ESU_R_Free                  ? 
_refine.overall_SU_ML                            ? 
_refine.overall_SU_B                             ? 
_refine.ls_redundancy_reflns_obs                 ? 
_refine.B_iso_min                                ? 
_refine.B_iso_max                                ? 
_refine.overall_SU_R_Cruickshank_DPI             ? 
_refine.overall_SU_R_free                        ? 
_refine.ls_wR_factor_R_free                      ? 
_refine.ls_wR_factor_R_work                      ? 
_refine.overall_FOM_free_R_set                   ? 
_refine.overall_FOM_work_R_set                   ? 
_refine.pdbx_refine_id                           'X-RAY DIFFRACTION' 
_refine.pdbx_diffrn_id                           1 
_refine.pdbx_TLS_residual_ADP_flag               ? 
_refine.pdbx_overall_phase_error                 ? 
_refine.pdbx_overall_SU_R_free_Cruickshank_DPI   ? 
_refine.pdbx_overall_SU_R_Blow_DPI               ? 
_refine.pdbx_overall_SU_R_free_Blow_DPI          ? 
# 
_refine_analyze.entry_id                        2DYI 
_refine_analyze.Luzzati_coordinate_error_obs    0.21 
_refine_analyze.Luzzati_sigma_a_obs             0.06 
_refine_analyze.Luzzati_d_res_low_obs           5.00 
_refine_analyze.Luzzati_coordinate_error_free   0.30 
_refine_analyze.Luzzati_sigma_a_free            0.15 
_refine_analyze.Luzzati_d_res_low_free          ? 
_refine_analyze.number_disordered_residues      ? 
_refine_analyze.occupancy_sum_hydrogen          ? 
_refine_analyze.occupancy_sum_non_hydrogen      ? 
_refine_analyze.pdbx_Luzzati_d_res_high_obs     ? 
_refine_analyze.pdbx_refine_id                  'X-RAY DIFFRACTION' 
# 
_refine_hist.pdbx_refine_id                   'X-RAY DIFFRACTION' 
_refine_hist.cycle_id                         LAST 
_refine_hist.pdbx_number_atoms_protein        1280 
_refine_hist.pdbx_number_atoms_nucleic_acid   0 
_refine_hist.pdbx_number_atoms_ligand         0 
_refine_hist.number_atoms_solvent             137 
_refine_hist.number_atoms_total               1417 
_refine_hist.d_res_high                       2.00 
_refine_hist.d_res_low                        42.4 
# 
loop_
_refine_ls_restr.type 
_refine_ls_restr.dev_ideal 
_refine_ls_restr.dev_ideal_target 
_refine_ls_restr.weight 
_refine_ls_restr.number 
_refine_ls_restr.pdbx_refine_id 
_refine_ls_restr.pdbx_restraint_function 
c_bond_d                0.022 ?    ? ? 'X-RAY DIFFRACTION' ? 
c_bond_d_na             ?     ?    ? ? 'X-RAY DIFFRACTION' ? 
c_bond_d_prot           ?     ?    ? ? 'X-RAY DIFFRACTION' ? 
c_angle_d               ?     ?    ? ? 'X-RAY DIFFRACTION' ? 
c_angle_d_na            ?     ?    ? ? 'X-RAY DIFFRACTION' ? 
c_angle_d_prot          ?     ?    ? ? 'X-RAY DIFFRACTION' ? 
c_angle_deg             2.0   ?    ? ? 'X-RAY DIFFRACTION' ? 
c_angle_deg_na          ?     ?    ? ? 'X-RAY DIFFRACTION' ? 
c_angle_deg_prot        ?     ?    ? ? 'X-RAY DIFFRACTION' ? 
c_dihedral_angle_d      26.6  ?    ? ? 'X-RAY DIFFRACTION' ? 
c_dihedral_angle_d_na   ?     ?    ? ? 'X-RAY DIFFRACTION' ? 
c_dihedral_angle_d_prot ?     ?    ? ? 'X-RAY DIFFRACTION' ? 
c_improper_angle_d      1.28  ?    ? ? 'X-RAY DIFFRACTION' ? 
c_improper_angle_d_na   ?     ?    ? ? 'X-RAY DIFFRACTION' ? 
c_improper_angle_d_prot ?     ?    ? ? 'X-RAY DIFFRACTION' ? 
c_mcbond_it             2.09  1.50 ? ? 'X-RAY DIFFRACTION' ? 
c_mcangle_it            2.77  2.00 ? ? 'X-RAY DIFFRACTION' ? 
c_scbond_it             3.45  2.00 ? ? 'X-RAY DIFFRACTION' ? 
c_scangle_it            5.03  2.50 ? ? 'X-RAY DIFFRACTION' ? 
# 
_refine_ls_shell.pdbx_total_number_of_bins_used   6 
_refine_ls_shell.d_res_high                       2.00 
_refine_ls_shell.d_res_low                        2.13 
_refine_ls_shell.number_reflns_R_work             2102 
_refine_ls_shell.R_factor_R_work                  0.194 
_refine_ls_shell.percent_reflns_obs               100.0 
_refine_ls_shell.R_factor_R_free                  0.265 
_refine_ls_shell.R_factor_R_free_error            0.026 
_refine_ls_shell.percent_reflns_R_free            4.8 
_refine_ls_shell.number_reflns_R_free             106 
_refine_ls_shell.number_reflns_all                ? 
_refine_ls_shell.R_factor_all                     ? 
_refine_ls_shell.number_reflns_obs                ? 
_refine_ls_shell.redundancy_reflns_obs            ? 
_refine_ls_shell.pdbx_refine_id                   'X-RAY DIFFRACTION' 
# 
loop_
_pdbx_xplor_file.serial_no 
_pdbx_xplor_file.param_file 
_pdbx_xplor_file.topol_file 
_pdbx_xplor_file.pdbx_refine_id 
1 protein_rep.param protein.top 'X-RAY DIFFRACTION' 
2 water_rep.param   water.top   'X-RAY DIFFRACTION' 
# 
_struct.entry_id                  2DYI 
_struct.title                     'Crystal structure of 16S ribosomal RNA processing protein RimM from Thermus thermophilus HB8' 
_struct.pdbx_model_details        ? 
_struct.pdbx_CASP_flag            ? 
_struct.pdbx_model_type_details   ? 
# 
_struct_keywords.entry_id        2DYI 
_struct_keywords.pdbx_keywords   RIBOSOME 
_struct_keywords.text            
;ribosomal protein S19, 16S rRNA processing, PRC-barrel, Structural Genomics, NPPSFA, National Project on Protein Structural and Functional Analyses, RIKEN Structural Genomics/Proteomics Initiative, RSGI, RIBOSOME
;
# 
loop_
_struct_asym.id 
_struct_asym.pdbx_blank_PDB_chainid_flag 
_struct_asym.pdbx_modified 
_struct_asym.entity_id 
_struct_asym.details 
A N N 1 ? 
B N N 2 ? 
# 
_struct_ref.id                         1 
_struct_ref.db_name                    UNP 
_struct_ref.db_code                    RIMM_THET8 
_struct_ref.pdbx_db_accession          Q5SJH5 
_struct_ref.entity_id                  1 
_struct_ref.pdbx_seq_one_letter_code   
;MRLVEIGRFGAPYALKGGLRFRGEPVVLHLERVYVEGHGWRAIEDLYRVGEELVVHLAGVTDRTLAEALVGLRVYAEVAD
LPPLEEGRYYYFALIGLPVYVEGRQVGEVVDILDAGAQDVLIIRGVGERLRDRAERLVPLQAPYVRVEEGSIHVDPIPGL
FD
;
_struct_ref.pdbx_align_begin           1 
_struct_ref.pdbx_db_isoform            ? 
# 
_struct_ref_seq.align_id                      1 
_struct_ref_seq.ref_id                        1 
_struct_ref_seq.pdbx_PDB_id_code              2DYI 
_struct_ref_seq.pdbx_strand_id                A 
_struct_ref_seq.seq_align_beg                 1 
_struct_ref_seq.pdbx_seq_align_beg_ins_code   ? 
_struct_ref_seq.seq_align_end                 162 
_struct_ref_seq.pdbx_seq_align_end_ins_code   ? 
_struct_ref_seq.pdbx_db_accession             Q5SJH5 
_struct_ref_seq.db_align_beg                  1 
_struct_ref_seq.pdbx_db_align_beg_ins_code    ? 
_struct_ref_seq.db_align_end                  162 
_struct_ref_seq.pdbx_db_align_end_ins_code    ? 
_struct_ref_seq.pdbx_auth_seq_align_beg       1 
_struct_ref_seq.pdbx_auth_seq_align_end       162 
# 
_pdbx_struct_assembly.id                   1 
_pdbx_struct_assembly.details              author_defined_assembly 
_pdbx_struct_assembly.method_details       ? 
_pdbx_struct_assembly.oligomeric_details   monomeric 
_pdbx_struct_assembly.oligomeric_count     1 
# 
_pdbx_struct_assembly_gen.assembly_id       1 
_pdbx_struct_assembly_gen.oper_expression   1 
_pdbx_struct_assembly_gen.asym_id_list      A,B 
# 
_pdbx_struct_oper_list.id                   1 
_pdbx_struct_oper_list.type                 'identity operation' 
_pdbx_struct_oper_list.name                 1_555 
_pdbx_struct_oper_list.symmetry_operation   x,y,z 
_pdbx_struct_oper_list.matrix[1][1]         1.0000000000 
_pdbx_struct_oper_list.matrix[1][2]         0.0000000000 
_pdbx_struct_oper_list.matrix[1][3]         0.0000000000 
_pdbx_struct_oper_list.vector[1]            0.0000000000 
_pdbx_struct_oper_list.matrix[2][1]         0.0000000000 
_pdbx_struct_oper_list.matrix[2][2]         1.0000000000 
_pdbx_struct_oper_list.matrix[2][3]         0.0000000000 
_pdbx_struct_oper_list.vector[2]            0.0000000000 
_pdbx_struct_oper_list.matrix[3][1]         0.0000000000 
_pdbx_struct_oper_list.matrix[3][2]         0.0000000000 
_pdbx_struct_oper_list.matrix[3][3]         1.0000000000 
_pdbx_struct_oper_list.vector[3]            0.0000000000 
# 
_struct_biol.id   1 
# 
loop_
_struct_conf.conf_type_id 
_struct_conf.id 
_struct_conf.pdbx_PDB_helix_id 
_struct_conf.beg_label_comp_id 
_struct_conf.beg_label_asym_id 
_struct_conf.beg_label_seq_id 
_struct_conf.pdbx_beg_PDB_ins_code 
_struct_conf.end_label_comp_id 
_struct_conf.end_label_asym_id 
_struct_conf.end_label_seq_id 
_struct_conf.pdbx_end_PDB_ins_code 
_struct_conf.beg_auth_comp_id 
_struct_conf.beg_auth_asym_id 
_struct_conf.beg_auth_seq_id 
_struct_conf.end_auth_comp_id 
_struct_conf.end_auth_asym_id 
_struct_conf.end_auth_seq_id 
_struct_conf.pdbx_PDB_helix_class 
_struct_conf.details 
_struct_conf.pdbx_PDB_helix_length 
HELX_P HELX_P1 1 PRO A 25  ? LEU A 30  ? PRO A 25  LEU A 30  5 ? 6 
HELX_P HELX_P2 2 ASP A 62  ? ALA A 68  ? ASP A 62  ALA A 68  1 ? 7 
HELX_P HELX_P3 3 ALA A 79  ? LEU A 81  ? ALA A 79  LEU A 81  5 ? 3 
HELX_P HELX_P4 4 TYR A 90  ? ILE A 95  ? TYR A 90  ILE A 95  1 ? 6 
HELX_P HELX_P5 5 ARG A 129 ? ARG A 133 ? ARG A 129 ARG A 133 5 ? 5 
# 
_struct_conf_type.id          HELX_P 
_struct_conf_type.criteria    ? 
_struct_conf_type.reference   ? 
# 
loop_
_struct_sheet.id 
_struct_sheet.type 
_struct_sheet.number_strands 
_struct_sheet.details 
A ? 7 ? 
B ? 6 ? 
# 
loop_
_struct_sheet_order.sheet_id 
_struct_sheet_order.range_id_1 
_struct_sheet_order.range_id_2 
_struct_sheet_order.offset 
_struct_sheet_order.sense 
A 1 2 ? anti-parallel 
A 2 3 ? anti-parallel 
A 3 4 ? anti-parallel 
A 4 5 ? anti-parallel 
A 5 6 ? anti-parallel 
A 6 7 ? anti-parallel 
B 1 2 ? anti-parallel 
B 2 3 ? anti-parallel 
B 3 4 ? anti-parallel 
B 4 5 ? parallel      
B 5 6 ? anti-parallel 
# 
loop_
_struct_sheet_range.sheet_id 
_struct_sheet_range.id 
_struct_sheet_range.beg_label_comp_id 
_struct_sheet_range.beg_label_asym_id 
_struct_sheet_range.beg_label_seq_id 
_struct_sheet_range.pdbx_beg_PDB_ins_code 
_struct_sheet_range.end_label_comp_id 
_struct_sheet_range.end_label_asym_id 
_struct_sheet_range.end_label_seq_id 
_struct_sheet_range.pdbx_end_PDB_ins_code 
_struct_sheet_range.beg_auth_comp_id 
_struct_sheet_range.beg_auth_asym_id 
_struct_sheet_range.beg_auth_seq_id 
_struct_sheet_range.end_auth_comp_id 
_struct_sheet_range.end_auth_asym_id 
_struct_sheet_range.end_auth_seq_id 
A 1 LEU A 3   ? PRO A 12  ? LEU A 3   PRO A 12  
A 2 LEU A 19  ? GLY A 23  ? LEU A 19  GLY A 23  
A 3 GLU A 52  ? LEU A 57  ? GLU A 52  LEU A 57  
A 4 GLY A 39  ? VAL A 49  ? GLY A 39  VAL A 49  
A 5 ARG A 32  ? VAL A 35  ? ARG A 32  VAL A 35  
A 6 ARG A 73  ? GLU A 77  ? ARG A 73  GLU A 77  
A 7 LEU A 3   ? PRO A 12  ? LEU A 3   PRO A 12  
B 1 ARG A 136 ? PRO A 139 ? ARG A 136 PRO A 139 
B 2 GLN A 118 ? GLY A 125 ? GLN A 118 GLY A 125 
B 3 ARG A 104 ? ALA A 115 ? ARG A 104 ALA A 115 
B 4 PRO A 98  ? VAL A 101 ? PRO A 98  VAL A 101 
B 5 ILE A 152 ? VAL A 154 ? ILE A 152 VAL A 154 
B 6 VAL A 145 ? VAL A 147 ? VAL A 145 VAL A 147 
# 
loop_
_pdbx_struct_sheet_hbond.sheet_id 
_pdbx_struct_sheet_hbond.range_id_1 
_pdbx_struct_sheet_hbond.range_id_2 
_pdbx_struct_sheet_hbond.range_1_label_atom_id 
_pdbx_struct_sheet_hbond.range_1_label_comp_id 
_pdbx_struct_sheet_hbond.range_1_label_asym_id 
_pdbx_struct_sheet_hbond.range_1_label_seq_id 
_pdbx_struct_sheet_hbond.range_1_PDB_ins_code 
_pdbx_struct_sheet_hbond.range_1_auth_atom_id 
_pdbx_struct_sheet_hbond.range_1_auth_comp_id 
_pdbx_struct_sheet_hbond.range_1_auth_asym_id 
_pdbx_struct_sheet_hbond.range_1_auth_seq_id 
_pdbx_struct_sheet_hbond.range_2_label_atom_id 
_pdbx_struct_sheet_hbond.range_2_label_comp_id 
_pdbx_struct_sheet_hbond.range_2_label_asym_id 
_pdbx_struct_sheet_hbond.range_2_label_seq_id 
_pdbx_struct_sheet_hbond.range_2_PDB_ins_code 
_pdbx_struct_sheet_hbond.range_2_auth_atom_id 
_pdbx_struct_sheet_hbond.range_2_auth_comp_id 
_pdbx_struct_sheet_hbond.range_2_auth_asym_id 
_pdbx_struct_sheet_hbond.range_2_auth_seq_id 
A 1 2 N ARG A 8   ? N ARG A 8   O ARG A 22  ? O ARG A 22  
A 2 3 N LEU A 19  ? N LEU A 19  O VAL A 55  ? O VAL A 55  
A 3 4 O HIS A 56  ? O HIS A 56  N ASP A 45  ? N ASP A 45  
A 4 5 O GLY A 39  ? O GLY A 39  N VAL A 35  ? N VAL A 35  
A 5 6 N TYR A 34  ? N TYR A 34  O TYR A 75  ? O TYR A 75  
A 6 7 O VAL A 74  ? O VAL A 74  N GLY A 7   ? N GLY A 7   
B 1 2 O VAL A 138 ? O VAL A 138 N LEU A 121 ? N LEU A 121 
B 2 3 O ILE A 122 ? O ILE A 122 N ASP A 111 ? N ASP A 111 
B 3 4 O GLY A 107 ? O GLY A 107 N VAL A 99  ? N VAL A 99  
B 4 5 N TYR A 100 ? N TYR A 100 O ILE A 152 ? O ILE A 152 
B 5 6 O HIS A 153 ? O HIS A 153 N ARG A 146 ? N ARG A 146 
# 
_pdbx_validate_close_contact.id               1 
_pdbx_validate_close_contact.PDB_model_num    1 
_pdbx_validate_close_contact.auth_atom_id_1   OH 
_pdbx_validate_close_contact.auth_asym_id_1   A 
_pdbx_validate_close_contact.auth_comp_id_1   TYR 
_pdbx_validate_close_contact.auth_seq_id_1    91 
_pdbx_validate_close_contact.PDB_ins_code_1   ? 
_pdbx_validate_close_contact.label_alt_id_1   ? 
_pdbx_validate_close_contact.auth_atom_id_2   OD2 
_pdbx_validate_close_contact.auth_asym_id_2   A 
_pdbx_validate_close_contact.auth_comp_id_2   ASP 
_pdbx_validate_close_contact.auth_seq_id_2    119 
_pdbx_validate_close_contact.PDB_ins_code_2   ? 
_pdbx_validate_close_contact.label_alt_id_2   ? 
_pdbx_validate_close_contact.dist             1.74 
# 
loop_
_pdbx_validate_torsion.id 
_pdbx_validate_torsion.PDB_model_num 
_pdbx_validate_torsion.auth_comp_id 
_pdbx_validate_torsion.auth_asym_id 
_pdbx_validate_torsion.auth_seq_id 
_pdbx_validate_torsion.PDB_ins_code 
_pdbx_validate_torsion.label_alt_id 
_pdbx_validate_torsion.phi 
_pdbx_validate_torsion.psi 
1 1 ALA A 14 ? ? 59.83  -153.46 
2 1 GLU A 36 ? ? -39.60 123.69  
# 
_pdbx_validate_planes.id              1 
_pdbx_validate_planes.PDB_model_num   1 
_pdbx_validate_planes.auth_comp_id    TYR 
_pdbx_validate_planes.auth_asym_id    A 
_pdbx_validate_planes.auth_seq_id     47 
_pdbx_validate_planes.PDB_ins_code    ? 
_pdbx_validate_planes.label_alt_id    ? 
_pdbx_validate_planes.rmsd            0.065 
_pdbx_validate_planes.type            'SIDE CHAIN' 
# 
_pdbx_SG_project.id                    1 
_pdbx_SG_project.project_name          'NPPSFA, National Project on Protein Structural and Functional Analyses' 
_pdbx_SG_project.full_name_of_center   'RIKEN Structural Genomics/Proteomics Initiative' 
_pdbx_SG_project.initial_of_center     RSGI 
# 
loop_
_chem_comp_atom.comp_id 
_chem_comp_atom.atom_id 
_chem_comp_atom.type_symbol 
_chem_comp_atom.pdbx_aromatic_flag 
_chem_comp_atom.pdbx_stereo_config 
_chem_comp_atom.pdbx_ordinal 
ALA N    N N N 1   
ALA CA   C N S 2   
ALA C    C N N 3   
ALA O    O N N 4   
ALA CB   C N N 5   
ALA OXT  O N N 6   
ALA H    H N N 7   
ALA H2   H N N 8   
ALA HA   H N N 9   
ALA HB1  H N N 10  
ALA HB2  H N N 11  
ALA HB3  H N N 12  
ALA HXT  H N N 13  
ARG N    N N N 14  
ARG CA   C N S 15  
ARG C    C N N 16  
ARG O    O N N 17  
ARG CB   C N N 18  
ARG CG   C N N 19  
ARG CD   C N N 20  
ARG NE   N N N 21  
ARG CZ   C N N 22  
ARG NH1  N N N 23  
ARG NH2  N N N 24  
ARG OXT  O N N 25  
ARG H    H N N 26  
ARG H2   H N N 27  
ARG HA   H N N 28  
ARG HB2  H N N 29  
ARG HB3  H N N 30  
ARG HG2  H N N 31  
ARG HG3  H N N 32  
ARG HD2  H N N 33  
ARG HD3  H N N 34  
ARG HE   H N N 35  
ARG HH11 H N N 36  
ARG HH12 H N N 37  
ARG HH21 H N N 38  
ARG HH22 H N N 39  
ARG HXT  H N N 40  
ASP N    N N N 41  
ASP CA   C N S 42  
ASP C    C N N 43  
ASP O    O N N 44  
ASP CB   C N N 45  
ASP CG   C N N 46  
ASP OD1  O N N 47  
ASP OD2  O N N 48  
ASP OXT  O N N 49  
ASP H    H N N 50  
ASP H2   H N N 51  
ASP HA   H N N 52  
ASP HB2  H N N 53  
ASP HB3  H N N 54  
ASP HD2  H N N 55  
ASP HXT  H N N 56  
GLN N    N N N 57  
GLN CA   C N S 58  
GLN C    C N N 59  
GLN O    O N N 60  
GLN CB   C N N 61  
GLN CG   C N N 62  
GLN CD   C N N 63  
GLN OE1  O N N 64  
GLN NE2  N N N 65  
GLN OXT  O N N 66  
GLN H    H N N 67  
GLN H2   H N N 68  
GLN HA   H N N 69  
GLN HB2  H N N 70  
GLN HB3  H N N 71  
GLN HG2  H N N 72  
GLN HG3  H N N 73  
GLN HE21 H N N 74  
GLN HE22 H N N 75  
GLN HXT  H N N 76  
GLU N    N N N 77  
GLU CA   C N S 78  
GLU C    C N N 79  
GLU O    O N N 80  
GLU CB   C N N 81  
GLU CG   C N N 82  
GLU CD   C N N 83  
GLU OE1  O N N 84  
GLU OE2  O N N 85  
GLU OXT  O N N 86  
GLU H    H N N 87  
GLU H2   H N N 88  
GLU HA   H N N 89  
GLU HB2  H N N 90  
GLU HB3  H N N 91  
GLU HG2  H N N 92  
GLU HG3  H N N 93  
GLU HE2  H N N 94  
GLU HXT  H N N 95  
GLY N    N N N 96  
GLY CA   C N N 97  
GLY C    C N N 98  
GLY O    O N N 99  
GLY OXT  O N N 100 
GLY H    H N N 101 
GLY H2   H N N 102 
GLY HA2  H N N 103 
GLY HA3  H N N 104 
GLY HXT  H N N 105 
HIS N    N N N 106 
HIS CA   C N S 107 
HIS C    C N N 108 
HIS O    O N N 109 
HIS CB   C N N 110 
HIS CG   C Y N 111 
HIS ND1  N Y N 112 
HIS CD2  C Y N 113 
HIS CE1  C Y N 114 
HIS NE2  N Y N 115 
HIS OXT  O N N 116 
HIS H    H N N 117 
HIS H2   H N N 118 
HIS HA   H N N 119 
HIS HB2  H N N 120 
HIS HB3  H N N 121 
HIS HD1  H N N 122 
HIS HD2  H N N 123 
HIS HE1  H N N 124 
HIS HE2  H N N 125 
HIS HXT  H N N 126 
HOH O    O N N 127 
HOH H1   H N N 128 
HOH H2   H N N 129 
ILE N    N N N 130 
ILE CA   C N S 131 
ILE C    C N N 132 
ILE O    O N N 133 
ILE CB   C N S 134 
ILE CG1  C N N 135 
ILE CG2  C N N 136 
ILE CD1  C N N 137 
ILE OXT  O N N 138 
ILE H    H N N 139 
ILE H2   H N N 140 
ILE HA   H N N 141 
ILE HB   H N N 142 
ILE HG12 H N N 143 
ILE HG13 H N N 144 
ILE HG21 H N N 145 
ILE HG22 H N N 146 
ILE HG23 H N N 147 
ILE HD11 H N N 148 
ILE HD12 H N N 149 
ILE HD13 H N N 150 
ILE HXT  H N N 151 
LEU N    N N N 152 
LEU CA   C N S 153 
LEU C    C N N 154 
LEU O    O N N 155 
LEU CB   C N N 156 
LEU CG   C N N 157 
LEU CD1  C N N 158 
LEU CD2  C N N 159 
LEU OXT  O N N 160 
LEU H    H N N 161 
LEU H2   H N N 162 
LEU HA   H N N 163 
LEU HB2  H N N 164 
LEU HB3  H N N 165 
LEU HG   H N N 166 
LEU HD11 H N N 167 
LEU HD12 H N N 168 
LEU HD13 H N N 169 
LEU HD21 H N N 170 
LEU HD22 H N N 171 
LEU HD23 H N N 172 
LEU HXT  H N N 173 
LYS N    N N N 174 
LYS CA   C N S 175 
LYS C    C N N 176 
LYS O    O N N 177 
LYS CB   C N N 178 
LYS CG   C N N 179 
LYS CD   C N N 180 
LYS CE   C N N 181 
LYS NZ   N N N 182 
LYS OXT  O N N 183 
LYS H    H N N 184 
LYS H2   H N N 185 
LYS HA   H N N 186 
LYS HB2  H N N 187 
LYS HB3  H N N 188 
LYS HG2  H N N 189 
LYS HG3  H N N 190 
LYS HD2  H N N 191 
LYS HD3  H N N 192 
LYS HE2  H N N 193 
LYS HE3  H N N 194 
LYS HZ1  H N N 195 
LYS HZ2  H N N 196 
LYS HZ3  H N N 197 
LYS HXT  H N N 198 
MET N    N N N 199 
MET CA   C N S 200 
MET C    C N N 201 
MET O    O N N 202 
MET CB   C N N 203 
MET CG   C N N 204 
MET SD   S N N 205 
MET CE   C N N 206 
MET OXT  O N N 207 
MET H    H N N 208 
MET H2   H N N 209 
MET HA   H N N 210 
MET HB2  H N N 211 
MET HB3  H N N 212 
MET HG2  H N N 213 
MET HG3  H N N 214 
MET HE1  H N N 215 
MET HE2  H N N 216 
MET HE3  H N N 217 
MET HXT  H N N 218 
PHE N    N N N 219 
PHE CA   C N S 220 
PHE C    C N N 221 
PHE O    O N N 222 
PHE CB   C N N 223 
PHE CG   C Y N 224 
PHE CD1  C Y N 225 
PHE CD2  C Y N 226 
PHE CE1  C Y N 227 
PHE CE2  C Y N 228 
PHE CZ   C Y N 229 
PHE OXT  O N N 230 
PHE H    H N N 231 
PHE H2   H N N 232 
PHE HA   H N N 233 
PHE HB2  H N N 234 
PHE HB3  H N N 235 
PHE HD1  H N N 236 
PHE HD2  H N N 237 
PHE HE1  H N N 238 
PHE HE2  H N N 239 
PHE HZ   H N N 240 
PHE HXT  H N N 241 
PRO N    N N N 242 
PRO CA   C N S 243 
PRO C    C N N 244 
PRO O    O N N 245 
PRO CB   C N N 246 
PRO CG   C N N 247 
PRO CD   C N N 248 
PRO OXT  O N N 249 
PRO H    H N N 250 
PRO HA   H N N 251 
PRO HB2  H N N 252 
PRO HB3  H N N 253 
PRO HG2  H N N 254 
PRO HG3  H N N 255 
PRO HD2  H N N 256 
PRO HD3  H N N 257 
PRO HXT  H N N 258 
SER N    N N N 259 
SER CA   C N S 260 
SER C    C N N 261 
SER O    O N N 262 
SER CB   C N N 263 
SER OG   O N N 264 
SER OXT  O N N 265 
SER H    H N N 266 
SER H2   H N N 267 
SER HA   H N N 268 
SER HB2  H N N 269 
SER HB3  H N N 270 
SER HG   H N N 271 
SER HXT  H N N 272 
THR N    N N N 273 
THR CA   C N S 274 
THR C    C N N 275 
THR O    O N N 276 
THR CB   C N R 277 
THR OG1  O N N 278 
THR CG2  C N N 279 
THR OXT  O N N 280 
THR H    H N N 281 
THR H2   H N N 282 
THR HA   H N N 283 
THR HB   H N N 284 
THR HG1  H N N 285 
THR HG21 H N N 286 
THR HG22 H N N 287 
THR HG23 H N N 288 
THR HXT  H N N 289 
TRP N    N N N 290 
TRP CA   C N S 291 
TRP C    C N N 292 
TRP O    O N N 293 
TRP CB   C N N 294 
TRP CG   C Y N 295 
TRP CD1  C Y N 296 
TRP CD2  C Y N 297 
TRP NE1  N Y N 298 
TRP CE2  C Y N 299 
TRP CE3  C Y N 300 
TRP CZ2  C Y N 301 
TRP CZ3  C Y N 302 
TRP CH2  C Y N 303 
TRP OXT  O N N 304 
TRP H    H N N 305 
TRP H2   H N N 306 
TRP HA   H N N 307 
TRP HB2  H N N 308 
TRP HB3  H N N 309 
TRP HD1  H N N 310 
TRP HE1  H N N 311 
TRP HE3  H N N 312 
TRP HZ2  H N N 313 
TRP HZ3  H N N 314 
TRP HH2  H N N 315 
TRP HXT  H N N 316 
TYR N    N N N 317 
TYR CA   C N S 318 
TYR C    C N N 319 
TYR O    O N N 320 
TYR CB   C N N 321 
TYR CG   C Y N 322 
TYR CD1  C Y N 323 
TYR CD2  C Y N 324 
TYR CE1  C Y N 325 
TYR CE2  C Y N 326 
TYR CZ   C Y N 327 
TYR OH   O N N 328 
TYR OXT  O N N 329 
TYR H    H N N 330 
TYR H2   H N N 331 
TYR HA   H N N 332 
TYR HB2  H N N 333 
TYR HB3  H N N 334 
TYR HD1  H N N 335 
TYR HD2  H N N 336 
TYR HE1  H N N 337 
TYR HE2  H N N 338 
TYR HH   H N N 339 
TYR HXT  H N N 340 
VAL N    N N N 341 
VAL CA   C N S 342 
VAL C    C N N 343 
VAL O    O N N 344 
VAL CB   C N N 345 
VAL CG1  C N N 346 
VAL CG2  C N N 347 
VAL OXT  O N N 348 
VAL H    H N N 349 
VAL H2   H N N 350 
VAL HA   H N N 351 
VAL HB   H N N 352 
VAL HG11 H N N 353 
VAL HG12 H N N 354 
VAL HG13 H N N 355 
VAL HG21 H N N 356 
VAL HG22 H N N 357 
VAL HG23 H N N 358 
VAL HXT  H N N 359 
# 
loop_
_chem_comp_bond.comp_id 
_chem_comp_bond.atom_id_1 
_chem_comp_bond.atom_id_2 
_chem_comp_bond.value_order 
_chem_comp_bond.pdbx_aromatic_flag 
_chem_comp_bond.pdbx_stereo_config 
_chem_comp_bond.pdbx_ordinal 
ALA N   CA   sing N N 1   
ALA N   H    sing N N 2   
ALA N   H2   sing N N 3   
ALA CA  C    sing N N 4   
ALA CA  CB   sing N N 5   
ALA CA  HA   sing N N 6   
ALA C   O    doub N N 7   
ALA C   OXT  sing N N 8   
ALA CB  HB1  sing N N 9   
ALA CB  HB2  sing N N 10  
ALA CB  HB3  sing N N 11  
ALA OXT HXT  sing N N 12  
ARG N   CA   sing N N 13  
ARG N   H    sing N N 14  
ARG N   H2   sing N N 15  
ARG CA  C    sing N N 16  
ARG CA  CB   sing N N 17  
ARG CA  HA   sing N N 18  
ARG C   O    doub N N 19  
ARG C   OXT  sing N N 20  
ARG CB  CG   sing N N 21  
ARG CB  HB2  sing N N 22  
ARG CB  HB3  sing N N 23  
ARG CG  CD   sing N N 24  
ARG CG  HG2  sing N N 25  
ARG CG  HG3  sing N N 26  
ARG CD  NE   sing N N 27  
ARG CD  HD2  sing N N 28  
ARG CD  HD3  sing N N 29  
ARG NE  CZ   sing N N 30  
ARG NE  HE   sing N N 31  
ARG CZ  NH1  sing N N 32  
ARG CZ  NH2  doub N N 33  
ARG NH1 HH11 sing N N 34  
ARG NH1 HH12 sing N N 35  
ARG NH2 HH21 sing N N 36  
ARG NH2 HH22 sing N N 37  
ARG OXT HXT  sing N N 38  
ASP N   CA   sing N N 39  
ASP N   H    sing N N 40  
ASP N   H2   sing N N 41  
ASP CA  C    sing N N 42  
ASP CA  CB   sing N N 43  
ASP CA  HA   sing N N 44  
ASP C   O    doub N N 45  
ASP C   OXT  sing N N 46  
ASP CB  CG   sing N N 47  
ASP CB  HB2  sing N N 48  
ASP CB  HB3  sing N N 49  
ASP CG  OD1  doub N N 50  
ASP CG  OD2  sing N N 51  
ASP OD2 HD2  sing N N 52  
ASP OXT HXT  sing N N 53  
GLN N   CA   sing N N 54  
GLN N   H    sing N N 55  
GLN N   H2   sing N N 56  
GLN CA  C    sing N N 57  
GLN CA  CB   sing N N 58  
GLN CA  HA   sing N N 59  
GLN C   O    doub N N 60  
GLN C   OXT  sing N N 61  
GLN CB  CG   sing N N 62  
GLN CB  HB2  sing N N 63  
GLN CB  HB3  sing N N 64  
GLN CG  CD   sing N N 65  
GLN CG  HG2  sing N N 66  
GLN CG  HG3  sing N N 67  
GLN CD  OE1  doub N N 68  
GLN CD  NE2  sing N N 69  
GLN NE2 HE21 sing N N 70  
GLN NE2 HE22 sing N N 71  
GLN OXT HXT  sing N N 72  
GLU N   CA   sing N N 73  
GLU N   H    sing N N 74  
GLU N   H2   sing N N 75  
GLU CA  C    sing N N 76  
GLU CA  CB   sing N N 77  
GLU CA  HA   sing N N 78  
GLU C   O    doub N N 79  
GLU C   OXT  sing N N 80  
GLU CB  CG   sing N N 81  
GLU CB  HB2  sing N N 82  
GLU CB  HB3  sing N N 83  
GLU CG  CD   sing N N 84  
GLU CG  HG2  sing N N 85  
GLU CG  HG3  sing N N 86  
GLU CD  OE1  doub N N 87  
GLU CD  OE2  sing N N 88  
GLU OE2 HE2  sing N N 89  
GLU OXT HXT  sing N N 90  
GLY N   CA   sing N N 91  
GLY N   H    sing N N 92  
GLY N   H2   sing N N 93  
GLY CA  C    sing N N 94  
GLY CA  HA2  sing N N 95  
GLY CA  HA3  sing N N 96  
GLY C   O    doub N N 97  
GLY C   OXT  sing N N 98  
GLY OXT HXT  sing N N 99  
HIS N   CA   sing N N 100 
HIS N   H    sing N N 101 
HIS N   H2   sing N N 102 
HIS CA  C    sing N N 103 
HIS CA  CB   sing N N 104 
HIS CA  HA   sing N N 105 
HIS C   O    doub N N 106 
HIS C   OXT  sing N N 107 
HIS CB  CG   sing N N 108 
HIS CB  HB2  sing N N 109 
HIS CB  HB3  sing N N 110 
HIS CG  ND1  sing Y N 111 
HIS CG  CD2  doub Y N 112 
HIS ND1 CE1  doub Y N 113 
HIS ND1 HD1  sing N N 114 
HIS CD2 NE2  sing Y N 115 
HIS CD2 HD2  sing N N 116 
HIS CE1 NE2  sing Y N 117 
HIS CE1 HE1  sing N N 118 
HIS NE2 HE2  sing N N 119 
HIS OXT HXT  sing N N 120 
HOH O   H1   sing N N 121 
HOH O   H2   sing N N 122 
ILE N   CA   sing N N 123 
ILE N   H    sing N N 124 
ILE N   H2   sing N N 125 
ILE CA  C    sing N N 126 
ILE CA  CB   sing N N 127 
ILE CA  HA   sing N N 128 
ILE C   O    doub N N 129 
ILE C   OXT  sing N N 130 
ILE CB  CG1  sing N N 131 
ILE CB  CG2  sing N N 132 
ILE CB  HB   sing N N 133 
ILE CG1 CD1  sing N N 134 
ILE CG1 HG12 sing N N 135 
ILE CG1 HG13 sing N N 136 
ILE CG2 HG21 sing N N 137 
ILE CG2 HG22 sing N N 138 
ILE CG2 HG23 sing N N 139 
ILE CD1 HD11 sing N N 140 
ILE CD1 HD12 sing N N 141 
ILE CD1 HD13 sing N N 142 
ILE OXT HXT  sing N N 143 
LEU N   CA   sing N N 144 
LEU N   H    sing N N 145 
LEU N   H2   sing N N 146 
LEU CA  C    sing N N 147 
LEU CA  CB   sing N N 148 
LEU CA  HA   sing N N 149 
LEU C   O    doub N N 150 
LEU C   OXT  sing N N 151 
LEU CB  CG   sing N N 152 
LEU CB  HB2  sing N N 153 
LEU CB  HB3  sing N N 154 
LEU CG  CD1  sing N N 155 
LEU CG  CD2  sing N N 156 
LEU CG  HG   sing N N 157 
LEU CD1 HD11 sing N N 158 
LEU CD1 HD12 sing N N 159 
LEU CD1 HD13 sing N N 160 
LEU CD2 HD21 sing N N 161 
LEU CD2 HD22 sing N N 162 
LEU CD2 HD23 sing N N 163 
LEU OXT HXT  sing N N 164 
LYS N   CA   sing N N 165 
LYS N   H    sing N N 166 
LYS N   H2   sing N N 167 
LYS CA  C    sing N N 168 
LYS CA  CB   sing N N 169 
LYS CA  HA   sing N N 170 
LYS C   O    doub N N 171 
LYS C   OXT  sing N N 172 
LYS CB  CG   sing N N 173 
LYS CB  HB2  sing N N 174 
LYS CB  HB3  sing N N 175 
LYS CG  CD   sing N N 176 
LYS CG  HG2  sing N N 177 
LYS CG  HG3  sing N N 178 
LYS CD  CE   sing N N 179 
LYS CD  HD2  sing N N 180 
LYS CD  HD3  sing N N 181 
LYS CE  NZ   sing N N 182 
LYS CE  HE2  sing N N 183 
LYS CE  HE3  sing N N 184 
LYS NZ  HZ1  sing N N 185 
LYS NZ  HZ2  sing N N 186 
LYS NZ  HZ3  sing N N 187 
LYS OXT HXT  sing N N 188 
MET N   CA   sing N N 189 
MET N   H    sing N N 190 
MET N   H2   sing N N 191 
MET CA  C    sing N N 192 
MET CA  CB   sing N N 193 
MET CA  HA   sing N N 194 
MET C   O    doub N N 195 
MET C   OXT  sing N N 196 
MET CB  CG   sing N N 197 
MET CB  HB2  sing N N 198 
MET CB  HB3  sing N N 199 
MET CG  SD   sing N N 200 
MET CG  HG2  sing N N 201 
MET CG  HG3  sing N N 202 
MET SD  CE   sing N N 203 
MET CE  HE1  sing N N 204 
MET CE  HE2  sing N N 205 
MET CE  HE3  sing N N 206 
MET OXT HXT  sing N N 207 
PHE N   CA   sing N N 208 
PHE N   H    sing N N 209 
PHE N   H2   sing N N 210 
PHE CA  C    sing N N 211 
PHE CA  CB   sing N N 212 
PHE CA  HA   sing N N 213 
PHE C   O    doub N N 214 
PHE C   OXT  sing N N 215 
PHE CB  CG   sing N N 216 
PHE CB  HB2  sing N N 217 
PHE CB  HB3  sing N N 218 
PHE CG  CD1  doub Y N 219 
PHE CG  CD2  sing Y N 220 
PHE CD1 CE1  sing Y N 221 
PHE CD1 HD1  sing N N 222 
PHE CD2 CE2  doub Y N 223 
PHE CD2 HD2  sing N N 224 
PHE CE1 CZ   doub Y N 225 
PHE CE1 HE1  sing N N 226 
PHE CE2 CZ   sing Y N 227 
PHE CE2 HE2  sing N N 228 
PHE CZ  HZ   sing N N 229 
PHE OXT HXT  sing N N 230 
PRO N   CA   sing N N 231 
PRO N   CD   sing N N 232 
PRO N   H    sing N N 233 
PRO CA  C    sing N N 234 
PRO CA  CB   sing N N 235 
PRO CA  HA   sing N N 236 
PRO C   O    doub N N 237 
PRO C   OXT  sing N N 238 
PRO CB  CG   sing N N 239 
PRO CB  HB2  sing N N 240 
PRO CB  HB3  sing N N 241 
PRO CG  CD   sing N N 242 
PRO CG  HG2  sing N N 243 
PRO CG  HG3  sing N N 244 
PRO CD  HD2  sing N N 245 
PRO CD  HD3  sing N N 246 
PRO OXT HXT  sing N N 247 
SER N   CA   sing N N 248 
SER N   H    sing N N 249 
SER N   H2   sing N N 250 
SER CA  C    sing N N 251 
SER CA  CB   sing N N 252 
SER CA  HA   sing N N 253 
SER C   O    doub N N 254 
SER C   OXT  sing N N 255 
SER CB  OG   sing N N 256 
SER CB  HB2  sing N N 257 
SER CB  HB3  sing N N 258 
SER OG  HG   sing N N 259 
SER OXT HXT  sing N N 260 
THR N   CA   sing N N 261 
THR N   H    sing N N 262 
THR N   H2   sing N N 263 
THR CA  C    sing N N 264 
THR CA  CB   sing N N 265 
THR CA  HA   sing N N 266 
THR C   O    doub N N 267 
THR C   OXT  sing N N 268 
THR CB  OG1  sing N N 269 
THR CB  CG2  sing N N 270 
THR CB  HB   sing N N 271 
THR OG1 HG1  sing N N 272 
THR CG2 HG21 sing N N 273 
THR CG2 HG22 sing N N 274 
THR CG2 HG23 sing N N 275 
THR OXT HXT  sing N N 276 
TRP N   CA   sing N N 277 
TRP N   H    sing N N 278 
TRP N   H2   sing N N 279 
TRP CA  C    sing N N 280 
TRP CA  CB   sing N N 281 
TRP CA  HA   sing N N 282 
TRP C   O    doub N N 283 
TRP C   OXT  sing N N 284 
TRP CB  CG   sing N N 285 
TRP CB  HB2  sing N N 286 
TRP CB  HB3  sing N N 287 
TRP CG  CD1  doub Y N 288 
TRP CG  CD2  sing Y N 289 
TRP CD1 NE1  sing Y N 290 
TRP CD1 HD1  sing N N 291 
TRP CD2 CE2  doub Y N 292 
TRP CD2 CE3  sing Y N 293 
TRP NE1 CE2  sing Y N 294 
TRP NE1 HE1  sing N N 295 
TRP CE2 CZ2  sing Y N 296 
TRP CE3 CZ3  doub Y N 297 
TRP CE3 HE3  sing N N 298 
TRP CZ2 CH2  doub Y N 299 
TRP CZ2 HZ2  sing N N 300 
TRP CZ3 CH2  sing Y N 301 
TRP CZ3 HZ3  sing N N 302 
TRP CH2 HH2  sing N N 303 
TRP OXT HXT  sing N N 304 
TYR N   CA   sing N N 305 
TYR N   H    sing N N 306 
TYR N   H2   sing N N 307 
TYR CA  C    sing N N 308 
TYR CA  CB   sing N N 309 
TYR CA  HA   sing N N 310 
TYR C   O    doub N N 311 
TYR C   OXT  sing N N 312 
TYR CB  CG   sing N N 313 
TYR CB  HB2  sing N N 314 
TYR CB  HB3  sing N N 315 
TYR CG  CD1  doub Y N 316 
TYR CG  CD2  sing Y N 317 
TYR CD1 CE1  sing Y N 318 
TYR CD1 HD1  sing N N 319 
TYR CD2 CE2  doub Y N 320 
TYR CD2 HD2  sing N N 321 
TYR CE1 CZ   doub Y N 322 
TYR CE1 HE1  sing N N 323 
TYR CE2 CZ   sing Y N 324 
TYR CE2 HE2  sing N N 325 
TYR CZ  OH   sing N N 326 
TYR OH  HH   sing N N 327 
TYR OXT HXT  sing N N 328 
VAL N   CA   sing N N 329 
VAL N   H    sing N N 330 
VAL N   H2   sing N N 331 
VAL CA  C    sing N N 332 
VAL CA  CB   sing N N 333 
VAL CA  HA   sing N N 334 
VAL C   O    doub N N 335 
VAL C   OXT  sing N N 336 
VAL CB  CG1  sing N N 337 
VAL CB  CG2  sing N N 338 
VAL CB  HB   sing N N 339 
VAL CG1 HG11 sing N N 340 
VAL CG1 HG12 sing N N 341 
VAL CG1 HG13 sing N N 342 
VAL CG2 HG21 sing N N 343 
VAL CG2 HG22 sing N N 344 
VAL CG2 HG23 sing N N 345 
VAL OXT HXT  sing N N 346 
# 
_pdbx_initial_refinement_model.accession_code   ? 
_pdbx_initial_refinement_model.id               1 
_pdbx_initial_refinement_model.entity_id_list   ? 
_pdbx_initial_refinement_model.type             'experimental model' 
_pdbx_initial_refinement_model.source_name      Other 
_pdbx_initial_refinement_model.details          'Preliminary assigned NMR model' 
# 
_atom_sites.entry_id                    2DYI 
_atom_sites.fract_transf_matrix[1][1]   -0.00726841 
_atom_sites.fract_transf_matrix[1][2]   -0.01435117 
_atom_sites.fract_transf_matrix[1][3]   0.01099098 
_atom_sites.fract_transf_matrix[2][1]   -0.00414938 
_atom_sites.fract_transf_matrix[2][2]   -0.00979759 
_atom_sites.fract_transf_matrix[2][3]   -0.01553694 
_atom_sites.fract_transf_matrix[3][1]   0.01279519 
_atom_sites.fract_transf_matrix[3][2]   -0.00613467 
_atom_sites.fract_transf_matrix[3][3]   0.00045137 
_atom_sites.fract_transf_vector[1]      0.104021 
_atom_sites.fract_transf_vector[2]      0.382797 
_atom_sites.fract_transf_vector[3]      0.248257 
# 
loop_
_atom_type.symbol 
C 
N 
O 
S 
# 
loop_
_atom_site.group_PDB 
_atom_site.id 
_atom_site.type_symbol 
_atom_site.label_atom_id 
_atom_site.label_alt_id 
_atom_site.label_comp_id 
_atom_site.label_asym_id 
_atom_site.label_entity_id 
_atom_site.label_seq_id 
_atom_site.pdbx_PDB_ins_code 
_atom_site.Cartn_x 
_atom_site.Cartn_y 
_atom_site.Cartn_z 
_atom_site.occupancy 
_atom_site.B_iso_or_equiv 
_atom_site.pdbx_formal_charge 
_atom_site.auth_seq_id 
_atom_site.auth_comp_id 
_atom_site.auth_asym_id 
_atom_site.auth_atom_id 
_atom_site.pdbx_PDB_model_num 
ATOM   1    N N   . MET A 1 1   ? 8.490   4.980   11.929  1.00 19.06 ? 1   MET A N   1 
ATOM   2    C CA  . MET A 1 1   ? 7.171   4.390   11.543  1.00 19.52 ? 1   MET A CA  1 
ATOM   3    C C   . MET A 1 1   ? 6.812   4.808   10.110  1.00 19.33 ? 1   MET A C   1 
ATOM   4    O O   . MET A 1 1   ? 7.265   5.830   9.629   1.00 16.13 ? 1   MET A O   1 
ATOM   5    C CB  . MET A 1 1   ? 6.043   4.923   12.439  1.00 24.19 ? 1   MET A CB  1 
ATOM   6    C CG  . MET A 1 1   ? 6.053   4.469   13.891  1.00 28.21 ? 1   MET A CG  1 
ATOM   7    S SD  . MET A 1 1   ? 4.499   4.993   14.681  1.00 27.09 ? 1   MET A SD  1 
ATOM   8    C CE  . MET A 1 1   ? 3.398   3.634   14.157  1.00 25.70 ? 1   MET A CE  1 
ATOM   9    N N   . ARG A 1 2   ? 5.964   4.025   9.447   1.00 16.49 ? 2   ARG A N   1 
ATOM   10   C CA  . ARG A 1 2   ? 5.517   4.391   8.103   1.00 16.92 ? 2   ARG A CA  1 
ATOM   11   C C   . ARG A 1 2   ? 4.261   3.566   7.876   1.00 15.10 ? 2   ARG A C   1 
ATOM   12   O O   . ARG A 1 2   ? 4.294   2.345   7.989   1.00 16.57 ? 2   ARG A O   1 
ATOM   13   C CB  . ARG A 1 2   ? 6.542   4.047   7.019   1.00 19.36 ? 2   ARG A CB  1 
ATOM   14   C CG  . ARG A 1 2   ? 5.996   4.423   5.644   1.00 19.83 ? 2   ARG A CG  1 
ATOM   15   C CD  . ARG A 1 2   ? 7.049   4.353   4.512   1.00 20.93 ? 2   ARG A CD  1 
ATOM   16   N NE  . ARG A 1 2   ? 6.347   4.649   3.259   1.00 23.15 ? 2   ARG A NE  1 
ATOM   17   C CZ  . ARG A 1 2   ? 6.136   3.760   2.274   1.00 21.58 ? 2   ARG A CZ  1 
ATOM   18   N NH1 . ARG A 1 2   ? 6.587   2.499   2.374   1.00 17.08 ? 2   ARG A NH1 1 
ATOM   19   N NH2 . ARG A 1 2   ? 5.472   4.153   1.180   1.00 22.47 ? 2   ARG A NH2 1 
ATOM   20   N N   . LEU A 1 3   ? 3.143   4.236   7.619   1.00 14.93 ? 3   LEU A N   1 
ATOM   21   C CA  . LEU A 1 3   ? 1.878   3.526   7.399   1.00 12.75 ? 3   LEU A CA  1 
ATOM   22   C C   . LEU A 1 3   ? 1.640   3.361   5.916   1.00 16.78 ? 3   LEU A C   1 
ATOM   23   O O   . LEU A 1 3   ? 1.910   4.309   5.162   1.00 15.21 ? 3   LEU A O   1 
ATOM   24   C CB  . LEU A 1 3   ? 0.718   4.350   7.996   1.00 16.24 ? 3   LEU A CB  1 
ATOM   25   C CG  . LEU A 1 3   ? 0.708   4.488   9.529   1.00 18.64 ? 3   LEU A CG  1 
ATOM   26   C CD1 . LEU A 1 3   ? -0.413  5.408   10.016  1.00 15.14 ? 3   LEU A CD1 1 
ATOM   27   C CD2 . LEU A 1 3   ? 0.514   3.092   10.128  1.00 16.88 ? 3   LEU A CD2 1 
ATOM   28   N N   . VAL A 1 4   ? 1.150   2.190   5.487   1.00 15.87 ? 4   VAL A N   1 
ATOM   29   C CA  . VAL A 1 4   ? 0.819   1.983   4.079   1.00 14.06 ? 4   VAL A CA  1 
ATOM   30   C C   . VAL A 1 4   ? -0.615  1.444   3.998   1.00 14.69 ? 4   VAL A C   1 
ATOM   31   O O   . VAL A 1 4   ? -1.057  0.657   4.836   1.00 10.86 ? 4   VAL A O   1 
ATOM   32   C CB  . VAL A 1 4   ? 1.809   1.041   3.360   1.00 13.98 ? 4   VAL A CB  1 
ATOM   33   C CG1 . VAL A 1 4   ? 3.186   1.755   3.306   1.00 16.34 ? 4   VAL A CG1 1 
ATOM   34   C CG2 . VAL A 1 4   ? 2.001   -0.315  4.147   1.00 12.31 ? 4   VAL A CG2 1 
ATOM   35   N N   . GLU A 1 5   ? -1.348  1.951   3.017   1.00 13.33 ? 5   GLU A N   1 
ATOM   36   C CA  . GLU A 1 5   ? -2.728  1.540   2.824   1.00 14.99 ? 5   GLU A CA  1 
ATOM   37   C C   . GLU A 1 5   ? -2.819  0.085   2.360   1.00 13.75 ? 5   GLU A C   1 
ATOM   38   O O   . GLU A 1 5   ? -2.221  -0.284  1.336   1.00 13.28 ? 5   GLU A O   1 
ATOM   39   C CB  . GLU A 1 5   ? -3.415  2.414   1.779   1.00 16.10 ? 5   GLU A CB  1 
ATOM   40   C CG  . GLU A 1 5   ? -4.928  1.999   1.584   1.00 20.26 ? 5   GLU A CG  1 
ATOM   41   C CD  . GLU A 1 5   ? -5.661  2.892   0.559   1.00 25.51 ? 5   GLU A CD  1 
ATOM   42   O OE1 . GLU A 1 5   ? -5.228  4.011   0.292   1.00 25.01 ? 5   GLU A OE1 1 
ATOM   43   O OE2 . GLU A 1 5   ? -6.689  2.473   0.047   1.00 28.62 ? 5   GLU A OE2 1 
ATOM   44   N N   . ILE A 1 6   ? -3.596  -0.724  3.090   1.00 13.79 ? 6   ILE A N   1 
ATOM   45   C CA  . ILE A 1 6   ? -3.808  -2.114  2.694   1.00 13.60 ? 6   ILE A CA  1 
ATOM   46   C C   . ILE A 1 6   ? -5.225  -2.487  2.285   1.00 13.58 ? 6   ILE A C   1 
ATOM   47   O O   . ILE A 1 6   ? -5.488  -3.615  1.839   1.00 16.19 ? 6   ILE A O   1 
ATOM   48   C CB  . ILE A 1 6   ? -3.428  -3.087  3.851   1.00 13.15 ? 6   ILE A CB  1 
ATOM   49   C CG1 . ILE A 1 6   ? -4.254  -2.756  5.110   1.00 10.51 ? 6   ILE A CG1 1 
ATOM   50   C CG2 . ILE A 1 6   ? -1.889  -2.961  4.174   1.00 13.46 ? 6   ILE A CG2 1 
ATOM   51   C CD1 . ILE A 1 6   ? -3.997  -3.818  6.241   1.00 12.81 ? 6   ILE A CD1 1 
ATOM   52   N N   . GLY A 1 7   ? -6.163  -1.589  2.509   1.00 13.95 ? 7   GLY A N   1 
ATOM   53   C CA  . GLY A 1 7   ? -7.540  -1.907  2.159   1.00 12.67 ? 7   GLY A CA  1 
ATOM   54   C C   . GLY A 1 7   ? -8.495  -0.843  2.656   1.00 15.16 ? 7   GLY A C   1 
ATOM   55   O O   . GLY A 1 7   ? -8.086  0.261   3.072   1.00 15.41 ? 7   GLY A O   1 
ATOM   56   N N   . ARG A 1 8   ? -9.784  -1.187  2.573   1.00 17.75 ? 8   ARG A N   1 
ATOM   57   C CA  . ARG A 1 8   ? -10.893 -0.347  2.970   1.00 16.23 ? 8   ARG A CA  1 
ATOM   58   C C   . ARG A 1 8   ? -11.996 -1.256  3.559   1.00 13.44 ? 8   ARG A C   1 
ATOM   59   O O   . ARG A 1 8   ? -12.139 -2.409  3.137   1.00 13.51 ? 8   ARG A O   1 
ATOM   60   C CB  . ARG A 1 8   ? -11.438 0.411   1.749   1.00 20.29 ? 8   ARG A CB  1 
ATOM   61   C CG  . ARG A 1 8   ? -10.440 1.398   1.125   1.00 30.92 ? 8   ARG A CG  1 
ATOM   62   C CD  . ARG A 1 8   ? -11.057 2.153   -0.112  1.00 35.13 ? 8   ARG A CD  1 
ATOM   63   N NE  . ARG A 1 8   ? -12.384 2.726   0.146   1.00 42.90 ? 8   ARG A NE  1 
ATOM   64   C CZ  . ARG A 1 8   ? -12.640 4.029   0.328   1.00 48.44 ? 8   ARG A CZ  1 
ATOM   65   N NH1 . ARG A 1 8   ? -11.656 4.922   0.288   1.00 50.31 ? 8   ARG A NH1 1 
ATOM   66   N NH2 . ARG A 1 8   ? -13.898 4.458   0.528   1.00 50.31 ? 8   ARG A NH2 1 
ATOM   67   N N   . PHE A 1 9   ? -12.738 -0.776  4.553   1.00 11.69 ? 9   PHE A N   1 
ATOM   68   C CA  . PHE A 1 9   ? -13.817 -1.582  5.080   1.00 11.55 ? 9   PHE A CA  1 
ATOM   69   C C   . PHE A 1 9   ? -15.047 -1.488  4.203   1.00 15.01 ? 9   PHE A C   1 
ATOM   70   O O   . PHE A 1 9   ? -15.356 -0.412  3.688   1.00 13.54 ? 9   PHE A O   1 
ATOM   71   C CB  . PHE A 1 9   ? -14.226 -1.150  6.472   1.00 14.79 ? 9   PHE A CB  1 
ATOM   72   C CG  . PHE A 1 9   ? -13.197 -1.429  7.513   1.00 15.09 ? 9   PHE A CG  1 
ATOM   73   C CD1 . PHE A 1 9   ? -12.773 -2.717  7.742   1.00 15.50 ? 9   PHE A CD1 1 
ATOM   74   C CD2 . PHE A 1 9   ? -12.671 -0.386  8.294   1.00 15.81 ? 9   PHE A CD2 1 
ATOM   75   C CE1 . PHE A 1 9   ? -11.821 -2.988  8.745   1.00 17.21 ? 9   PHE A CE1 1 
ATOM   76   C CE2 . PHE A 1 9   ? -11.710 -0.675  9.320   1.00 15.59 ? 9   PHE A CE2 1 
ATOM   77   C CZ  . PHE A 1 9   ? -11.304 -1.970  9.515   1.00 13.92 ? 9   PHE A CZ  1 
ATOM   78   N N   . GLY A 1 10  ? -15.757 -2.617  4.057   1.00 15.99 ? 10  GLY A N   1 
ATOM   79   C CA  . GLY A 1 10  ? -17.007 -2.636  3.304   1.00 15.63 ? 10  GLY A CA  1 
ATOM   80   C C   . GLY A 1 10  ? -18.090 -2.661  4.364   1.00 13.47 ? 10  GLY A C   1 
ATOM   81   O O   . GLY A 1 10  ? -17.830 -2.222  5.490   1.00 15.61 ? 10  GLY A O   1 
ATOM   82   N N   . ALA A 1 11  ? -19.262 -3.230  4.076   1.00 14.69 ? 11  ALA A N   1 
ATOM   83   C CA  . ALA A 1 11  ? -20.397 -3.218  5.043   1.00 14.88 ? 11  ALA A CA  1 
ATOM   84   C C   . ALA A 1 11  ? -20.220 -4.131  6.217   1.00 14.27 ? 11  ALA A C   1 
ATOM   85   O O   . ALA A 1 11  ? -19.475 -5.119  6.124   1.00 16.91 ? 11  ALA A O   1 
ATOM   86   C CB  . ALA A 1 11  ? -21.734 -3.609  4.311   1.00 14.40 ? 11  ALA A CB  1 
ATOM   87   N N   . PRO A 1 12  ? -20.919 -3.859  7.334   1.00 12.69 ? 12  PRO A N   1 
ATOM   88   C CA  . PRO A 1 12  ? -20.749 -4.750  8.500   1.00 13.09 ? 12  PRO A CA  1 
ATOM   89   C C   . PRO A 1 12  ? -21.292 -6.137  8.186   1.00 15.32 ? 12  PRO A C   1 
ATOM   90   O O   . PRO A 1 12  ? -22.270 -6.282  7.448   1.00 14.65 ? 12  PRO A O   1 
ATOM   91   C CB  . PRO A 1 12  ? -21.579 -4.095  9.617   1.00 12.16 ? 12  PRO A CB  1 
ATOM   92   C CG  . PRO A 1 12  ? -21.771 -2.578  9.083   1.00 11.02 ? 12  PRO A CG  1 
ATOM   93   C CD  . PRO A 1 12  ? -21.875 -2.749  7.597   1.00 13.25 ? 12  PRO A CD  1 
ATOM   94   N N   . TYR A 1 13  ? -20.647 -7.130  8.763   1.00 14.01 ? 13  TYR A N   1 
ATOM   95   C CA  . TYR A 1 13  ? -21.007 -8.499  8.576   1.00 14.90 ? 13  TYR A CA  1 
ATOM   96   C C   . TYR A 1 13  ? -21.657 -8.999  9.860   1.00 16.54 ? 13  TYR A C   1 
ATOM   97   O O   . TYR A 1 13  ? -21.068 -8.906  10.941  1.00 15.33 ? 13  TYR A O   1 
ATOM   98   C CB  . TYR A 1 13  ? -19.749 -9.334  8.296   1.00 13.63 ? 13  TYR A CB  1 
ATOM   99   C CG  . TYR A 1 13  ? -20.032 -10.777 8.127   1.00 16.87 ? 13  TYR A CG  1 
ATOM   100  C CD1 . TYR A 1 13  ? -20.391 -11.291 6.891   1.00 23.02 ? 13  TYR A CD1 1 
ATOM   101  C CD2 . TYR A 1 13  ? -19.932 -11.642 9.214   1.00 17.24 ? 13  TYR A CD2 1 
ATOM   102  C CE1 . TYR A 1 13  ? -20.642 -12.675 6.745   1.00 25.58 ? 13  TYR A CE1 1 
ATOM   103  C CE2 . TYR A 1 13  ? -20.181 -12.965 9.091   1.00 25.32 ? 13  TYR A CE2 1 
ATOM   104  C CZ  . TYR A 1 13  ? -20.540 -13.489 7.866   1.00 26.10 ? 13  TYR A CZ  1 
ATOM   105  O OH  . TYR A 1 13  ? -20.863 -14.832 7.820   1.00 34.05 ? 13  TYR A OH  1 
ATOM   106  N N   . ALA A 1 14  ? -22.859 -9.550  9.711   1.00 15.94 ? 14  ALA A N   1 
ATOM   107  C CA  . ALA A 1 14  ? -23.575 -10.124 10.820  1.00 18.28 ? 14  ALA A CA  1 
ATOM   108  C C   . ALA A 1 14  ? -23.847 -9.060  11.935  1.00 18.56 ? 14  ALA A C   1 
ATOM   109  O O   . ALA A 1 14  ? -23.865 -7.829  11.699  1.00 21.17 ? 14  ALA A O   1 
ATOM   110  C CB  . ALA A 1 14  ? -22.766 -11.315 11.372  1.00 17.59 ? 14  ALA A CB  1 
ATOM   111  N N   . LEU A 1 15  ? -23.981 -9.528  13.155  1.00 20.63 ? 15  LEU A N   1 
ATOM   112  C CA  . LEU A 1 15  ? -24.414 -8.636  14.225  1.00 20.90 ? 15  LEU A CA  1 
ATOM   113  C C   . LEU A 1 15  ? -23.461 -8.220  15.338  1.00 23.71 ? 15  LEU A C   1 
ATOM   114  O O   . LEU A 1 15  ? -23.797 -7.362  16.181  1.00 25.63 ? 15  LEU A O   1 
ATOM   115  C CB  . LEU A 1 15  ? -25.646 -9.306  14.876  1.00 24.08 ? 15  LEU A CB  1 
ATOM   116  C CG  . LEU A 1 15  ? -26.780 -9.804  13.952  1.00 22.49 ? 15  LEU A CG  1 
ATOM   117  C CD1 . LEU A 1 15  ? -27.947 -10.483 14.770  1.00 23.06 ? 15  LEU A CD1 1 
ATOM   118  C CD2 . LEU A 1 15  ? -27.323 -8.618  13.222  1.00 19.58 ? 15  LEU A CD2 1 
ATOM   119  N N   . LYS A 1 16  ? -22.284 -8.824  15.372  1.00 22.07 ? 16  LYS A N   1 
ATOM   120  C CA  . LYS A 1 16  ? -21.373 -8.540  16.457  1.00 20.87 ? 16  LYS A CA  1 
ATOM   121  C C   . LYS A 1 16  ? -20.313 -7.496  16.224  1.00 18.41 ? 16  LYS A C   1 
ATOM   122  O O   . LYS A 1 16  ? -19.389 -7.376  17.035  1.00 19.45 ? 16  LYS A O   1 
ATOM   123  C CB  . LYS A 1 16  ? -20.775 -9.865  16.880  1.00 23.46 ? 16  LYS A CB  1 
ATOM   124  C CG  . LYS A 1 16  ? -21.826 -10.730 17.537  1.00 31.17 ? 16  LYS A CG  1 
ATOM   125  C CD  . LYS A 1 16  ? -21.327 -12.132 17.741  1.00 35.38 ? 16  LYS A CD  1 
ATOM   126  C CE  . LYS A 1 16  ? -22.356 -12.963 18.539  1.00 41.84 ? 16  LYS A CE  1 
ATOM   127  N NZ  . LYS A 1 16  ? -21.745 -14.226 19.132  1.00 44.17 ? 16  LYS A NZ  1 
ATOM   128  N N   . GLY A 1 17  ? -20.486 -6.681  15.174  1.00 16.04 ? 17  GLY A N   1 
ATOM   129  C CA  . GLY A 1 17  ? -19.484 -5.659  14.872  1.00 17.12 ? 17  GLY A CA  1 
ATOM   130  C C   . GLY A 1 17  ? -18.426 -6.042  13.809  1.00 14.48 ? 17  GLY A C   1 
ATOM   131  O O   . GLY A 1 17  ? -17.622 -5.189  13.383  1.00 13.42 ? 17  GLY A O   1 
ATOM   132  N N   . GLY A 1 18  ? -18.404 -7.303  13.362  1.00 15.68 ? 18  GLY A N   1 
ATOM   133  C CA  . GLY A 1 18  ? -17.435 -7.641  12.294  1.00 16.85 ? 18  GLY A CA  1 
ATOM   134  C C   . GLY A 1 18  ? -17.669 -6.735  11.059  1.00 13.80 ? 18  GLY A C   1 
ATOM   135  O O   . GLY A 1 18  ? -18.786 -6.275  10.823  1.00 14.50 ? 18  GLY A O   1 
ATOM   136  N N   . LEU A 1 19  ? -16.614 -6.471  10.286  1.00 11.49 ? 19  LEU A N   1 
ATOM   137  C CA  . LEU A 1 19  ? -16.690 -5.619  9.086   1.00 12.66 ? 19  LEU A CA  1 
ATOM   138  C C   . LEU A 1 19  ? -16.069 -6.383  7.885   1.00 12.61 ? 19  LEU A C   1 
ATOM   139  O O   . LEU A 1 19  ? -15.035 -7.024  8.067   1.00 10.70 ? 19  LEU A O   1 
ATOM   140  C CB  . LEU A 1 19  ? -15.802 -4.366  9.293   1.00 13.95 ? 19  LEU A CB  1 
ATOM   141  C CG  . LEU A 1 19  ? -16.440 -3.259  10.157  1.00 17.32 ? 19  LEU A CG  1 
ATOM   142  C CD1 . LEU A 1 19  ? -15.410 -2.435  10.852  1.00 14.52 ? 19  LEU A CD1 1 
ATOM   143  C CD2 . LEU A 1 19  ? -17.309 -2.385  9.173   1.00 15.39 ? 19  LEU A CD2 1 
ATOM   144  N N   . ARG A 1 20  ? -16.663 -6.273  6.692   1.00 11.15 ? 20  ARG A N   1 
ATOM   145  C CA  . ARG A 1 20  ? -16.051 -6.862  5.496   1.00 10.24 ? 20  ARG A CA  1 
ATOM   146  C C   . ARG A 1 20  ? -14.802 -6.028  5.265   1.00 11.03 ? 20  ARG A C   1 
ATOM   147  O O   . ARG A 1 20  ? -14.798 -4.829  5.531   1.00 10.84 ? 20  ARG A O   1 
ATOM   148  C CB  . ARG A 1 20  ? -16.958 -6.716  4.277   1.00 10.79 ? 20  ARG A CB  1 
ATOM   149  C CG  . ARG A 1 20  ? -18.185 -7.694  4.391   1.00 13.95 ? 20  ARG A CG  1 
ATOM   150  C CD  . ARG A 1 20  ? -19.196 -7.481  3.235   1.00 11.88 ? 20  ARG A CD  1 
ATOM   151  N NE  . ARG A 1 20  ? -20.285 -8.465  3.300   1.00 13.79 ? 20  ARG A NE  1 
ATOM   152  C CZ  . ARG A 1 20  ? -21.288 -8.451  4.173   1.00 14.95 ? 20  ARG A CZ  1 
ATOM   153  N NH1 . ARG A 1 20  ? -21.397 -7.502  5.104   1.00 12.14 ? 20  ARG A NH1 1 
ATOM   154  N NH2 . ARG A 1 20  ? -22.177 -9.443  4.114   1.00 19.98 ? 20  ARG A NH2 1 
ATOM   155  N N   . PHE A 1 21  ? -13.741 -6.671  4.786   1.00 8.68  ? 21  PHE A N   1 
ATOM   156  C CA  . PHE A 1 21  ? -12.505 -5.962  4.548   1.00 9.35  ? 21  PHE A CA  1 
ATOM   157  C C   . PHE A 1 21  ? -12.184 -6.244  3.085   1.00 14.05 ? 21  PHE A C   1 
ATOM   158  O O   . PHE A 1 21  ? -12.169 -7.391  2.660   1.00 11.79 ? 21  PHE A O   1 
ATOM   159  C CB  . PHE A 1 21  ? -11.370 -6.498  5.454   1.00 11.70 ? 21  PHE A CB  1 
ATOM   160  C CG  . PHE A 1 21  ? -9.998  -5.974  5.089   1.00 14.00 ? 21  PHE A CG  1 
ATOM   161  C CD1 . PHE A 1 21  ? -9.590  -4.698  5.505   1.00 12.97 ? 21  PHE A CD1 1 
ATOM   162  C CD2 . PHE A 1 21  ? -9.153  -6.739  4.266   1.00 14.40 ? 21  PHE A CD2 1 
ATOM   163  C CE1 . PHE A 1 21  ? -8.308  -4.167  5.096   1.00 13.01 ? 21  PHE A CE1 1 
ATOM   164  C CE2 . PHE A 1 21  ? -7.911  -6.262  3.845   1.00 14.79 ? 21  PHE A CE2 1 
ATOM   165  C CZ  . PHE A 1 21  ? -7.471  -4.952  4.266   1.00 18.99 ? 21  PHE A CZ  1 
ATOM   166  N N   . ARG A 1 22  ? -11.934 -5.179  2.335   1.00 13.71 ? 22  ARG A N   1 
ATOM   167  C CA  . ARG A 1 22  ? -11.576 -5.302  0.918   1.00 16.69 ? 22  ARG A CA  1 
ATOM   168  C C   . ARG A 1 22  ? -10.160 -4.799  0.755   1.00 13.61 ? 22  ARG A C   1 
ATOM   169  O O   . ARG A 1 22  ? -9.911  -3.592  0.950   1.00 16.13 ? 22  ARG A O   1 
ATOM   170  C CB  . ARG A 1 22  ? -12.507 -4.447  0.068   1.00 15.44 ? 22  ARG A CB  1 
ATOM   171  C CG  . ARG A 1 22  ? -13.979 -4.970  0.214   1.00 25.32 ? 22  ARG A CG  1 
ATOM   172  C CD  . ARG A 1 22  ? -14.738 -4.971  -1.153  1.00 37.25 ? 22  ARG A CD  1 
ATOM   173  N NE  . ARG A 1 22  ? -14.896 -3.607  -1.634  1.00 39.08 ? 22  ARG A NE  1 
ATOM   174  C CZ  . ARG A 1 22  ? -15.563 -2.671  -0.972  1.00 44.30 ? 22  ARG A CZ  1 
ATOM   175  N NH1 . ARG A 1 22  ? -16.144 -2.965  0.189   1.00 42.66 ? 22  ARG A NH1 1 
ATOM   176  N NH2 . ARG A 1 22  ? -15.624 -1.427  -1.457  1.00 47.83 ? 22  ARG A NH2 1 
ATOM   177  N N   . GLY A 1 23  ? -9.252  -5.684  0.389   1.00 14.17 ? 23  GLY A N   1 
ATOM   178  C CA  . GLY A 1 23  ? -7.864  -5.249  0.242   1.00 16.47 ? 23  GLY A CA  1 
ATOM   179  C C   . GLY A 1 23  ? -6.858  -6.381  0.347   1.00 18.23 ? 23  GLY A C   1 
ATOM   180  O O   . GLY A 1 23  ? -7.181  -7.537  -0.004  1.00 15.61 ? 23  GLY A O   1 
ATOM   181  N N   . GLU A 1 24  ? -5.699  -6.104  0.934   1.00 15.29 ? 24  GLU A N   1 
ATOM   182  C CA  . GLU A 1 24  ? -4.607  -7.101  0.948   1.00 15.33 ? 24  GLU A CA  1 
ATOM   183  C C   . GLU A 1 24  ? -4.741  -8.253  1.918   1.00 18.09 ? 24  GLU A C   1 
ATOM   184  O O   . GLU A 1 24  ? -5.020  -8.018  3.081   1.00 17.04 ? 24  GLU A O   1 
ATOM   185  C CB  . GLU A 1 24  ? -3.302  -6.367  1.220   1.00 14.71 ? 24  GLU A CB  1 
ATOM   186  C CG  . GLU A 1 24  ? -3.066  -5.249  0.287   1.00 16.23 ? 24  GLU A CG  1 
ATOM   187  C CD  . GLU A 1 24  ? -2.631  -5.794  -1.096  1.00 19.81 ? 24  GLU A CD  1 
ATOM   188  O OE1 . GLU A 1 24  ? -2.142  -6.927  -1.136  1.00 20.78 ? 24  GLU A OE1 1 
ATOM   189  O OE2 . GLU A 1 24  ? -2.762  -5.106  -2.133  1.00 28.28 ? 24  GLU A OE2 1 
ATOM   190  N N   . PRO A 1 25  ? -4.537  -9.512  1.443   1.00 19.54 ? 25  PRO A N   1 
ATOM   191  C CA  . PRO A 1 25  ? -4.636  -10.690 2.315   1.00 20.39 ? 25  PRO A CA  1 
ATOM   192  C C   . PRO A 1 25  ? -3.609  -10.653 3.414   1.00 19.57 ? 25  PRO A C   1 
ATOM   193  O O   . PRO A 1 25  ? -3.782  -11.375 4.392   1.00 19.80 ? 25  PRO A O   1 
ATOM   194  C CB  . PRO A 1 25  ? -4.419  -11.935 1.390   1.00 20.49 ? 25  PRO A CB  1 
ATOM   195  C CG  . PRO A 1 25  ? -3.918  -11.392 0.083   1.00 23.16 ? 25  PRO A CG  1 
ATOM   196  C CD  . PRO A 1 25  ? -4.348  -9.886  0.015   1.00 21.97 ? 25  PRO A CD  1 
ATOM   197  N N   . VAL A 1 26  ? -2.556  -9.834  3.258   1.00 16.24 ? 26  VAL A N   1 
ATOM   198  C CA  . VAL A 1 26  ? -1.549  -9.714  4.318   1.00 17.09 ? 26  VAL A CA  1 
ATOM   199  C C   . VAL A 1 26  ? -2.218  -9.284  5.677   1.00 14.85 ? 26  VAL A C   1 
ATOM   200  O O   . VAL A 1 26  ? -1.638  -9.478  6.755   1.00 14.40 ? 26  VAL A O   1 
ATOM   201  C CB  . VAL A 1 26  ? -0.385  -8.661  3.945   1.00 16.89 ? 26  VAL A CB  1 
ATOM   202  C CG1 . VAL A 1 26  ? -0.892  -7.187  4.051   1.00 18.23 ? 26  VAL A CG1 1 
ATOM   203  C CG2 . VAL A 1 26  ? 0.816   -8.858  4.904   1.00 18.75 ? 26  VAL A CG2 1 
ATOM   204  N N   . VAL A 1 27  ? -3.436  -8.750  5.625   1.00 15.96 ? 27  VAL A N   1 
ATOM   205  C CA  . VAL A 1 27  ? -4.122  -8.334  6.875   1.00 15.84 ? 27  VAL A CA  1 
ATOM   206  C C   . VAL A 1 27  ? -4.271  -9.574  7.794   1.00 16.38 ? 27  VAL A C   1 
ATOM   207  O O   . VAL A 1 27  ? -4.346  -9.458  9.011   1.00 12.87 ? 27  VAL A O   1 
ATOM   208  C CB  . VAL A 1 27  ? -5.528  -7.706  6.574   1.00 15.07 ? 27  VAL A CB  1 
ATOM   209  C CG1 . VAL A 1 27  ? -6.555  -8.796  5.995   1.00 16.39 ? 27  VAL A CG1 1 
ATOM   210  C CG2 . VAL A 1 27  ? -6.132  -7.066  7.866   1.00 14.77 ? 27  VAL A CG2 1 
ATOM   211  N N   . LEU A 1 28  ? -4.295  -10.766 7.194   1.00 15.13 ? 28  LEU A N   1 
ATOM   212  C CA  . LEU A 1 28  ? -4.426  -11.996 7.973   1.00 19.32 ? 28  LEU A CA  1 
ATOM   213  C C   . LEU A 1 28  ? -3.276  -12.224 8.947   1.00 18.07 ? 28  LEU A C   1 
ATOM   214  O O   . LEU A 1 28  ? -3.441  -12.911 9.934   1.00 20.48 ? 28  LEU A O   1 
ATOM   215  C CB  . LEU A 1 28  ? -4.605  -13.208 7.030   1.00 21.79 ? 28  LEU A CB  1 
ATOM   216  C CG  . LEU A 1 28  ? -6.002  -13.196 6.447   1.00 25.20 ? 28  LEU A CG  1 
ATOM   217  C CD1 . LEU A 1 28  ? -6.182  -14.025 5.123   1.00 26.33 ? 28  LEU A CD1 1 
ATOM   218  C CD2 . LEU A 1 28  ? -6.882  -13.685 7.557   1.00 27.80 ? 28  LEU A CD2 1 
ATOM   219  N N   . HIS A 1 29  ? -2.121  -11.599 8.696   1.00 17.71 ? 29  HIS A N   1 
ATOM   220  C CA  . HIS A 1 29  ? -0.976  -11.727 9.573   1.00 20.10 ? 29  HIS A CA  1 
ATOM   221  C C   . HIS A 1 29  ? -0.813  -10.591 10.549  1.00 19.58 ? 29  HIS A C   1 
ATOM   222  O O   . HIS A 1 29  ? 0.162   -10.574 11.270  1.00 21.09 ? 29  HIS A O   1 
ATOM   223  C CB  . HIS A 1 29  ? 0.294   -11.803 8.746   1.00 26.51 ? 29  HIS A CB  1 
ATOM   224  C CG  . HIS A 1 29  ? 0.250   -12.875 7.714   1.00 35.52 ? 29  HIS A CG  1 
ATOM   225  N ND1 . HIS A 1 29  ? 0.143   -14.209 8.048   1.00 40.96 ? 29  HIS A ND1 1 
ATOM   226  C CD2 . HIS A 1 29  ? 0.213   -12.817 6.360   1.00 37.33 ? 29  HIS A CD2 1 
ATOM   227  C CE1 . HIS A 1 29  ? 0.033   -14.927 6.943   1.00 43.05 ? 29  HIS A CE1 1 
ATOM   228  N NE2 . HIS A 1 29  ? 0.074   -14.108 5.906   1.00 41.89 ? 29  HIS A NE2 1 
ATOM   229  N N   . LEU A 1 30  ? -1.753  -9.648  10.585  1.00 14.79 ? 30  LEU A N   1 
ATOM   230  C CA  . LEU A 1 30  ? -1.571  -8.520  11.466  1.00 14.76 ? 30  LEU A CA  1 
ATOM   231  C C   . LEU A 1 30  ? -2.318  -8.613  12.812  1.00 15.39 ? 30  LEU A C   1 
ATOM   232  O O   . LEU A 1 30  ? -3.272  -9.346  12.939  1.00 15.17 ? 30  LEU A O   1 
ATOM   233  C CB  . LEU A 1 30  ? -1.973  -7.207  10.698  1.00 12.88 ? 30  LEU A CB  1 
ATOM   234  C CG  . LEU A 1 30  ? -1.224  -6.930  9.361   1.00 14.10 ? 30  LEU A CG  1 
ATOM   235  C CD1 . LEU A 1 30  ? -1.794  -5.564  8.722   1.00 11.06 ? 30  LEU A CD1 1 
ATOM   236  C CD2 . LEU A 1 30  ? 0.334   -6.816  9.602   1.00 14.44 ? 30  LEU A CD2 1 
ATOM   237  N N   . GLU A 1 31  ? -1.874  -7.838  13.806  1.00 15.47 ? 31  GLU A N   1 
ATOM   238  C CA  . GLU A 1 31  ? -2.523  -7.803  15.133  1.00 15.40 ? 31  GLU A CA  1 
ATOM   239  C C   . GLU A 1 31  ? -3.142  -6.412  15.368  1.00 14.61 ? 31  GLU A C   1 
ATOM   240  O O   . GLU A 1 31  ? -3.918  -6.203  16.350  1.00 13.40 ? 31  GLU A O   1 
ATOM   241  C CB  . GLU A 1 31  ? -1.493  -8.033  16.246  1.00 17.96 ? 31  GLU A CB  1 
ATOM   242  C CG  . GLU A 1 31  ? -0.549  -9.120  15.909  1.00 28.89 ? 31  GLU A CG  1 
ATOM   243  C CD  . GLU A 1 31  ? 0.316   -9.495  17.099  1.00 33.06 ? 31  GLU A CD  1 
ATOM   244  O OE1 . GLU A 1 31  ? 0.950   -8.607  17.734  1.00 35.60 ? 31  GLU A OE1 1 
ATOM   245  O OE2 . GLU A 1 31  ? 0.340   -10.681 17.400  1.00 39.24 ? 31  GLU A OE2 1 
ATOM   246  N N   . ARG A 1 32  ? -2.810  -5.461  14.483  1.00 13.85 ? 32  ARG A N   1 
ATOM   247  C CA  . ARG A 1 32  ? -3.399  -4.106  14.610  1.00 13.04 ? 32  ARG A CA  1 
ATOM   248  C C   . ARG A 1 32  ? -3.390  -3.407  13.252  1.00 12.84 ? 32  ARG A C   1 
ATOM   249  O O   . ARG A 1 32  ? -2.571  -3.742  12.401  1.00 13.94 ? 32  ARG A O   1 
ATOM   250  C CB  . ARG A 1 32  ? -2.588  -3.280  15.613  1.00 13.57 ? 32  ARG A CB  1 
ATOM   251  C CG  . ARG A 1 32  ? -1.158  -3.071  15.097  1.00 16.60 ? 32  ARG A CG  1 
ATOM   252  C CD  . ARG A 1 32  ? -0.276  -2.246  16.052  1.00 19.67 ? 32  ARG A CD  1 
ATOM   253  N NE  . ARG A 1 32  ? 1.110   -2.257  15.540  1.00 17.79 ? 32  ARG A NE  1 
ATOM   254  C CZ  . ARG A 1 32  ? 2.065   -1.456  16.009  1.00 18.17 ? 32  ARG A CZ  1 
ATOM   255  N NH1 . ARG A 1 32  ? 1.805   -0.609  16.992  1.00 16.51 ? 32  ARG A NH1 1 
ATOM   256  N NH2 . ARG A 1 32  ? 3.279   -1.455  15.466  1.00 16.33 ? 32  ARG A NH2 1 
ATOM   257  N N   . VAL A 1 33  ? -4.334  -2.490  13.037  1.00 12.12 ? 33  VAL A N   1 
ATOM   258  C CA  . VAL A 1 33  ? -4.369  -1.702  11.812  1.00 11.21 ? 33  VAL A CA  1 
ATOM   259  C C   . VAL A 1 33  ? -4.746  -0.291  12.196  1.00 11.21 ? 33  VAL A C   1 
ATOM   260  O O   . VAL A 1 33  ? -5.473  -0.097  13.158  1.00 11.64 ? 33  VAL A O   1 
ATOM   261  C CB  . VAL A 1 33  ? -5.412  -2.155  10.765  1.00 10.11 ? 33  VAL A CB  1 
ATOM   262  C CG1 . VAL A 1 33  ? -4.941  -3.470  10.128  1.00 13.34 ? 33  VAL A CG1 1 
ATOM   263  C CG2 . VAL A 1 33  ? -6.837  -2.311  11.393  1.00 8.34  ? 33  VAL A CG2 1 
ATOM   264  N N   . TYR A 1 34  ? -4.230  0.680   11.448  1.00 11.18 ? 34  TYR A N   1 
ATOM   265  C CA  . TYR A 1 34  ? -4.600  2.074   11.717  1.00 12.52 ? 34  TYR A CA  1 
ATOM   266  C C   . TYR A 1 34  ? -5.847  2.348   10.838  1.00 12.87 ? 34  TYR A C   1 
ATOM   267  O O   . TYR A 1 34  ? -5.828  2.070   9.642   1.00 13.72 ? 34  TYR A O   1 
ATOM   268  C CB  . TYR A 1 34  ? -3.445  3.002   11.318  1.00 12.72 ? 34  TYR A CB  1 
ATOM   269  C CG  . TYR A 1 34  ? -3.893  4.432   11.399  1.00 15.34 ? 34  TYR A CG  1 
ATOM   270  C CD1 . TYR A 1 34  ? -3.911  5.100   12.639  1.00 15.71 ? 34  TYR A CD1 1 
ATOM   271  C CD2 . TYR A 1 34  ? -4.315  5.111   10.260  1.00 13.96 ? 34  TYR A CD2 1 
ATOM   272  C CE1 . TYR A 1 34  ? -4.340  6.424   12.720  1.00 18.70 ? 34  TYR A CE1 1 
ATOM   273  C CE2 . TYR A 1 34  ? -4.747  6.484   10.328  1.00 16.60 ? 34  TYR A CE2 1 
ATOM   274  C CZ  . TYR A 1 34  ? -4.745  7.104   11.586  1.00 18.72 ? 34  TYR A CZ  1 
ATOM   275  O OH  . TYR A 1 34  ? -5.125  8.415   11.727  1.00 21.43 ? 34  TYR A OH  1 
ATOM   276  N N   . VAL A 1 35  ? -6.906  2.905   11.419  1.00 10.03 ? 35  VAL A N   1 
ATOM   277  C CA  . VAL A 1 35  ? -8.101  3.181   10.638  1.00 13.43 ? 35  VAL A CA  1 
ATOM   278  C C   . VAL A 1 35  ? -8.168  4.711   10.416  1.00 15.74 ? 35  VAL A C   1 
ATOM   279  O O   . VAL A 1 35  ? -8.096  5.484   11.382  1.00 14.86 ? 35  VAL A O   1 
ATOM   280  C CB  . VAL A 1 35  ? -9.388  2.741   11.380  1.00 12.21 ? 35  VAL A CB  1 
ATOM   281  C CG1 . VAL A 1 35  ? -10.634 3.123   10.625  1.00 14.57 ? 35  VAL A CG1 1 
ATOM   282  C CG2 . VAL A 1 35  ? -9.333  1.196   11.729  1.00 12.06 ? 35  VAL A CG2 1 
ATOM   283  N N   . GLU A 1 36  ? -8.336  5.085   9.148   1.00 13.23 ? 36  GLU A N   1 
ATOM   284  C CA  . GLU A 1 36  ? -8.455  6.475   8.728   1.00 14.91 ? 36  GLU A CA  1 
ATOM   285  C C   . GLU A 1 36  ? -9.274  7.291   9.683   1.00 16.21 ? 36  GLU A C   1 
ATOM   286  O O   . GLU A 1 36  ? -10.419 6.952   9.970   1.00 16.69 ? 36  GLU A O   1 
ATOM   287  C CB  . GLU A 1 36  ? -9.100  6.499   7.330   1.00 17.30 ? 36  GLU A CB  1 
ATOM   288  C CG  . GLU A 1 36  ? -9.353  7.854   6.809   1.00 24.26 ? 36  GLU A CG  1 
ATOM   289  C CD  . GLU A 1 36  ? -9.857  7.812   5.338   1.00 27.97 ? 36  GLU A CD  1 
ATOM   290  O OE1 . GLU A 1 36  ? -10.367 6.761   4.827   1.00 20.15 ? 36  GLU A OE1 1 
ATOM   291  O OE2 . GLU A 1 36  ? -9.735  8.876   4.719   1.00 29.44 ? 36  GLU A OE2 1 
ATOM   292  N N   . GLY A 1 37  ? -8.689  8.372   10.194  1.00 16.63 ? 37  GLY A N   1 
ATOM   293  C CA  . GLY A 1 37  ? -9.427  9.245   11.112  1.00 18.59 ? 37  GLY A CA  1 
ATOM   294  C C   . GLY A 1 37  ? -9.784  8.725   12.491  1.00 18.15 ? 37  GLY A C   1 
ATOM   295  O O   . GLY A 1 37  ? -10.418 9.429   13.280  1.00 19.25 ? 37  GLY A O   1 
ATOM   296  N N   . HIS A 1 38  ? -9.363  7.503   12.809  1.00 15.72 ? 38  HIS A N   1 
ATOM   297  C CA  . HIS A 1 38  ? -9.692  6.907   14.086  1.00 14.84 ? 38  HIS A CA  1 
ATOM   298  C C   . HIS A 1 38  ? -8.535  6.382   14.955  1.00 14.60 ? 38  HIS A C   1 
ATOM   299  O O   . HIS A 1 38  ? -8.733  6.167   16.113  1.00 14.96 ? 38  HIS A O   1 
ATOM   300  C CB  . HIS A 1 38  ? -10.711 5.747   13.902  1.00 19.15 ? 38  HIS A CB  1 
ATOM   301  C CG  . HIS A 1 38  ? -12.076 6.210   13.501  1.00 19.66 ? 38  HIS A CG  1 
ATOM   302  N ND1 . HIS A 1 38  ? -12.375 6.635   12.223  1.00 24.09 ? 38  HIS A ND1 1 
ATOM   303  C CD2 . HIS A 1 38  ? -13.201 6.407   14.238  1.00 25.26 ? 38  HIS A CD2 1 
ATOM   304  C CE1 . HIS A 1 38  ? -13.627 7.072   12.182  1.00 20.34 ? 38  HIS A CE1 1 
ATOM   305  N NE2 . HIS A 1 38  ? -14.147 6.948   13.391  1.00 26.57 ? 38  HIS A NE2 1 
ATOM   306  N N   . GLY A 1 39  ? -7.348  6.154   14.402  1.00 16.98 ? 39  GLY A N   1 
ATOM   307  C CA  . GLY A 1 39  ? -6.269  5.661   15.251  1.00 17.75 ? 39  GLY A CA  1 
ATOM   308  C C   . GLY A 1 39  ? -6.105  4.148   15.143  1.00 18.38 ? 39  GLY A C   1 
ATOM   309  O O   . GLY A 1 39  ? -6.834  3.477   14.393  1.00 12.09 ? 39  GLY A O   1 
ATOM   310  N N   . TRP A 1 40  ? -5.111  3.608   15.846  1.00 15.45 ? 40  TRP A N   1 
ATOM   311  C CA  . TRP A 1 40  ? -4.922  2.154   15.875  1.00 16.66 ? 40  TRP A CA  1 
ATOM   312  C C   . TRP A 1 40  ? -6.165  1.424   16.438  1.00 15.66 ? 40  TRP A C   1 
ATOM   313  O O   . TRP A 1 40  ? -6.881  1.969   17.284  1.00 18.15 ? 40  TRP A O   1 
ATOM   314  C CB  . TRP A 1 40  ? -3.787  1.776   16.858  1.00 15.07 ? 40  TRP A CB  1 
ATOM   315  C CG  . TRP A 1 40  ? -2.460  1.990   16.321  1.00 16.53 ? 40  TRP A CG  1 
ATOM   316  C CD1 . TRP A 1 40  ? -1.460  2.754   16.876  1.00 17.55 ? 40  TRP A CD1 1 
ATOM   317  C CD2 . TRP A 1 40  ? -1.878  1.292   15.229  1.00 14.58 ? 40  TRP A CD2 1 
ATOM   318  N NE1 . TRP A 1 40  ? -0.276  2.542   16.190  1.00 19.00 ? 40  TRP A NE1 1 
ATOM   319  C CE2 . TRP A 1 40  ? -0.506  1.650   15.180  1.00 16.33 ? 40  TRP A CE2 1 
ATOM   320  C CE3 . TRP A 1 40  ? -2.380  0.383   14.282  1.00 15.80 ? 40  TRP A CE3 1 
ATOM   321  C CZ2 . TRP A 1 40  ? 0.372   1.122   14.226  1.00 17.58 ? 40  TRP A CZ2 1 
ATOM   322  C CZ3 . TRP A 1 40  ? -1.531  -0.141  13.349  1.00 14.45 ? 40  TRP A CZ3 1 
ATOM   323  C CH2 . TRP A 1 40  ? -0.155  0.230   13.318  1.00 18.63 ? 40  TRP A CH2 1 
ATOM   324  N N   . ARG A 1 41  ? -6.428  0.227   15.919  1.00 14.21 ? 41  ARG A N   1 
ATOM   325  C CA  . ARG A 1 41  ? -7.469  -0.693  16.482  1.00 13.92 ? 41  ARG A CA  1 
ATOM   326  C C   . ARG A 1 41  ? -6.791  -2.080  16.466  1.00 17.14 ? 41  ARG A C   1 
ATOM   327  O O   . ARG A 1 41  ? -6.169  -2.478  15.435  1.00 14.32 ? 41  ARG A O   1 
ATOM   328  C CB  . ARG A 1 41  ? -8.722  -0.746  15.622  1.00 18.30 ? 41  ARG A CB  1 
ATOM   329  C CG  . ARG A 1 41  ? -9.497  0.561   15.677  1.00 23.16 ? 41  ARG A CG  1 
ATOM   330  C CD  . ARG A 1 41  ? -9.875  0.898   17.142  1.00 30.48 ? 41  ARG A CD  1 
ATOM   331  N NE  . ARG A 1 41  ? -10.883 1.952   17.154  1.00 34.46 ? 41  ARG A NE  1 
ATOM   332  C CZ  . ARG A 1 41  ? -10.601 3.256   17.126  1.00 35.79 ? 41  ARG A CZ  1 
ATOM   333  N NH1 . ARG A 1 41  ? -9.324  3.683   17.113  1.00 29.40 ? 41  ARG A NH1 1 
ATOM   334  N NH2 . ARG A 1 41  ? -11.604 4.141   17.056  1.00 33.19 ? 41  ARG A NH2 1 
ATOM   335  N N   . ALA A 1 42  ? -6.828  -2.776  17.608  1.00 15.92 ? 42  ALA A N   1 
ATOM   336  C CA  . ALA A 1 42  ? -6.247  -4.119  17.663  1.00 17.44 ? 42  ALA A CA  1 
ATOM   337  C C   . ALA A 1 42  ? -7.247  -5.016  16.900  1.00 17.70 ? 42  ALA A C   1 
ATOM   338  O O   . ALA A 1 42  ? -8.464  -4.773  16.933  1.00 15.46 ? 42  ALA A O   1 
ATOM   339  C CB  . ALA A 1 42  ? -6.123  -4.581  19.127  1.00 20.24 ? 42  ALA A CB  1 
ATOM   340  N N   . ILE A 1 43  ? -6.726  -6.022  16.189  1.00 14.61 ? 43  ILE A N   1 
ATOM   341  C CA  . ILE A 1 43  ? -7.597  -6.956  15.500  1.00 15.09 ? 43  ILE A CA  1 
ATOM   342  C C   . ILE A 1 43  ? -7.918  -8.062  16.559  1.00 16.17 ? 43  ILE A C   1 
ATOM   343  O O   . ILE A 1 43  ? -7.027  -8.718  17.033  1.00 13.49 ? 43  ILE A O   1 
ATOM   344  C CB  . ILE A 1 43  ? -6.877  -7.586  14.261  1.00 14.47 ? 43  ILE A CB  1 
ATOM   345  C CG1 . ILE A 1 43  ? -6.677  -6.504  13.199  1.00 13.21 ? 43  ILE A CG1 1 
ATOM   346  C CG2 . ILE A 1 43  ? -7.683  -8.800  13.742  1.00 14.10 ? 43  ILE A CG2 1 
ATOM   347  C CD1 . ILE A 1 43  ? -5.702  -6.951  12.092  1.00 15.38 ? 43  ILE A CD1 1 
ATOM   348  N N   . GLU A 1 44  ? -9.176  -8.214  16.935  1.00 13.16 ? 44  GLU A N   1 
ATOM   349  C CA  . GLU A 1 44  ? -9.540  -9.269  17.906  1.00 20.16 ? 44  GLU A CA  1 
ATOM   350  C C   . GLU A 1 44  ? -9.775  -10.584 17.169  1.00 18.34 ? 44  GLU A C   1 
ATOM   351  O O   . GLU A 1 44  ? -9.545  -11.665 17.718  1.00 18.47 ? 44  GLU A O   1 
ATOM   352  C CB  . GLU A 1 44  ? -10.831 -8.955  18.600  1.00 21.27 ? 44  GLU A CB  1 
ATOM   353  C CG  . GLU A 1 44  ? -10.909 -7.535  19.064  1.00 33.77 ? 44  GLU A CG  1 
ATOM   354  C CD  . GLU A 1 44  ? -10.383 -7.351  20.467  1.00 42.35 ? 44  GLU A CD  1 
ATOM   355  O OE1 . GLU A 1 44  ? -9.164  -7.592  20.710  1.00 40.76 ? 44  GLU A OE1 1 
ATOM   356  O OE2 . GLU A 1 44  ? -11.220 -6.959  21.317  1.00 46.30 ? 44  GLU A OE2 1 
ATOM   357  N N   . ASP A 1 45  ? -10.261 -10.503 15.937  1.00 14.11 ? 45  ASP A N   1 
ATOM   358  C CA  . ASP A 1 45  ? -10.487 -11.767 15.211  1.00 16.16 ? 45  ASP A CA  1 
ATOM   359  C C   . ASP A 1 45  ? -10.672 -11.429 13.724  1.00 15.06 ? 45  ASP A C   1 
ATOM   360  O O   . ASP A 1 45  ? -10.969 -10.299 13.360  1.00 15.11 ? 45  ASP A O   1 
ATOM   361  C CB  . ASP A 1 45  ? -11.793 -12.469 15.724  1.00 17.74 ? 45  ASP A CB  1 
ATOM   362  C CG  . ASP A 1 45  ? -11.964 -13.936 15.176  1.00 19.78 ? 45  ASP A CG  1 
ATOM   363  O OD1 . ASP A 1 45  ? -10.964 -14.562 14.742  1.00 19.21 ? 45  ASP A OD1 1 
ATOM   364  O OD2 . ASP A 1 45  ? -13.108 -14.439 15.197  1.00 18.87 ? 45  ASP A OD2 1 
ATOM   365  N N   . LEU A 1 46  ? -10.397 -12.404 12.879  1.00 14.15 ? 46  LEU A N   1 
ATOM   366  C CA  . LEU A 1 46  ? -10.633 -12.236 11.452  1.00 15.19 ? 46  LEU A CA  1 
ATOM   367  C C   . LEU A 1 46  ? -10.751 -13.581 10.832  1.00 15.05 ? 46  LEU A C   1 
ATOM   368  O O   . LEU A 1 46  ? -10.271 -14.570 11.389  1.00 14.56 ? 46  LEU A O   1 
ATOM   369  C CB  . LEU A 1 46  ? -9.561  -11.425 10.729  1.00 20.77 ? 46  LEU A CB  1 
ATOM   370  C CG  . LEU A 1 46  ? -8.109  -11.351 11.097  1.00 27.52 ? 46  LEU A CG  1 
ATOM   371  C CD1 . LEU A 1 46  ? -7.455  -12.760 11.259  1.00 28.06 ? 46  LEU A CD1 1 
ATOM   372  C CD2 . LEU A 1 46  ? -7.490  -10.487 9.960   1.00 28.51 ? 46  LEU A CD2 1 
ATOM   373  N N   . TYR A 1 47  ? -11.431 -13.642 9.705   1.00 12.86 ? 47  TYR A N   1 
ATOM   374  C CA  . TYR A 1 47  ? -11.674 -14.946 9.070   1.00 16.61 ? 47  TYR A CA  1 
ATOM   375  C C   . TYR A 1 47  ? -12.261 -14.745 7.699   1.00 18.92 ? 47  TYR A C   1 
ATOM   376  O O   . TYR A 1 47  ? -12.802 -13.654 7.375   1.00 16.30 ? 47  TYR A O   1 
ATOM   377  C CB  . TYR A 1 47  ? -12.674 -15.823 9.862   1.00 15.77 ? 47  TYR A CB  1 
ATOM   378  C CG  . TYR A 1 47  ? -13.938 -15.149 10.397  1.00 17.91 ? 47  TYR A CG  1 
ATOM   379  C CD1 . TYR A 1 47  ? -15.052 -14.896 9.558   1.00 18.72 ? 47  TYR A CD1 1 
ATOM   380  C CD2 . TYR A 1 47  ? -13.958 -14.621 11.685  1.00 17.61 ? 47  TYR A CD2 1 
ATOM   381  C CE1 . TYR A 1 47  ? -16.118 -14.115 9.985   1.00 21.13 ? 47  TYR A CE1 1 
ATOM   382  C CE2 . TYR A 1 47  ? -15.038 -13.815 12.132  1.00 19.68 ? 47  TYR A CE2 1 
ATOM   383  C CZ  . TYR A 1 47  ? -16.108 -13.569 11.265  1.00 19.20 ? 47  TYR A CZ  1 
ATOM   384  O OH  . TYR A 1 47  ? -17.118 -12.765 11.679  1.00 18.70 ? 47  TYR A OH  1 
ATOM   385  N N   . ARG A 1 48  ? -12.182 -15.814 6.905   1.00 20.61 ? 48  ARG A N   1 
ATOM   386  C CA  . ARG A 1 48  ? -12.764 -15.809 5.557   1.00 19.23 ? 48  ARG A CA  1 
ATOM   387  C C   . ARG A 1 48  ? -14.107 -16.464 5.607   1.00 18.24 ? 48  ARG A C   1 
ATOM   388  O O   . ARG A 1 48  ? -14.306 -17.467 6.331   1.00 20.84 ? 48  ARG A O   1 
ATOM   389  C CB  . ARG A 1 48  ? -11.899 -16.631 4.572   1.00 21.27 ? 48  ARG A CB  1 
ATOM   390  C CG  . ARG A 1 48  ? -10.517 -16.086 4.383   1.00 23.87 ? 48  ARG A CG  1 
ATOM   391  C CD  . ARG A 1 48  ? -9.799  -16.923 3.343   1.00 29.70 ? 48  ARG A CD  1 
ATOM   392  N NE  . ARG A 1 48  ? -8.494  -16.369 3.063   1.00 28.60 ? 48  ARG A NE  1 
ATOM   393  C CZ  . ARG A 1 48  ? -8.273  -15.372 2.215   1.00 28.48 ? 48  ARG A CZ  1 
ATOM   394  N NH1 . ARG A 1 48  ? -9.273  -14.805 1.557   1.00 25.71 ? 48  ARG A NH1 1 
ATOM   395  N NH2 . ARG A 1 48  ? -7.030  -14.971 2.008   1.00 32.40 ? 48  ARG A NH2 1 
ATOM   396  N N   . VAL A 1 49  ? -15.010 -15.938 4.781   1.00 19.37 ? 49  VAL A N   1 
ATOM   397  C CA  . VAL A 1 49  ? -16.355 -16.472 4.580   1.00 23.15 ? 49  VAL A CA  1 
ATOM   398  C C   . VAL A 1 49  ? -16.489 -16.407 3.044   1.00 26.85 ? 49  VAL A C   1 
ATOM   399  O O   . VAL A 1 49  ? -16.656 -15.312 2.474   1.00 23.90 ? 49  VAL A O   1 
ATOM   400  C CB  . VAL A 1 49  ? -17.457 -15.587 5.110   1.00 26.53 ? 49  VAL A CB  1 
ATOM   401  C CG1 . VAL A 1 49  ? -18.798 -16.211 4.741   1.00 27.33 ? 49  VAL A CG1 1 
ATOM   402  C CG2 . VAL A 1 49  ? -17.309 -15.384 6.590   1.00 26.75 ? 49  VAL A CG2 1 
ATOM   403  N N   . GLY A 1 50  ? -16.431 -17.577 2.395   1.00 27.43 ? 50  GLY A N   1 
ATOM   404  C CA  . GLY A 1 50  ? -16.494 -17.626 0.942   1.00 24.54 ? 50  GLY A CA  1 
ATOM   405  C C   . GLY A 1 50  ? -15.308 -16.861 0.436   1.00 24.92 ? 50  GLY A C   1 
ATOM   406  O O   . GLY A 1 50  ? -14.167 -17.101 0.845   1.00 27.05 ? 50  GLY A O   1 
ATOM   407  N N   . GLU A 1 51  ? -15.542 -15.896 -0.444  1.00 25.46 ? 51  GLU A N   1 
ATOM   408  C CA  . GLU A 1 51  ? -14.425 -15.127 -0.966  1.00 26.14 ? 51  GLU A CA  1 
ATOM   409  C C   . GLU A 1 51  ? -14.263 -13.792 -0.209  1.00 25.56 ? 51  GLU A C   1 
ATOM   410  O O   . GLU A 1 51  ? -13.495 -12.918 -0.628  1.00 25.66 ? 51  GLU A O   1 
ATOM   411  C CB  . GLU A 1 51  ? -14.628 -14.845 -2.452  1.00 33.56 ? 51  GLU A CB  1 
ATOM   412  C CG  . GLU A 1 51  ? -14.680 -16.099 -3.331  1.00 41.77 ? 51  GLU A CG  1 
ATOM   413  C CD  . GLU A 1 51  ? -14.649 -15.743 -4.823  1.00 50.78 ? 51  GLU A CD  1 
ATOM   414  O OE1 . GLU A 1 51  ? -15.599 -15.059 -5.303  1.00 54.07 ? 51  GLU A OE1 1 
ATOM   415  O OE2 . GLU A 1 51  ? -13.673 -16.139 -5.513  1.00 53.63 ? 51  GLU A OE2 1 
ATOM   416  N N   . GLU A 1 52  ? -14.995 -13.610 0.878   1.00 19.66 ? 52  GLU A N   1 
ATOM   417  C CA  . GLU A 1 52  ? -14.836 -12.353 1.594   1.00 18.81 ? 52  GLU A CA  1 
ATOM   418  C C   . GLU A 1 52  ? -13.944 -12.564 2.824   1.00 20.56 ? 52  GLU A C   1 
ATOM   419  O O   . GLU A 1 52  ? -13.670 -13.725 3.236   1.00 18.33 ? 52  GLU A O   1 
ATOM   420  C CB  . GLU A 1 52  ? -16.177 -11.857 2.039   1.00 19.51 ? 52  GLU A CB  1 
ATOM   421  C CG  . GLU A 1 52  ? -17.090 -11.540 0.844   1.00 18.69 ? 52  GLU A CG  1 
ATOM   422  C CD  . GLU A 1 52  ? -18.443 -11.066 1.329   1.00 25.76 ? 52  GLU A CD  1 
ATOM   423  O OE1 . GLU A 1 52  ? -19.309 -11.931 1.572   1.00 28.24 ? 52  GLU A OE1 1 
ATOM   424  O OE2 . GLU A 1 52  ? -18.637 -9.856  1.511   1.00 23.35 ? 52  GLU A OE2 1 
ATOM   425  N N   . LEU A 1 53  ? -13.567 -11.446 3.432   1.00 16.84 ? 53  LEU A N   1 
ATOM   426  C CA  . LEU A 1 53  ? -12.718 -11.484 4.628   1.00 17.05 ? 53  LEU A CA  1 
ATOM   427  C C   . LEU A 1 53  ? -13.414 -10.563 5.630   1.00 14.37 ? 53  LEU A C   1 
ATOM   428  O O   . LEU A 1 53  ? -13.768 -9.451  5.259   1.00 12.24 ? 53  LEU A O   1 
ATOM   429  C CB  . LEU A 1 53  ? -11.342 -10.931 4.246   1.00 23.18 ? 53  LEU A CB  1 
ATOM   430  C CG  . LEU A 1 53  ? -10.161 -11.376 5.124   1.00 29.70 ? 53  LEU A CG  1 
ATOM   431  C CD1 . LEU A 1 53  ? -8.923  -11.449 4.257   1.00 30.88 ? 53  LEU A CD1 1 
ATOM   432  C CD2 . LEU A 1 53  ? -9.964  -10.360 6.274   1.00 31.17 ? 53  LEU A CD2 1 
ATOM   433  N N   . VAL A 1 54  ? -13.577 -11.001 6.865   1.00 11.94 ? 54  VAL A N   1 
ATOM   434  C CA  . VAL A 1 54  ? -14.272 -10.216 7.879   1.00 12.83 ? 54  VAL A CA  1 
ATOM   435  C C   . VAL A 1 54  ? -13.270 -9.972  9.028   1.00 13.98 ? 54  VAL A C   1 
ATOM   436  O O   . VAL A 1 54  ? -12.548 -10.891 9.442   1.00 13.79 ? 54  VAL A O   1 
ATOM   437  C CB  . VAL A 1 54  ? -15.511 -11.006 8.380   1.00 14.62 ? 54  VAL A CB  1 
ATOM   438  C CG1 . VAL A 1 54  ? -16.077 -10.352 9.599   1.00 10.35 ? 54  VAL A CG1 1 
ATOM   439  C CG2 . VAL A 1 54  ? -16.635 -11.151 7.195   1.00 13.70 ? 54  VAL A CG2 1 
ATOM   440  N N   . VAL A 1 55  ? -13.238 -8.726  9.523   1.00 13.60 ? 55  VAL A N   1 
ATOM   441  C CA  . VAL A 1 55  ? -12.336 -8.326  10.586  1.00 9.61  ? 55  VAL A CA  1 
ATOM   442  C C   . VAL A 1 55  ? -13.114 -7.804  11.767  1.00 13.62 ? 55  VAL A C   1 
ATOM   443  O O   . VAL A 1 55  ? -14.035 -6.988  11.594  1.00 11.97 ? 55  VAL A O   1 
ATOM   444  C CB  . VAL A 1 55  ? -11.406 -7.148  10.098  1.00 15.72 ? 55  VAL A CB  1 
ATOM   445  C CG1 . VAL A 1 55  ? -10.440 -6.687  11.258  1.00 15.48 ? 55  VAL A CG1 1 
ATOM   446  C CG2 . VAL A 1 55  ? -10.567 -7.611  8.929   1.00 19.01 ? 55  VAL A CG2 1 
ATOM   447  N N   . HIS A 1 56  ? -12.712 -8.227  12.961  1.00 13.81 ? 56  HIS A N   1 
ATOM   448  C CA  . HIS A 1 56  ? -13.333 -7.755  14.200  1.00 15.40 ? 56  HIS A CA  1 
ATOM   449  C C   . HIS A 1 56  ? -12.290 -6.917  14.909  1.00 13.08 ? 56  HIS A C   1 
ATOM   450  O O   . HIS A 1 56  ? -11.191 -7.425  15.219  1.00 15.27 ? 56  HIS A O   1 
ATOM   451  C CB  . HIS A 1 56  ? -13.706 -8.953  15.086  1.00 14.99 ? 56  HIS A CB  1 
ATOM   452  C CG  . HIS A 1 56  ? -14.893 -9.700  14.567  1.00 14.43 ? 56  HIS A CG  1 
ATOM   453  N ND1 . HIS A 1 56  ? -16.167 -9.535  15.077  1.00 14.59 ? 56  HIS A ND1 1 
ATOM   454  C CD2 . HIS A 1 56  ? -15.007 -10.590 13.553  1.00 14.63 ? 56  HIS A CD2 1 
ATOM   455  C CE1 . HIS A 1 56  ? -17.012 -10.303 14.400  1.00 16.69 ? 56  HIS A CE1 1 
ATOM   456  N NE2 . HIS A 1 56  ? -16.336 -10.955 13.474  1.00 14.53 ? 56  HIS A NE2 1 
ATOM   457  N N   . LEU A 1 57  ? -12.620 -5.646  15.128  1.00 12.64 ? 57  LEU A N   1 
ATOM   458  C CA  . LEU A 1 57  ? -11.731 -4.687  15.794  1.00 15.26 ? 57  LEU A CA  1 
ATOM   459  C C   . LEU A 1 57  ? -12.101 -4.499  17.280  1.00 19.03 ? 57  LEU A C   1 
ATOM   460  O O   . LEU A 1 57  ? -13.289 -4.528  17.611  1.00 17.23 ? 57  LEU A O   1 
ATOM   461  C CB  . LEU A 1 57  ? -11.827 -3.321  15.108  1.00 13.00 ? 57  LEU A CB  1 
ATOM   462  C CG  . LEU A 1 57  ? -11.391 -3.333  13.628  1.00 13.16 ? 57  LEU A CG  1 
ATOM   463  C CD1 . LEU A 1 57  ? -11.459 -1.854  13.141  1.00 14.83 ? 57  LEU A CD1 1 
ATOM   464  C CD2 . LEU A 1 57  ? -9.954  -3.863  13.434  1.00 11.21 ? 57  LEU A CD2 1 
ATOM   465  N N   . ALA A 1 58  ? -11.075 -4.325  18.134  1.00 20.18 ? 58  ALA A N   1 
ATOM   466  C CA  . ALA A 1 58  ? -11.259 -4.094  19.577  1.00 23.56 ? 58  ALA A CA  1 
ATOM   467  C C   . ALA A 1 58  ? -12.242 -2.940  19.738  1.00 21.26 ? 58  ALA A C   1 
ATOM   468  O O   . ALA A 1 58  ? -12.095 -1.892  19.084  1.00 22.29 ? 58  ALA A O   1 
ATOM   469  C CB  . ALA A 1 58  ? -9.897  -3.699  20.231  1.00 23.43 ? 58  ALA A CB  1 
ATOM   470  N N   . GLY A 1 59  ? -13.270 -3.141  20.566  1.00 24.84 ? 59  GLY A N   1 
ATOM   471  C CA  . GLY A 1 59  ? -14.244 -2.071  20.759  1.00 24.98 ? 59  GLY A CA  1 
ATOM   472  C C   . GLY A 1 59  ? -15.326 -1.883  19.680  1.00 27.34 ? 59  GLY A C   1 
ATOM   473  O O   . GLY A 1 59  ? -16.164 -0.979  19.823  1.00 25.32 ? 59  GLY A O   1 
ATOM   474  N N   . VAL A 1 60  ? -15.332 -2.689  18.604  1.00 22.29 ? 60  VAL A N   1 
ATOM   475  C CA  . VAL A 1 60  ? -16.349 -2.532  17.534  1.00 19.86 ? 60  VAL A CA  1 
ATOM   476  C C   . VAL A 1 60  ? -17.199 -3.770  17.709  1.00 21.45 ? 60  VAL A C   1 
ATOM   477  O O   . VAL A 1 60  ? -16.986 -4.847  17.088  1.00 17.50 ? 60  VAL A O   1 
ATOM   478  C CB  . VAL A 1 60  ? -15.706 -2.471  16.131  1.00 21.84 ? 60  VAL A CB  1 
ATOM   479  C CG1 . VAL A 1 60  ? -16.837 -2.327  15.028  1.00 17.83 ? 60  VAL A CG1 1 
ATOM   480  C CG2 . VAL A 1 60  ? -14.771 -1.276  16.063  1.00 20.26 ? 60  VAL A CG2 1 
ATOM   481  N N   . THR A 1 61  ? -18.178 -3.616  18.595  1.00 20.03 ? 61  THR A N   1 
ATOM   482  C CA  . THR A 1 61  ? -18.983 -4.749  19.047  1.00 23.23 ? 61  THR A CA  1 
ATOM   483  C C   . THR A 1 61  ? -20.438 -4.855  18.599  1.00 23.27 ? 61  THR A C   1 
ATOM   484  O O   . THR A 1 61  ? -21.174 -5.721  19.064  1.00 24.30 ? 61  THR A O   1 
ATOM   485  C CB  . THR A 1 61  ? -18.872 -4.781  20.614  1.00 24.61 ? 61  THR A CB  1 
ATOM   486  O OG1 . THR A 1 61  ? -19.121 -3.454  21.080  1.00 24.25 ? 61  THR A OG1 1 
ATOM   487  C CG2 . THR A 1 61  ? -17.506 -5.149  21.047  1.00 27.33 ? 61  THR A CG2 1 
ATOM   488  N N   . ASP A 1 62  ? -20.852 -3.996  17.695  1.00 23.37 ? 62  ASP A N   1 
ATOM   489  C CA  . ASP A 1 62  ? -22.191 -4.112  17.138  1.00 26.47 ? 62  ASP A CA  1 
ATOM   490  C C   . ASP A 1 62  ? -22.239 -3.360  15.815  1.00 24.08 ? 62  ASP A C   1 
ATOM   491  O O   . ASP A 1 62  ? -21.320 -2.625  15.469  1.00 24.13 ? 62  ASP A O   1 
ATOM   492  C CB  . ASP A 1 62  ? -23.280 -3.580  18.097  1.00 29.00 ? 62  ASP A CB  1 
ATOM   493  C CG  . ASP A 1 62  ? -23.037 -2.151  18.476  1.00 27.97 ? 62  ASP A CG  1 
ATOM   494  O OD1 . ASP A 1 62  ? -23.013 -1.282  17.585  1.00 30.07 ? 62  ASP A OD1 1 
ATOM   495  O OD2 . ASP A 1 62  ? -22.831 -1.916  19.678  1.00 35.79 ? 62  ASP A OD2 1 
ATOM   496  N N   . ARG A 1 63  ? -23.329 -3.535  15.082  1.00 23.36 ? 63  ARG A N   1 
ATOM   497  C CA  . ARG A 1 63  ? -23.444 -2.914  13.788  1.00 23.99 ? 63  ARG A CA  1 
ATOM   498  C C   . ARG A 1 63  ? -23.375 -1.416  13.816  1.00 22.75 ? 63  ARG A C   1 
ATOM   499  O O   . ARG A 1 63  ? -22.866 -0.796  12.901  1.00 23.99 ? 63  ARG A O   1 
ATOM   500  C CB  . ARG A 1 63  ? -24.718 -3.378  13.093  1.00 23.79 ? 63  ARG A CB  1 
ATOM   501  C CG  . ARG A 1 63  ? -24.704 -4.875  12.796  1.00 23.89 ? 63  ARG A CG  1 
ATOM   502  C CD  . ARG A 1 63  ? -25.893 -5.262  11.858  1.00 20.04 ? 63  ARG A CD  1 
ATOM   503  N NE  . ARG A 1 63  ? -25.855 -4.524  10.605  1.00 20.29 ? 63  ARG A NE  1 
ATOM   504  C CZ  . ARG A 1 63  ? -25.332 -5.015  9.471   1.00 20.46 ? 63  ARG A CZ  1 
ATOM   505  N NH1 . ARG A 1 63  ? -24.798 -6.232  9.446   1.00 17.55 ? 63  ARG A NH1 1 
ATOM   506  N NH2 . ARG A 1 63  ? -25.367 -4.306  8.347   1.00 20.29 ? 63  ARG A NH2 1 
ATOM   507  N N   . THR A 1 64  ? -23.865 -0.809  14.871  1.00 23.13 ? 64  THR A N   1 
ATOM   508  C CA  . THR A 1 64  ? -23.786 0.645   14.891  1.00 22.42 ? 64  THR A CA  1 
ATOM   509  C C   . THR A 1 64  ? -22.327 1.141   14.955  1.00 21.88 ? 64  THR A C   1 
ATOM   510  O O   . THR A 1 64  ? -21.941 2.062   14.253  1.00 22.24 ? 64  THR A O   1 
ATOM   511  C CB  . THR A 1 64  ? -24.640 1.191   16.090  1.00 27.16 ? 64  THR A CB  1 
ATOM   512  O OG1 . THR A 1 64  ? -26.008 0.772   15.918  1.00 31.73 ? 64  THR A OG1 1 
ATOM   513  C CG2 . THR A 1 64  ? -24.589 2.684   16.136  1.00 26.89 ? 64  THR A CG2 1 
ATOM   514  N N   . LEU A 1 65  ? -21.500 0.524   15.796  1.00 22.57 ? 65  LEU A N   1 
ATOM   515  C CA  . LEU A 1 65  ? -20.099 0.951   15.870  1.00 20.65 ? 65  LEU A CA  1 
ATOM   516  C C   . LEU A 1 65  ? -19.439 0.610   14.513  1.00 19.30 ? 65  LEU A C   1 
ATOM   517  O O   . LEU A 1 65  ? -18.575 1.351   13.997  1.00 19.10 ? 65  LEU A O   1 
ATOM   518  C CB  . LEU A 1 65  ? -19.411 0.188   17.009  1.00 23.21 ? 65  LEU A CB  1 
ATOM   519  C CG  . LEU A 1 65  ? -19.946 0.516   18.438  1.00 28.93 ? 65  LEU A CG  1 
ATOM   520  C CD1 . LEU A 1 65  ? -19.645 -0.641  19.377  1.00 23.80 ? 65  LEU A CD1 1 
ATOM   521  C CD2 . LEU A 1 65  ? -19.306 1.798   18.974  1.00 24.16 ? 65  LEU A CD2 1 
ATOM   522  N N   . ALA A 1 66  ? -19.850 -0.516  13.937  1.00 17.47 ? 66  ALA A N   1 
ATOM   523  C CA  . ALA A 1 66  ? -19.244 -0.924  12.666  1.00 17.55 ? 66  ALA A CA  1 
ATOM   524  C C   . ALA A 1 66  ? -19.582 0.062   11.527  1.00 17.63 ? 66  ALA A C   1 
ATOM   525  O O   . ALA A 1 66  ? -18.698 0.441   10.730  1.00 15.39 ? 66  ALA A O   1 
ATOM   526  C CB  . ALA A 1 66  ? -19.676 -2.340  12.316  1.00 13.84 ? 66  ALA A CB  1 
ATOM   527  N N   . GLU A 1 67  ? -20.832 0.507   11.444  1.00 18.44 ? 67  GLU A N   1 
ATOM   528  C CA  . GLU A 1 67  ? -21.217 1.414   10.361  1.00 18.79 ? 67  GLU A CA  1 
ATOM   529  C C   . GLU A 1 67  ? -20.382 2.639   10.391  1.00 17.00 ? 67  GLU A C   1 
ATOM   530  O O   . GLU A 1 67  ? -20.110 3.190   9.356   1.00 18.44 ? 67  GLU A O   1 
ATOM   531  C CB  . GLU A 1 67  ? -22.696 1.852   10.434  1.00 21.35 ? 67  GLU A CB  1 
ATOM   532  C CG  . GLU A 1 67  ? -23.675 0.792   10.040  1.00 26.86 ? 67  GLU A CG  1 
ATOM   533  C CD  . GLU A 1 67  ? -23.721 0.452   8.533   1.00 21.40 ? 67  GLU A CD  1 
ATOM   534  O OE1 . GLU A 1 67  ? -24.395 -0.522  8.212   1.00 25.63 ? 67  GLU A OE1 1 
ATOM   535  O OE2 . GLU A 1 67  ? -23.154 1.138   7.653   1.00 25.31 ? 67  GLU A OE2 1 
ATOM   536  N N   . ALA A 1 68  ? -19.996 3.109   11.572  1.00 21.18 ? 68  ALA A N   1 
ATOM   537  C CA  . ALA A 1 68  ? -19.139 4.309   11.615  1.00 20.57 ? 68  ALA A CA  1 
ATOM   538  C C   . ALA A 1 68  ? -17.820 4.144   10.859  1.00 22.10 ? 68  ALA A C   1 
ATOM   539  O O   . ALA A 1 68  ? -17.192 5.137   10.475  1.00 24.77 ? 68  ALA A O   1 
ATOM   540  C CB  . ALA A 1 68  ? -18.835 4.697   13.086  1.00 23.68 ? 68  ALA A CB  1 
ATOM   541  N N   . LEU A 1 69  ? -17.385 2.897   10.617  1.00 18.65 ? 69  LEU A N   1 
ATOM   542  C CA  . LEU A 1 69  ? -16.109 2.693   9.933   1.00 18.12 ? 69  LEU A CA  1 
ATOM   543  C C   . LEU A 1 69  ? -16.187 2.229   8.472   1.00 18.93 ? 69  LEU A C   1 
ATOM   544  O O   . LEU A 1 69  ? -15.150 2.109   7.761   1.00 15.08 ? 69  LEU A O   1 
ATOM   545  C CB  . LEU A 1 69  ? -15.281 1.690   10.738  1.00 18.42 ? 69  LEU A CB  1 
ATOM   546  C CG  . LEU A 1 69  ? -15.037 1.966   12.239  1.00 18.90 ? 69  LEU A CG  1 
ATOM   547  C CD1 . LEU A 1 69  ? -14.096 0.821   12.778  1.00 18.20 ? 69  LEU A CD1 1 
ATOM   548  C CD2 . LEU A 1 69  ? -14.393 3.337   12.466  1.00 18.34 ? 69  LEU A CD2 1 
ATOM   549  N N   . VAL A 1 70  ? -17.418 2.022   7.997   1.00 18.03 ? 70  VAL A N   1 
ATOM   550  C CA  . VAL A 1 70  ? -17.584 1.578   6.629   1.00 18.40 ? 70  VAL A CA  1 
ATOM   551  C C   . VAL A 1 70  ? -16.984 2.566   5.612   1.00 18.06 ? 70  VAL A C   1 
ATOM   552  O O   . VAL A 1 70  ? -17.163 3.769   5.723   1.00 15.88 ? 70  VAL A O   1 
ATOM   553  C CB  . VAL A 1 70  ? -19.084 1.339   6.312   1.00 18.60 ? 70  VAL A CB  1 
ATOM   554  C CG1 . VAL A 1 70  ? -19.243 0.938   4.891   1.00 17.17 ? 70  VAL A CG1 1 
ATOM   555  C CG2 . VAL A 1 70  ? -19.627 0.239   7.266   1.00 15.35 ? 70  VAL A CG2 1 
ATOM   556  N N   . GLY A 1 71  ? -16.238 2.032   4.644   1.00 15.54 ? 71  GLY A N   1 
ATOM   557  C CA  . GLY A 1 71  ? -15.663 2.851   3.598   1.00 15.71 ? 71  GLY A CA  1 
ATOM   558  C C   . GLY A 1 71  ? -14.334 3.483   3.999   1.00 18.12 ? 71  GLY A C   1 
ATOM   559  O O   . GLY A 1 71  ? -13.677 4.003   3.131   1.00 17.04 ? 71  GLY A O   1 
ATOM   560  N N   . LEU A 1 72  ? -13.943 3.421   5.278   1.00 14.59 ? 72  LEU A N   1 
ATOM   561  C CA  . LEU A 1 72  ? -12.654 4.016   5.672   1.00 17.60 ? 72  LEU A CA  1 
ATOM   562  C C   . LEU A 1 72  ? -11.440 3.193   5.247   1.00 17.75 ? 72  LEU A C   1 
ATOM   563  O O   . LEU A 1 72  ? -11.474 1.939   5.238   1.00 14.83 ? 72  LEU A O   1 
ATOM   564  C CB  . LEU A 1 72  ? -12.579 4.251   7.198   1.00 16.25 ? 72  LEU A CB  1 
ATOM   565  C CG  . LEU A 1 72  ? -13.639 5.171   7.814   1.00 18.42 ? 72  LEU A CG  1 
ATOM   566  C CD1 . LEU A 1 72  ? -13.494 5.296   9.384   1.00 16.13 ? 72  LEU A CD1 1 
ATOM   567  C CD2 . LEU A 1 72  ? -13.505 6.565   7.090   1.00 19.25 ? 72  LEU A CD2 1 
ATOM   568  N N   . ARG A 1 73  ? -10.359 3.907   4.904   1.00 14.05 ? 73  ARG A N   1 
ATOM   569  C CA  . ARG A 1 73  ? -9.139  3.233   4.500   1.00 13.96 ? 73  ARG A CA  1 
ATOM   570  C C   . ARG A 1 73  ? -8.454  2.643   5.742   1.00 12.56 ? 73  ARG A C   1 
ATOM   571  O O   . ARG A 1 73  ? -8.493  3.220   6.844   1.00 12.92 ? 73  ARG A O   1 
ATOM   572  C CB  . ARG A 1 73  ? -8.168  4.193   3.782   1.00 17.64 ? 73  ARG A CB  1 
ATOM   573  C CG  . ARG A 1 73  ? -8.692  4.708   2.434   1.00 26.63 ? 73  ARG A CG  1 
ATOM   574  C CD  . ARG A 1 73  ? -7.782  5.853   1.979   1.00 31.41 ? 73  ARG A CD  1 
ATOM   575  N NE  . ARG A 1 73  ? -8.395  6.774   1.028   1.00 43.43 ? 73  ARG A NE  1 
ATOM   576  C CZ  . ARG A 1 73  ? -8.993  6.412   -0.114  1.00 48.57 ? 73  ARG A CZ  1 
ATOM   577  N NH1 . ARG A 1 73  ? -9.076  5.125   -0.468  1.00 51.33 ? 73  ARG A NH1 1 
ATOM   578  N NH2 . ARG A 1 73  ? -9.518  7.339   -0.918  1.00 50.57 ? 73  ARG A NH2 1 
ATOM   579  N N   . VAL A 1 74  ? -7.775  1.540   5.500   1.00 11.21 ? 74  VAL A N   1 
ATOM   580  C CA  . VAL A 1 74  ? -7.073  0.797   6.529   1.00 10.71 ? 74  VAL A CA  1 
ATOM   581  C C   . VAL A 1 74  ? -5.572  0.709   6.184   1.00 8.67  ? 74  VAL A C   1 
ATOM   582  O O   . VAL A 1 74  ? -5.197  0.394   5.042   1.00 12.97 ? 74  VAL A O   1 
ATOM   583  C CB  . VAL A 1 74  ? -7.722  -0.617  6.625   1.00 13.70 ? 74  VAL A CB  1 
ATOM   584  C CG1 . VAL A 1 74  ? -6.990  -1.468  7.712   1.00 12.63 ? 74  VAL A CG1 1 
ATOM   585  C CG2 . VAL A 1 74  ? -9.283  -0.443  6.942   1.00 14.52 ? 74  VAL A CG2 1 
ATOM   586  N N   . TYR A 1 75  ? -4.748  0.921   7.202   1.00 10.32 ? 75  TYR A N   1 
ATOM   587  C CA  . TYR A 1 75  ? -3.299  0.981   7.044   1.00 15.18 ? 75  TYR A CA  1 
ATOM   588  C C   . TYR A 1 75  ? -2.521  0.050   7.953   1.00 14.91 ? 75  TYR A C   1 
ATOM   589  O O   . TYR A 1 75  ? -2.971  -0.239  9.055   1.00 13.10 ? 75  TYR A O   1 
ATOM   590  C CB  . TYR A 1 75  ? -2.793  2.375   7.392   1.00 13.08 ? 75  TYR A CB  1 
ATOM   591  C CG  . TYR A 1 75  ? -3.368  3.466   6.536   1.00 13.10 ? 75  TYR A CG  1 
ATOM   592  C CD1 . TYR A 1 75  ? -2.619  3.997   5.469   1.00 14.10 ? 75  TYR A CD1 1 
ATOM   593  C CD2 . TYR A 1 75  ? -4.669  3.908   6.730   1.00 12.51 ? 75  TYR A CD2 1 
ATOM   594  C CE1 . TYR A 1 75  ? -3.156  4.917   4.610   1.00 18.45 ? 75  TYR A CE1 1 
ATOM   595  C CE2 . TYR A 1 75  ? -5.228  4.867   5.884   1.00 14.09 ? 75  TYR A CE2 1 
ATOM   596  C CZ  . TYR A 1 75  ? -4.450  5.364   4.810   1.00 18.36 ? 75  TYR A CZ  1 
ATOM   597  O OH  . TYR A 1 75  ? -4.970  6.296   3.958   1.00 20.64 ? 75  TYR A OH  1 
ATOM   598  N N   . ALA A 1 76  ? -1.343  -0.375  7.487   1.00 14.30 ? 76  ALA A N   1 
ATOM   599  C CA  . ALA A 1 76  ? -0.481  -1.214  8.302   1.00 13.51 ? 76  ALA A CA  1 
ATOM   600  C C   . ALA A 1 76  ? 0.780   -0.447  8.558   1.00 13.11 ? 76  ALA A C   1 
ATOM   601  O O   . ALA A 1 76  ? 1.163   0.419   7.737   1.00 13.71 ? 76  ALA A O   1 
ATOM   602  C CB  . ALA A 1 76  ? -0.105  -2.505  7.562   1.00 12.35 ? 76  ALA A CB  1 
ATOM   603  N N   . GLU A 1 77  ? 1.405   -0.724  9.704   1.00 14.62 ? 77  GLU A N   1 
ATOM   604  C CA  . GLU A 1 77  ? 2.732   -0.157  9.989   1.00 14.47 ? 77  GLU A CA  1 
ATOM   605  C C   . GLU A 1 77  ? 3.700   -1.121  9.183   1.00 17.03 ? 77  GLU A C   1 
ATOM   606  O O   . GLU A 1 77  ? 3.601   -2.363  9.260   1.00 13.35 ? 77  GLU A O   1 
ATOM   607  C CB  . GLU A 1 77  ? 3.044   -0.204  11.499  1.00 13.31 ? 77  GLU A CB  1 
ATOM   608  C CG  . GLU A 1 77  ? 4.542   -0.242  11.779  1.00 19.09 ? 77  GLU A CG  1 
ATOM   609  C CD  . GLU A 1 77  ? 5.362   0.808   11.102  1.00 22.55 ? 77  GLU A CD  1 
ATOM   610  O OE1 . GLU A 1 77  ? 4.928   1.979   11.019  1.00 25.24 ? 77  GLU A OE1 1 
ATOM   611  O OE2 . GLU A 1 77  ? 6.481   0.471   10.669  1.00 26.41 ? 77  GLU A OE2 1 
ATOM   612  N N   . VAL A 1 78  ? 4.613   -0.552  8.416   1.00 15.06 ? 78  VAL A N   1 
ATOM   613  C CA  . VAL A 1 78  ? 5.477   -1.403  7.556   1.00 16.21 ? 78  VAL A CA  1 
ATOM   614  C C   . VAL A 1 78  ? 6.252   -2.437  8.368   1.00 18.18 ? 78  VAL A C   1 
ATOM   615  O O   . VAL A 1 78  ? 6.403   -3.562  7.927   1.00 14.68 ? 78  VAL A O   1 
ATOM   616  C CB  . VAL A 1 78  ? 6.507   -0.547  6.716   1.00 16.33 ? 78  VAL A CB  1 
ATOM   617  C CG1 . VAL A 1 78  ? 7.601   -1.477  6.114   1.00 18.91 ? 78  VAL A CG1 1 
ATOM   618  C CG2 . VAL A 1 78  ? 5.763   0.191   5.518   1.00 18.32 ? 78  VAL A CG2 1 
ATOM   619  N N   . ALA A 1 79  ? 6.731   -2.022  9.545   1.00 18.00 ? 79  ALA A N   1 
ATOM   620  C CA  . ALA A 1 79  ? 7.480   -2.913  10.464  1.00 19.95 ? 79  ALA A CA  1 
ATOM   621  C C   . ALA A 1 79  ? 6.680   -4.176  10.895  1.00 19.71 ? 79  ALA A C   1 
ATOM   622  O O   . ALA A 1 79  ? 7.268   -5.212  11.236  1.00 17.43 ? 79  ALA A O   1 
ATOM   623  C CB  . ALA A 1 79  ? 8.015   -2.056  11.757  1.00 19.64 ? 79  ALA A CB  1 
ATOM   624  N N   . ASP A 1 80  ? 5.353   -4.103  10.839  1.00 17.47 ? 80  ASP A N   1 
ATOM   625  C CA  . ASP A 1 80  ? 4.449   -5.229  11.184  1.00 16.82 ? 80  ASP A CA  1 
ATOM   626  C C   . ASP A 1 80  ? 4.302   -6.320  10.099  1.00 16.02 ? 80  ASP A C   1 
ATOM   627  O O   . ASP A 1 80  ? 3.825   -7.437  10.361  1.00 14.93 ? 80  ASP A O   1 
ATOM   628  C CB  . ASP A 1 80  ? 3.013   -4.699  11.438  1.00 13.35 ? 80  ASP A CB  1 
ATOM   629  C CG  . ASP A 1 80  ? 2.868   -3.917  12.789  1.00 17.34 ? 80  ASP A CG  1 
ATOM   630  O OD1 . ASP A 1 80  ? 3.881   -3.521  13.385  1.00 18.79 ? 80  ASP A OD1 1 
ATOM   631  O OD2 . ASP A 1 80  ? 1.710   -3.687  13.253  1.00 18.64 ? 80  ASP A OD2 1 
ATOM   632  N N   . LEU A 1 81  ? 4.652   -5.978  8.861   1.00 14.20 ? 81  LEU A N   1 
ATOM   633  C CA  . LEU A 1 81  ? 4.457   -6.915  7.761   1.00 16.30 ? 81  LEU A CA  1 
ATOM   634  C C   . LEU A 1 81  ? 5.463   -8.035  7.803   1.00 17.09 ? 81  LEU A C   1 
ATOM   635  O O   . LEU A 1 81  ? 6.597   -7.793  8.107   1.00 19.96 ? 81  LEU A O   1 
ATOM   636  C CB  . LEU A 1 81  ? 4.593   -6.177  6.421   1.00 16.98 ? 81  LEU A CB  1 
ATOM   637  C CG  . LEU A 1 81  ? 3.656   -4.941  6.236   1.00 16.50 ? 81  LEU A CG  1 
ATOM   638  C CD1 . LEU A 1 81  ? 4.104   -4.110  4.969   1.00 18.21 ? 81  LEU A CD1 1 
ATOM   639  C CD2 . LEU A 1 81  ? 2.238   -5.402  6.122   1.00 15.84 ? 81  LEU A CD2 1 
ATOM   640  N N   . PRO A 1 82  ? 5.038   -9.274  7.513   1.00 16.97 ? 82  PRO A N   1 
ATOM   641  C CA  . PRO A 1 82  ? 5.925   -10.452 7.492   1.00 21.00 ? 82  PRO A CA  1 
ATOM   642  C C   . PRO A 1 82  ? 7.078   -10.110 6.491   1.00 22.74 ? 82  PRO A C   1 
ATOM   643  O O   . PRO A 1 82  ? 6.808   -9.600  5.382   1.00 21.74 ? 82  PRO A O   1 
ATOM   644  C CB  . PRO A 1 82  ? 5.049   -11.532 6.845   1.00 19.30 ? 82  PRO A CB  1 
ATOM   645  C CG  . PRO A 1 82  ? 3.610   -11.110 7.270   1.00 23.07 ? 82  PRO A CG  1 
ATOM   646  C CD  . PRO A 1 82  ? 3.683   -9.607  7.044   1.00 12.90 ? 82  PRO A CD  1 
ATOM   647  N N   . PRO A 1 83  ? 8.339   -10.392 6.860   1.00 24.16 ? 83  PRO A N   1 
ATOM   648  C CA  . PRO A 1 83  ? 9.500   -10.117 5.983   1.00 23.75 ? 83  PRO A CA  1 
ATOM   649  C C   . PRO A 1 83  ? 9.388   -10.944 4.707   1.00 20.32 ? 83  PRO A C   1 
ATOM   650  O O   . PRO A 1 83  ? 8.864   -12.042 4.745   1.00 21.08 ? 83  PRO A O   1 
ATOM   651  C CB  . PRO A 1 83  ? 10.705  -10.568 6.812   1.00 27.22 ? 83  PRO A CB  1 
ATOM   652  C CG  . PRO A 1 83  ? 10.167  -10.617 8.267   1.00 32.54 ? 83  PRO A CG  1 
ATOM   653  C CD  . PRO A 1 83  ? 8.751   -11.123 8.079   1.00 26.77 ? 83  PRO A CD  1 
ATOM   654  N N   . LEU A 1 84  ? 9.801   -10.407 3.568   1.00 20.11 ? 84  LEU A N   1 
ATOM   655  C CA  . LEU A 1 84  ? 9.723   -11.159 2.302   1.00 21.54 ? 84  LEU A CA  1 
ATOM   656  C C   . LEU A 1 84  ? 11.145  -11.600 1.926   1.00 21.03 ? 84  LEU A C   1 
ATOM   657  O O   . LEU A 1 84  ? 12.118  -11.064 2.453   1.00 18.25 ? 84  LEU A O   1 
ATOM   658  C CB  . LEU A 1 84  ? 9.191   -10.262 1.173   1.00 21.10 ? 84  LEU A CB  1 
ATOM   659  C CG  . LEU A 1 84  ? 7.778   -9.698  1.351   1.00 23.05 ? 84  LEU A CG  1 
ATOM   660  C CD1 . LEU A 1 84  ? 7.425   -8.837  0.136   1.00 25.66 ? 84  LEU A CD1 1 
ATOM   661  C CD2 . LEU A 1 84  ? 6.750   -10.834 1.508   1.00 20.60 ? 84  LEU A CD2 1 
ATOM   662  N N   . GLU A 1 85  ? 11.256  -12.552 1.009   1.00 22.09 ? 85  GLU A N   1 
ATOM   663  C CA  . GLU A 1 85  ? 12.580  -12.970 0.566   1.00 25.25 ? 85  GLU A CA  1 
ATOM   664  C C   . GLU A 1 85  ? 13.201  -11.873 -0.330  1.00 24.51 ? 85  GLU A C   1 
ATOM   665  O O   . GLU A 1 85  ? 12.514  -10.953 -0.829  1.00 20.02 ? 85  GLU A O   1 
ATOM   666  C CB  . GLU A 1 85  ? 12.471  -14.244 -0.255  1.00 31.25 ? 85  GLU A CB  1 
ATOM   667  C CG  . GLU A 1 85  ? 11.935  -15.446 0.514   1.00 41.69 ? 85  GLU A CG  1 
ATOM   668  C CD  . GLU A 1 85  ? 13.003  -16.127 1.366   1.00 48.68 ? 85  GLU A CD  1 
ATOM   669  O OE1 . GLU A 1 85  ? 13.530  -15.500 2.310   1.00 51.91 ? 85  GLU A OE1 1 
ATOM   670  O OE2 . GLU A 1 85  ? 13.323  -17.302 1.083   1.00 52.60 ? 85  GLU A OE2 1 
ATOM   671  N N   . GLU A 1 86  ? 14.506  -12.005 -0.547  1.00 21.60 ? 86  GLU A N   1 
ATOM   672  C CA  . GLU A 1 86  ? 15.248  -11.094 -1.371  1.00 21.62 ? 86  GLU A CA  1 
ATOM   673  C C   . GLU A 1 86  ? 14.624  -11.024 -2.768  1.00 19.84 ? 86  GLU A C   1 
ATOM   674  O O   . GLU A 1 86  ? 14.287  -12.059 -3.350  1.00 17.08 ? 86  GLU A O   1 
ATOM   675  C CB  . GLU A 1 86  ? 16.675  -11.603 -1.537  1.00 25.79 ? 86  GLU A CB  1 
ATOM   676  C CG  . GLU A 1 86  ? 17.518  -11.438 -0.329  1.00 34.34 ? 86  GLU A CG  1 
ATOM   677  C CD  . GLU A 1 86  ? 17.555  -10.003 0.068   1.00 40.48 ? 86  GLU A CD  1 
ATOM   678  O OE1 . GLU A 1 86  ? 17.770  -9.143  -0.829  1.00 46.56 ? 86  GLU A OE1 1 
ATOM   679  O OE2 . GLU A 1 86  ? 17.362  -9.731  1.275   1.00 48.88 ? 86  GLU A OE2 1 
ATOM   680  N N   . GLY A 1 87  ? 14.492  -9.814  -3.292  1.00 18.48 ? 87  GLY A N   1 
ATOM   681  C CA  . GLY A 1 87  ? 13.955  -9.656  -4.630  1.00 16.84 ? 87  GLY A CA  1 
ATOM   682  C C   . GLY A 1 87  ? 12.443  -9.546  -4.641  1.00 19.82 ? 87  GLY A C   1 
ATOM   683  O O   . GLY A 1 87  ? 11.849  -9.327  -5.704  1.00 19.57 ? 87  GLY A O   1 
ATOM   684  N N   . ARG A 1 88  ? 11.810  -9.659  -3.472  1.00 18.57 ? 88  ARG A N   1 
ATOM   685  C CA  . ARG A 1 88  ? 10.340  -9.547  -3.423  1.00 19.98 ? 88  ARG A CA  1 
ATOM   686  C C   . ARG A 1 88  ? 9.891   -8.299  -2.663  1.00 19.01 ? 88  ARG A C   1 
ATOM   687  O O   . ARG A 1 88  ? 10.538  -7.897  -1.702  1.00 16.81 ? 88  ARG A O   1 
ATOM   688  C CB  . ARG A 1 88  ? 9.728   -10.792 -2.763  1.00 20.06 ? 88  ARG A CB  1 
ATOM   689  C CG  . ARG A 1 88  ? 10.031  -12.097 -3.523  1.00 20.57 ? 88  ARG A CG  1 
ATOM   690  C CD  . ARG A 1 88  ? 9.368   -12.088 -4.911  1.00 23.33 ? 88  ARG A CD  1 
ATOM   691  N NE  . ARG A 1 88  ? 9.417   -13.433 -5.409  1.00 17.69 ? 88  ARG A NE  1 
ATOM   692  C CZ  . ARG A 1 88  ? 9.324   -13.744 -6.696  1.00 18.06 ? 88  ARG A CZ  1 
ATOM   693  N NH1 . ARG A 1 88  ? 9.187   -12.784 -7.608  1.00 16.64 ? 88  ARG A NH1 1 
ATOM   694  N NH2 . ARG A 1 88  ? 9.339   -15.007 -7.056  1.00 17.93 ? 88  ARG A NH2 1 
ATOM   695  N N   . TYR A 1 89  ? 8.727   -7.763  -3.045  1.00 18.08 ? 89  TYR A N   1 
ATOM   696  C CA  . TYR A 1 89  ? 8.238   -6.519  -2.463  1.00 17.68 ? 89  TYR A CA  1 
ATOM   697  C C   . TYR A 1 89  ? 6.723   -6.528  -2.263  1.00 17.09 ? 89  TYR A C   1 
ATOM   698  O O   . TYR A 1 89  ? 5.998   -7.270  -2.940  1.00 16.43 ? 89  TYR A O   1 
ATOM   699  C CB  . TYR A 1 89  ? 8.540   -5.362  -3.464  1.00 18.72 ? 89  TYR A CB  1 
ATOM   700  C CG  . TYR A 1 89  ? 10.000  -5.128  -3.793  1.00 21.43 ? 89  TYR A CG  1 
ATOM   701  C CD1 . TYR A 1 89  ? 10.829  -4.473  -2.900  1.00 22.76 ? 89  TYR A CD1 1 
ATOM   702  C CD2 . TYR A 1 89  ? 10.557  -5.612  -4.980  1.00 22.05 ? 89  TYR A CD2 1 
ATOM   703  C CE1 . TYR A 1 89  ? 12.219  -4.305  -3.167  1.00 24.95 ? 89  TYR A CE1 1 
ATOM   704  C CE2 . TYR A 1 89  ? 11.933  -5.443  -5.269  1.00 22.05 ? 89  TYR A CE2 1 
ATOM   705  C CZ  . TYR A 1 89  ? 12.755  -4.797  -4.361  1.00 26.37 ? 89  TYR A CZ  1 
ATOM   706  O OH  . TYR A 1 89  ? 14.110  -4.632  -4.586  1.00 27.01 ? 89  TYR A OH  1 
ATOM   707  N N   . TYR A 1 90  ? 6.244   -5.682  -1.345  1.00 17.01 ? 90  TYR A N   1 
ATOM   708  C CA  . TYR A 1 90  ? 4.804   -5.517  -1.155  1.00 15.08 ? 90  TYR A CA  1 
ATOM   709  C C   . TYR A 1 90  ? 4.536   -4.293  -2.042  1.00 15.65 ? 90  TYR A C   1 
ATOM   710  O O   . TYR A 1 90  ? 4.966   -3.174  -1.732  1.00 16.58 ? 90  TYR A O   1 
ATOM   711  C CB  . TYR A 1 90  ? 4.452   -5.156  0.317   1.00 16.54 ? 90  TYR A CB  1 
ATOM   712  C CG  . TYR A 1 90  ? 4.547   -6.339  1.276   1.00 16.24 ? 90  TYR A CG  1 
ATOM   713  C CD1 . TYR A 1 90  ? 3.678   -7.422  1.153   1.00 17.48 ? 90  TYR A CD1 1 
ATOM   714  C CD2 . TYR A 1 90  ? 5.471   -6.352  2.308   1.00 13.99 ? 90  TYR A CD2 1 
ATOM   715  C CE1 . TYR A 1 90  ? 3.737   -8.488  2.049   1.00 20.32 ? 90  TYR A CE1 1 
ATOM   716  C CE2 . TYR A 1 90  ? 5.550   -7.422  3.221   1.00 18.18 ? 90  TYR A CE2 1 
ATOM   717  C CZ  . TYR A 1 90  ? 4.685   -8.474  3.084   1.00 20.30 ? 90  TYR A CZ  1 
ATOM   718  O OH  . TYR A 1 90  ? 4.709   -9.510  3.997   1.00 21.55 ? 90  TYR A OH  1 
ATOM   719  N N   . TYR A 1 91  ? 3.828   -4.494  -3.140  1.00 14.11 ? 91  TYR A N   1 
ATOM   720  C CA  . TYR A 1 91  ? 3.521   -3.417  -4.039  1.00 16.36 ? 91  TYR A CA  1 
ATOM   721  C C   . TYR A 1 91  ? 2.813   -2.210  -3.379  1.00 16.81 ? 91  TYR A C   1 
ATOM   722  O O   . TYR A 1 91  ? 3.136   -1.046  -3.646  1.00 12.16 ? 91  TYR A O   1 
ATOM   723  C CB  . TYR A 1 91  ? 2.688   -4.007  -5.179  1.00 23.69 ? 91  TYR A CB  1 
ATOM   724  C CG  . TYR A 1 91  ? 3.593   -4.759  -6.119  1.00 28.35 ? 91  TYR A CG  1 
ATOM   725  C CD1 . TYR A 1 91  ? 4.960   -4.817  -5.866  1.00 32.78 ? 91  TYR A CD1 1 
ATOM   726  C CD2 . TYR A 1 91  ? 3.104   -5.429  -7.225  1.00 34.54 ? 91  TYR A CD2 1 
ATOM   727  C CE1 . TYR A 1 91  ? 5.817   -5.539  -6.668  1.00 34.73 ? 91  TYR A CE1 1 
ATOM   728  C CE2 . TYR A 1 91  ? 3.965   -6.152  -8.057  1.00 36.98 ? 91  TYR A CE2 1 
ATOM   729  C CZ  . TYR A 1 91  ? 5.316   -6.198  -7.747  1.00 36.40 ? 91  TYR A CZ  1 
ATOM   730  O OH  . TYR A 1 91  ? 6.188   -6.969  -8.446  1.00 40.53 ? 91  TYR A OH  1 
ATOM   731  N N   . PHE A 1 92  ? 1.819   -2.532  -2.555  1.00 13.38 ? 92  PHE A N   1 
ATOM   732  C CA  . PHE A 1 92  ? 1.066   -1.514  -1.820  1.00 13.72 ? 92  PHE A CA  1 
ATOM   733  C C   . PHE A 1 92  ? 1.957   -0.685  -0.965  1.00 12.71 ? 92  PHE A C   1 
ATOM   734  O O   . PHE A 1 92  ? 1.662   0.467   -0.706  1.00 16.19 ? 92  PHE A O   1 
ATOM   735  C CB  . PHE A 1 92  ? -0.040  -2.162  -0.987  1.00 12.91 ? 92  PHE A CB  1 
ATOM   736  C CG  . PHE A 1 92  ? 0.439   -3.153  0.063   1.00 13.75 ? 92  PHE A CG  1 
ATOM   737  C CD1 . PHE A 1 92  ? 0.869   -2.714  1.321   1.00 12.52 ? 92  PHE A CD1 1 
ATOM   738  C CD2 . PHE A 1 92  ? 0.404   -4.528  -0.201  1.00 15.73 ? 92  PHE A CD2 1 
ATOM   739  C CE1 . PHE A 1 92  ? 1.257   -3.646  2.326   1.00 11.94 ? 92  PHE A CE1 1 
ATOM   740  C CE2 . PHE A 1 92  ? 0.784   -5.452  0.776   1.00 18.73 ? 92  PHE A CE2 1 
ATOM   741  C CZ  . PHE A 1 92  ? 1.208   -5.034  2.023   1.00 14.18 ? 92  PHE A CZ  1 
ATOM   742  N N   . ALA A 1 93  ? 3.084   -1.234  -0.538  1.00 13.01 ? 93  ALA A N   1 
ATOM   743  C CA  . ALA A 1 93  ? 3.991   -0.466  0.287   1.00 12.93 ? 93  ALA A CA  1 
ATOM   744  C C   . ALA A 1 93  ? 4.960   0.437   -0.478  1.00 16.61 ? 93  ALA A C   1 
ATOM   745  O O   . ALA A 1 93  ? 5.650   1.275   0.132   1.00 18.44 ? 93  ALA A O   1 
ATOM   746  C CB  . ALA A 1 93  ? 4.842   -1.411  1.188   1.00 15.10 ? 93  ALA A CB  1 
ATOM   747  N N   . LEU A 1 94  ? 5.094   0.210   -1.776  1.00 14.77 ? 94  LEU A N   1 
ATOM   748  C CA  . LEU A 1 94  ? 6.003   1.025   -2.580  1.00 17.11 ? 94  LEU A CA  1 
ATOM   749  C C   . LEU A 1 94  ? 5.330   2.348   -2.982  1.00 17.08 ? 94  LEU A C   1 
ATOM   750  O O   . LEU A 1 94  ? 6.019   3.355   -3.312  1.00 15.97 ? 94  LEU A O   1 
ATOM   751  C CB  . LEU A 1 94  ? 6.359   0.289   -3.867  1.00 16.43 ? 94  LEU A CB  1 
ATOM   752  C CG  . LEU A 1 94  ? 7.124   -1.017  -3.780  1.00 18.82 ? 94  LEU A CG  1 
ATOM   753  C CD1 . LEU A 1 94  ? 7.090   -1.662  -5.147  1.00 15.18 ? 94  LEU A CD1 1 
ATOM   754  C CD2 . LEU A 1 94  ? 8.568   -0.766  -3.377  1.00 18.98 ? 94  LEU A CD2 1 
ATOM   755  N N   . ILE A 1 95  ? 4.000   2.325   -2.994  1.00 15.34 ? 95  ILE A N   1 
ATOM   756  C CA  . ILE A 1 95  ? 3.241   3.513   -3.351  1.00 17.86 ? 95  ILE A CA  1 
ATOM   757  C C   . ILE A 1 95  ? 3.614   4.627   -2.364  1.00 20.18 ? 95  ILE A C   1 
ATOM   758  O O   . ILE A 1 95  ? 3.693   4.409   -1.120  1.00 19.82 ? 95  ILE A O   1 
ATOM   759  C CB  . ILE A 1 95  ? 1.706   3.286   -3.254  1.00 16.48 ? 95  ILE A CB  1 
ATOM   760  C CG1 . ILE A 1 95  ? 1.173   2.176   -4.233  1.00 19.67 ? 95  ILE A CG1 1 
ATOM   761  C CG2 . ILE A 1 95  ? 0.975   4.590   -3.455  1.00 18.39 ? 95  ILE A CG2 1 
ATOM   762  C CD1 . ILE A 1 95  ? 1.864   2.073   -5.564  1.00 24.58 ? 95  ILE A CD1 1 
ATOM   763  N N   . GLY A 1 96  ? 3.865   5.808   -2.905  1.00 17.99 ? 96  GLY A N   1 
ATOM   764  C CA  . GLY A 1 96  ? 4.176   6.947   -2.059  1.00 17.67 ? 96  GLY A CA  1 
ATOM   765  C C   . GLY A 1 96  ? 5.650   7.119   -1.756  1.00 21.88 ? 96  GLY A C   1 
ATOM   766  O O   . GLY A 1 96  ? 6.027   8.144   -1.169  1.00 18.68 ? 96  GLY A O   1 
ATOM   767  N N   . LEU A 1 97  ? 6.505   6.154   -2.127  1.00 14.88 ? 97  LEU A N   1 
ATOM   768  C CA  . LEU A 1 97  ? 7.911   6.359   -1.857  1.00 16.05 ? 97  LEU A CA  1 
ATOM   769  C C   . LEU A 1 97  ? 8.530   7.459   -2.781  1.00 18.82 ? 97  LEU A C   1 
ATOM   770  O O   . LEU A 1 97  ? 8.194   7.549   -3.975  1.00 20.95 ? 97  LEU A O   1 
ATOM   771  C CB  . LEU A 1 97  ? 8.675   5.071   -2.083  1.00 17.82 ? 97  LEU A CB  1 
ATOM   772  C CG  . LEU A 1 97  ? 8.481   3.943   -1.031  1.00 21.57 ? 97  LEU A CG  1 
ATOM   773  C CD1 . LEU A 1 97  ? 9.241   2.771   -1.490  1.00 17.98 ? 97  LEU A CD1 1 
ATOM   774  C CD2 . LEU A 1 97  ? 8.994   4.379   0.381   1.00 20.52 ? 97  LEU A CD2 1 
ATOM   775  N N   . PRO A 1 98  ? 9.422   8.297   -2.230  1.00 22.06 ? 98  PRO A N   1 
ATOM   776  C CA  . PRO A 1 98  ? 10.084  9.352   -3.028  1.00 20.18 ? 98  PRO A CA  1 
ATOM   777  C C   . PRO A 1 98  ? 11.098  8.668   -3.907  1.00 20.50 ? 98  PRO A C   1 
ATOM   778  O O   . PRO A 1 98  ? 11.711  7.677   -3.514  1.00 19.05 ? 98  PRO A O   1 
ATOM   779  C CB  . PRO A 1 98  ? 10.753  10.270  -1.986  1.00 22.11 ? 98  PRO A CB  1 
ATOM   780  C CG  . PRO A 1 98  ? 11.084  9.299   -0.827  1.00 19.15 ? 98  PRO A CG  1 
ATOM   781  C CD  . PRO A 1 98  ? 9.807   8.373   -0.794  1.00 22.15 ? 98  PRO A CD  1 
ATOM   782  N N   . VAL A 1 99  ? 11.289  9.195   -5.112  1.00 17.24 ? 99  VAL A N   1 
ATOM   783  C CA  . VAL A 1 99  ? 12.229  8.568   -6.011  1.00 16.79 ? 99  VAL A CA  1 
ATOM   784  C C   . VAL A 1 99  ? 13.352  9.583   -6.236  1.00 20.40 ? 99  VAL A C   1 
ATOM   785  O O   . VAL A 1 99  ? 13.058  10.722  -6.562  1.00 21.43 ? 99  VAL A O   1 
ATOM   786  C CB  . VAL A 1 99  ? 11.568  8.271   -7.364  1.00 15.85 ? 99  VAL A CB  1 
ATOM   787  C CG1 . VAL A 1 99  ? 12.578  7.626   -8.340  1.00 14.53 ? 99  VAL A CG1 1 
ATOM   788  C CG2 . VAL A 1 99  ? 10.357  7.250   -7.126  1.00 13.75 ? 99  VAL A CG2 1 
ATOM   789  N N   . TYR A 1 100 ? 14.605  9.158   -6.122  1.00 20.87 ? 100 TYR A N   1 
ATOM   790  C CA  . TYR A 1 100 ? 15.749  10.073  -6.332  1.00 23.61 ? 100 TYR A CA  1 
ATOM   791  C C   . TYR A 1 100 ? 16.661  9.634   -7.416  1.00 26.25 ? 100 TYR A C   1 
ATOM   792  O O   . TYR A 1 100 ? 16.758  8.448   -7.716  1.00 24.75 ? 100 TYR A O   1 
ATOM   793  C CB  . TYR A 1 100 ? 16.628  10.141  -5.092  1.00 23.22 ? 100 TYR A CB  1 
ATOM   794  C CG  . TYR A 1 100 ? 15.934  10.707  -3.895  1.00 25.26 ? 100 TYR A CG  1 
ATOM   795  C CD1 . TYR A 1 100 ? 16.024  12.067  -3.548  1.00 25.64 ? 100 TYR A CD1 1 
ATOM   796  C CD2 . TYR A 1 100 ? 15.159  9.874   -3.107  1.00 24.27 ? 100 TYR A CD2 1 
ATOM   797  C CE1 . TYR A 1 100 ? 15.314  12.552  -2.427  1.00 26.80 ? 100 TYR A CE1 1 
ATOM   798  C CE2 . TYR A 1 100 ? 14.501  10.327  -2.046  1.00 23.91 ? 100 TYR A CE2 1 
ATOM   799  C CZ  . TYR A 1 100 ? 14.555  11.654  -1.701  1.00 25.36 ? 100 TYR A CZ  1 
ATOM   800  O OH  . TYR A 1 100 ? 13.740  12.006  -0.683  1.00 31.07 ? 100 TYR A OH  1 
ATOM   801  N N   . VAL A 1 101 ? 17.356  10.617  -8.000  1.00 27.40 ? 101 VAL A N   1 
ATOM   802  C CA  . VAL A 1 101 ? 18.376  10.352  -9.009  1.00 29.47 ? 101 VAL A CA  1 
ATOM   803  C C   . VAL A 1 101 ? 19.560  11.199  -8.542  1.00 30.71 ? 101 VAL A C   1 
ATOM   804  O O   . VAL A 1 101 ? 19.435  12.421  -8.413  1.00 29.14 ? 101 VAL A O   1 
ATOM   805  C CB  . VAL A 1 101 ? 17.997  10.824  -10.369 1.00 27.07 ? 101 VAL A CB  1 
ATOM   806  C CG1 . VAL A 1 101 ? 19.226  10.703  -11.301 1.00 31.28 ? 101 VAL A CG1 1 
ATOM   807  C CG2 . VAL A 1 101 ? 16.819  9.970   -10.893 1.00 31.69 ? 101 VAL A CG2 1 
ATOM   808  N N   . GLU A 1 102 ? 20.663  10.532  -8.245  1.00 33.96 ? 102 GLU A N   1 
ATOM   809  C CA  . GLU A 1 102 ? 21.843  11.208  -7.768  1.00 36.95 ? 102 GLU A CA  1 
ATOM   810  C C   . GLU A 1 102 ? 21.463  12.137  -6.656  1.00 36.89 ? 102 GLU A C   1 
ATOM   811  O O   . GLU A 1 102 ? 21.830  13.319  -6.682  1.00 38.19 ? 102 GLU A O   1 
ATOM   812  C CB  . GLU A 1 102 ? 22.480  12.027  -8.884  1.00 40.79 ? 102 GLU A CB  1 
ATOM   813  C CG  . GLU A 1 102 ? 22.805  11.210  -10.109 1.00 46.78 ? 102 GLU A CG  1 
ATOM   814  C CD  . GLU A 1 102 ? 23.393  12.051  -11.251 1.00 50.70 ? 102 GLU A CD  1 
ATOM   815  O OE1 . GLU A 1 102 ? 22.698  13.000  -11.746 1.00 51.91 ? 102 GLU A OE1 1 
ATOM   816  O OE2 . GLU A 1 102 ? 24.546  11.740  -11.643 1.00 48.23 ? 102 GLU A OE2 1 
ATOM   817  N N   . GLY A 1 103 ? 20.692  11.642  -5.701  1.00 34.57 ? 103 GLY A N   1 
ATOM   818  C CA  . GLY A 1 103 ? 20.331  12.472  -4.567  1.00 33.52 ? 103 GLY A CA  1 
ATOM   819  C C   . GLY A 1 103 ? 19.315  13.599  -4.747  1.00 33.47 ? 103 GLY A C   1 
ATOM   820  O O   . GLY A 1 103 ? 18.946  14.229  -3.781  1.00 34.56 ? 103 GLY A O   1 
ATOM   821  N N   . ARG A 1 104 ? 18.884  13.893  -5.957  1.00 31.51 ? 104 ARG A N   1 
ATOM   822  C CA  . ARG A 1 104 ? 17.861  14.927  -6.151  1.00 33.52 ? 104 ARG A CA  1 
ATOM   823  C C   . ARG A 1 104 ? 16.520  14.164  -6.326  1.00 30.70 ? 104 ARG A C   1 
ATOM   824  O O   . ARG A 1 104 ? 16.458  13.217  -7.125  1.00 29.93 ? 104 ARG A O   1 
ATOM   825  C CB  . ARG A 1 104 ? 18.193  15.736  -7.429  1.00 35.50 ? 104 ARG A CB  1 
ATOM   826  C CG  . ARG A 1 104 ? 17.407  17.018  -7.640  1.00 45.59 ? 104 ARG A CG  1 
ATOM   827  C CD  . ARG A 1 104 ? 17.794  17.685  -8.978  1.00 49.09 ? 104 ARG A CD  1 
ATOM   828  N NE  . ARG A 1 104 ? 17.283  16.976  -10.159 1.00 52.79 ? 104 ARG A NE  1 
ATOM   829  C CZ  . ARG A 1 104 ? 16.103  17.224  -10.736 1.00 55.40 ? 104 ARG A CZ  1 
ATOM   830  N NH1 . ARG A 1 104 ? 15.301  18.165  -10.233 1.00 54.89 ? 104 ARG A NH1 1 
ATOM   831  N NH2 . ARG A 1 104 ? 15.741  16.565  -11.836 1.00 53.74 ? 104 ARG A NH2 1 
ATOM   832  N N   . GLN A 1 105 ? 15.482  14.552  -5.586  1.00 27.22 ? 105 GLN A N   1 
ATOM   833  C CA  . GLN A 1 105 ? 14.186  13.894  -5.720  1.00 27.35 ? 105 GLN A CA  1 
ATOM   834  C C   . GLN A 1 105 ? 13.575  14.163  -7.077  1.00 27.05 ? 105 GLN A C   1 
ATOM   835  O O   . GLN A 1 105 ? 13.413  15.332  -7.456  1.00 27.70 ? 105 GLN A O   1 
ATOM   836  C CB  . GLN A 1 105 ? 13.202  14.366  -4.644  1.00 26.51 ? 105 GLN A CB  1 
ATOM   837  C CG  . GLN A 1 105 ? 11.801  13.767  -4.846  1.00 26.46 ? 105 GLN A CG  1 
ATOM   838  C CD  . GLN A 1 105 ? 10.915  13.785  -3.600  1.00 30.01 ? 105 GLN A CD  1 
ATOM   839  O OE1 . GLN A 1 105 ? 11.294  14.308  -2.555  1.00 30.84 ? 105 GLN A OE1 1 
ATOM   840  N NE2 . GLN A 1 105 ? 9.729   13.186  -3.713  1.00 23.87 ? 105 GLN A NE2 1 
ATOM   841  N N   . VAL A 1 106 ? 13.251  13.131  -7.845  1.00 22.12 ? 106 VAL A N   1 
ATOM   842  C CA  . VAL A 1 106 ? 12.644  13.392  -9.146  1.00 20.61 ? 106 VAL A CA  1 
ATOM   843  C C   . VAL A 1 106 ? 11.145  13.065  -9.204  1.00 22.04 ? 106 VAL A C   1 
ATOM   844  O O   . VAL A 1 106 ? 10.480  13.275  -10.233 1.00 23.40 ? 106 VAL A O   1 
ATOM   845  C CB  . VAL A 1 106 ? 13.357  12.631  -10.274 1.00 24.19 ? 106 VAL A CB  1 
ATOM   846  C CG1 . VAL A 1 106 ? 14.804  13.120  -10.374 1.00 26.82 ? 106 VAL A CG1 1 
ATOM   847  C CG2 . VAL A 1 106 ? 13.317  11.136  -10.009 1.00 22.43 ? 106 VAL A CG2 1 
ATOM   848  N N   . GLY A 1 107 ? 10.587  12.558  -8.115  1.00 20.70 ? 107 GLY A N   1 
ATOM   849  C CA  . GLY A 1 107 ? 9.164   12.263  -8.141  1.00 19.10 ? 107 GLY A CA  1 
ATOM   850  C C   . GLY A 1 107 ? 8.791   11.337  -6.989  1.00 19.26 ? 107 GLY A C   1 
ATOM   851  O O   . GLY A 1 107 ? 9.571   11.193  -6.014  1.00 18.97 ? 107 GLY A O   1 
ATOM   852  N N   . GLU A 1 108 ? 7.591   10.760  -7.090  1.00 17.92 ? 108 GLU A N   1 
ATOM   853  C CA  . GLU A 1 108 ? 7.122   9.817   -6.094  1.00 17.25 ? 108 GLU A CA  1 
ATOM   854  C C   . GLU A 1 108 ? 6.285   8.732   -6.756  1.00 15.25 ? 108 GLU A C   1 
ATOM   855  O O   . GLU A 1 108 ? 5.623   8.974   -7.725  1.00 17.18 ? 108 GLU A O   1 
ATOM   856  C CB  . GLU A 1 108 ? 6.337   10.505  -4.965  1.00 22.26 ? 108 GLU A CB  1 
ATOM   857  C CG  . GLU A 1 108 ? 4.930   10.879  -5.183  1.00 30.73 ? 108 GLU A CG  1 
ATOM   858  C CD  . GLU A 1 108 ? 4.259   11.231  -3.801  1.00 39.37 ? 108 GLU A CD  1 
ATOM   859  O OE1 . GLU A 1 108 ? 4.679   12.203  -3.134  1.00 40.77 ? 108 GLU A OE1 1 
ATOM   860  O OE2 . GLU A 1 108 ? 3.353   10.508  -3.359  1.00 37.83 ? 108 GLU A OE2 1 
ATOM   861  N N   . VAL A 1 109 ? 6.388   7.525   -6.237  1.00 15.52 ? 109 VAL A N   1 
ATOM   862  C CA  . VAL A 1 109 ? 5.658   6.414   -6.813  1.00 14.93 ? 109 VAL A CA  1 
ATOM   863  C C   . VAL A 1 109 ? 4.169   6.583   -6.585  1.00 16.71 ? 109 VAL A C   1 
ATOM   864  O O   . VAL A 1 109 ? 3.715   6.768   -5.438  1.00 19.24 ? 109 VAL A O   1 
ATOM   865  C CB  . VAL A 1 109 ? 6.089   5.076   -6.135  1.00 17.16 ? 109 VAL A CB  1 
ATOM   866  C CG1 . VAL A 1 109 ? 5.240   3.930   -6.670  1.00 14.63 ? 109 VAL A CG1 1 
ATOM   867  C CG2 . VAL A 1 109 ? 7.560   4.772   -6.454  1.00 14.21 ? 109 VAL A CG2 1 
ATOM   868  N N   . VAL A 1 110 ? 3.387   6.539   -7.638  1.00 14.14 ? 110 VAL A N   1 
ATOM   869  C CA  . VAL A 1 110 ? 1.936   6.623   -7.415  1.00 20.32 ? 110 VAL A CA  1 
ATOM   870  C C   . VAL A 1 110 ? 1.204   5.306   -7.671  1.00 19.05 ? 110 VAL A C   1 
ATOM   871  O O   . VAL A 1 110 ? 0.058   5.129   -7.212  1.00 20.67 ? 110 VAL A O   1 
ATOM   872  C CB  . VAL A 1 110 ? 1.256   7.734   -8.287  1.00 21.43 ? 110 VAL A CB  1 
ATOM   873  C CG1 . VAL A 1 110 ? 1.783   9.102   -7.915  1.00 24.63 ? 110 VAL A CG1 1 
ATOM   874  C CG2 . VAL A 1 110 ? 1.512   7.480   -9.718  1.00 24.49 ? 110 VAL A CG2 1 
ATOM   875  N N   . ASP A 1 111 ? 1.795   4.405   -8.447  1.00 15.70 ? 111 ASP A N   1 
ATOM   876  C CA  . ASP A 1 111 ? 1.143   3.111   -8.681  1.00 20.13 ? 111 ASP A CA  1 
ATOM   877  C C   . ASP A 1 111 ? 2.161   2.164   -9.343  1.00 20.58 ? 111 ASP A C   1 
ATOM   878  O O   . ASP A 1 111 ? 3.292   2.600   -9.712  1.00 14.61 ? 111 ASP A O   1 
ATOM   879  C CB  . ASP A 1 111 ? -0.078  3.285   -9.582  1.00 25.22 ? 111 ASP A CB  1 
ATOM   880  C CG  . ASP A 1 111 ? -1.247  2.338   -9.199  1.00 30.31 ? 111 ASP A CG  1 
ATOM   881  O OD1 . ASP A 1 111 ? -1.014  1.183   -8.763  1.00 33.14 ? 111 ASP A OD1 1 
ATOM   882  O OD2 . ASP A 1 111 ? -2.421  2.764   -9.346  1.00 39.73 ? 111 ASP A OD2 1 
ATOM   883  N N   . ILE A 1 112 ? 1.739   0.911   -9.536  1.00 20.46 ? 112 ILE A N   1 
ATOM   884  C CA  . ILE A 1 112 ? 2.577   -0.142  -10.124 1.00 23.18 ? 112 ILE A CA  1 
ATOM   885  C C   . ILE A 1 112 ? 1.744   -0.746  -11.243 1.00 24.38 ? 112 ILE A C   1 
ATOM   886  O O   . ILE A 1 112 ? 0.568   -1.021  -11.066 1.00 21.94 ? 112 ILE A O   1 
ATOM   887  C CB  . ILE A 1 112 ? 2.878   -1.256  -9.150  1.00 25.53 ? 112 ILE A CB  1 
ATOM   888  C CG1 . ILE A 1 112 ? 3.416   -0.682  -7.830  1.00 30.19 ? 112 ILE A CG1 1 
ATOM   889  C CG2 . ILE A 1 112 ? 3.839   -2.298  -9.834  1.00 27.34 ? 112 ILE A CG2 1 
ATOM   890  C CD1 . ILE A 1 112 ? 4.821   -0.265  -7.860  1.00 32.98 ? 112 ILE A CD1 1 
ATOM   891  N N   . LEU A 1 113 ? 2.373   -0.982  -12.372 1.00 20.70 ? 113 LEU A N   1 
ATOM   892  C CA  . LEU A 1 113 ? 1.672   -1.454  -13.537 1.00 26.23 ? 113 LEU A CA  1 
ATOM   893  C C   . LEU A 1 113 ? 2.318   -2.692  -14.081 1.00 26.90 ? 113 LEU A C   1 
ATOM   894  O O   . LEU A 1 113 ? 3.440   -2.998  -13.753 1.00 23.71 ? 113 LEU A O   1 
ATOM   895  C CB  . LEU A 1 113 ? 1.745   -0.352  -14.594 1.00 27.34 ? 113 LEU A CB  1 
ATOM   896  C CG  . LEU A 1 113 ? 0.864   -0.214  -15.786 1.00 32.09 ? 113 LEU A CG  1 
ATOM   897  C CD1 . LEU A 1 113 ? -0.553  -0.043  -15.275 1.00 33.43 ? 113 LEU A CD1 1 
ATOM   898  C CD2 . LEU A 1 113 ? 1.329   1.011   -16.587 1.00 28.28 ? 113 LEU A CD2 1 
ATOM   899  N N   . ASP A 1 114 ? 1.578   -3.413  -14.915 1.00 30.31 ? 114 ASP A N   1 
ATOM   900  C CA  . ASP A 1 114 ? 2.126   -4.620  -15.524 1.00 35.66 ? 114 ASP A CA  1 
ATOM   901  C C   . ASP A 1 114 ? 2.460   -4.384  -17.024 1.00 35.48 ? 114 ASP A C   1 
ATOM   902  O O   . ASP A 1 114 ? 1.616   -3.936  -17.791 1.00 37.61 ? 114 ASP A O   1 
ATOM   903  C CB  . ASP A 1 114 ? 1.117   -5.772  -15.385 1.00 39.44 ? 114 ASP A CB  1 
ATOM   904  C CG  . ASP A 1 114 ? 1.713   -7.122  -15.771 1.00 45.22 ? 114 ASP A CG  1 
ATOM   905  O OD1 . ASP A 1 114 ? 2.093   -7.294  -16.959 1.00 44.27 ? 114 ASP A OD1 1 
ATOM   906  O OD2 . ASP A 1 114 ? 1.810   -8.011  -14.870 1.00 48.38 ? 114 ASP A OD2 1 
ATOM   907  N N   . ALA A 1 115 ? 3.696   -4.651  -17.420 1.00 36.29 ? 115 ALA A N   1 
ATOM   908  C CA  . ALA A 1 115 ? 4.110   -4.571  -18.834 1.00 37.79 ? 115 ALA A CA  1 
ATOM   909  C C   . ALA A 1 115 ? 4.645   -5.974  -19.124 1.00 38.30 ? 115 ALA A C   1 
ATOM   910  O O   . ALA A 1 115 ? 5.862   -6.183  -19.147 1.00 38.65 ? 115 ALA A O   1 
ATOM   911  C CB  . ALA A 1 115 ? 5.216   -3.580  -19.034 1.00 36.33 ? 115 ALA A CB  1 
ATOM   912  N N   . GLY A 1 116 ? 3.718   -6.916  -19.313 1.00 41.25 ? 116 GLY A N   1 
ATOM   913  C CA  . GLY A 1 116 ? 4.041   -8.311  -19.591 1.00 42.91 ? 116 GLY A CA  1 
ATOM   914  C C   . GLY A 1 116 ? 4.992   -9.029  -18.626 1.00 43.41 ? 116 GLY A C   1 
ATOM   915  O O   . GLY A 1 116 ? 4.551   -9.518  -17.588 1.00 44.22 ? 116 GLY A O   1 
ATOM   916  N N   . ALA A 1 117 ? 6.291   -9.050  -18.978 1.00 43.92 ? 117 ALA A N   1 
ATOM   917  C CA  . ALA A 1 117 ? 7.372   -9.697  -18.213 1.00 44.59 ? 117 ALA A CA  1 
ATOM   918  C C   . ALA A 1 117 ? 7.957   -8.889  -17.045 1.00 42.23 ? 117 ALA A C   1 
ATOM   919  O O   . ALA A 1 117 ? 8.884   -9.337  -16.381 1.00 44.02 ? 117 ALA A O   1 
ATOM   920  C CB  . ALA A 1 117 ? 8.520   -10.111 -19.179 1.00 46.21 ? 117 ALA A CB  1 
ATOM   921  N N   . GLN A 1 118 ? 7.455   -7.696  -16.786 1.00 39.40 ? 118 GLN A N   1 
ATOM   922  C CA  . GLN A 1 118 ? 8.013   -6.978  -15.666 1.00 33.85 ? 118 GLN A CA  1 
ATOM   923  C C   . GLN A 1 118 ? 6.979   -6.056  -15.046 1.00 33.71 ? 118 GLN A C   1 
ATOM   924  O O   . GLN A 1 118 ? 6.041   -5.659  -15.755 1.00 33.93 ? 118 GLN A O   1 
ATOM   925  C CB  . GLN A 1 118 ? 9.230   -6.182  -16.137 1.00 37.59 ? 118 GLN A CB  1 
ATOM   926  C CG  . GLN A 1 118 ? 10.051  -6.883  -17.273 1.00 38.00 ? 118 GLN A CG  1 
ATOM   927  C CD  . GLN A 1 118 ? 11.269  -6.043  -17.692 1.00 40.72 ? 118 GLN A CD  1 
ATOM   928  O OE1 . GLN A 1 118 ? 11.423  -4.869  -17.230 1.00 33.59 ? 118 GLN A OE1 1 
ATOM   929  N NE2 . GLN A 1 118 ? 12.155  -6.632  -18.573 1.00 33.14 ? 118 GLN A NE2 1 
ATOM   930  N N   . ASP A 1 119 ? 7.139   -5.749  -13.737 1.00 24.60 ? 119 ASP A N   1 
ATOM   931  C CA  . ASP A 1 119 ? 6.314   -4.825  -12.999 1.00 21.56 ? 119 ASP A CA  1 
ATOM   932  C C   . ASP A 1 119 ? 6.972   -3.445  -13.210 1.00 19.06 ? 119 ASP A C   1 
ATOM   933  O O   . ASP A 1 119 ? 8.218   -3.309  -13.138 1.00 18.05 ? 119 ASP A O   1 
ATOM   934  C CB  . ASP A 1 119 ? 6.328   -5.057  -11.506 1.00 25.83 ? 119 ASP A CB  1 
ATOM   935  C CG  . ASP A 1 119 ? 5.660   -6.362  -11.111 1.00 32.25 ? 119 ASP A CG  1 
ATOM   936  O OD1 . ASP A 1 119 ? 4.643   -6.779  -11.708 1.00 33.78 ? 119 ASP A OD1 1 
ATOM   937  O OD2 . ASP A 1 119 ? 6.199   -6.940  -10.188 1.00 31.73 ? 119 ASP A OD2 1 
ATOM   938  N N   . VAL A 1 120 ? 6.132   -2.432  -13.368 1.00 15.67 ? 120 VAL A N   1 
ATOM   939  C CA  . VAL A 1 120 ? 6.624   -1.100  -13.706 1.00 15.89 ? 120 VAL A CA  1 
ATOM   940  C C   . VAL A 1 120 ? 6.083   -0.048  -12.749 1.00 14.19 ? 120 VAL A C   1 
ATOM   941  O O   . VAL A 1 120 ? 4.897   0.005   -12.520 1.00 17.09 ? 120 VAL A O   1 
ATOM   942  C CB  . VAL A 1 120 ? 6.171   -0.808  -15.117 1.00 18.91 ? 120 VAL A CB  1 
ATOM   943  C CG1 . VAL A 1 120 ? 6.749   0.525   -15.605 1.00 22.14 ? 120 VAL A CG1 1 
ATOM   944  C CG2 . VAL A 1 120 ? 6.611   -2.005  -16.009 1.00 22.92 ? 120 VAL A CG2 1 
ATOM   945  N N   . LEU A 1 121 ? 6.984   0.715   -12.156 1.00 12.88 ? 121 LEU A N   1 
ATOM   946  C CA  . LEU A 1 121 ? 6.615   1.760   -11.236 1.00 14.05 ? 121 LEU A CA  1 
ATOM   947  C C   . LEU A 1 121 ? 6.039   2.937   -12.057 1.00 13.36 ? 121 LEU A C   1 
ATOM   948  O O   . LEU A 1 121 ? 6.642   3.350   -13.058 1.00 14.43 ? 121 LEU A O   1 
ATOM   949  C CB  . LEU A 1 121 ? 7.887   2.264   -10.528 1.00 15.37 ? 121 LEU A CB  1 
ATOM   950  C CG  . LEU A 1 121 ? 8.611   1.261   -9.647  1.00 17.69 ? 121 LEU A CG  1 
ATOM   951  C CD1 . LEU A 1 121 ? 10.064  1.759   -9.322  1.00 20.32 ? 121 LEU A CD1 1 
ATOM   952  C CD2 . LEU A 1 121 ? 7.771   1.117   -8.317  1.00 20.39 ? 121 LEU A CD2 1 
ATOM   953  N N   . ILE A 1 122 ? 4.930   3.501   -11.611 1.00 13.20 ? 122 ILE A N   1 
ATOM   954  C CA  . ILE A 1 122 ? 4.350   4.685   -12.271 1.00 14.16 ? 122 ILE A CA  1 
ATOM   955  C C   . ILE A 1 122 ? 4.738   5.810   -11.297 1.00 14.48 ? 122 ILE A C   1 
ATOM   956  O O   . ILE A 1 122 ? 4.354   5.793   -10.082 1.00 16.36 ? 122 ILE A O   1 
ATOM   957  C CB  . ILE A 1 122 ? 2.803   4.602   -12.398 1.00 14.91 ? 122 ILE A CB  1 
ATOM   958  C CG1 . ILE A 1 122 ? 2.393   3.447   -13.328 1.00 15.29 ? 122 ILE A CG1 1 
ATOM   959  C CG2 . ILE A 1 122 ? 2.273   5.924   -13.098 1.00 14.27 ? 122 ILE A CG2 1 
ATOM   960  C CD1 . ILE A 1 122 ? 0.829   3.296   -13.417 1.00 17.66 ? 122 ILE A CD1 1 
ATOM   961  N N   . ILE A 1 123 ? 5.463   6.786   -11.828 1.00 16.24 ? 123 ILE A N   1 
ATOM   962  C CA  . ILE A 1 123 ? 6.032   7.854   -11.003 1.00 18.19 ? 123 ILE A CA  1 
ATOM   963  C C   . ILE A 1 123 ? 5.542   9.223   -11.474 1.00 18.59 ? 123 ILE A C   1 
ATOM   964  O O   . ILE A 1 123 ? 5.518   9.525   -12.689 1.00 15.82 ? 123 ILE A O   1 
ATOM   965  C CB  . ILE A 1 123 ? 7.558   7.772   -11.078 1.00 18.99 ? 123 ILE A CB  1 
ATOM   966  C CG1 . ILE A 1 123 ? 8.026   6.481   -10.406 1.00 18.97 ? 123 ILE A CG1 1 
ATOM   967  C CG2 . ILE A 1 123 ? 8.255   9.007   -10.425 1.00 19.24 ? 123 ILE A CG2 1 
ATOM   968  C CD1 . ILE A 1 123 ? 9.526   6.150   -10.689 1.00 18.45 ? 123 ILE A CD1 1 
ATOM   969  N N   . ARG A 1 124 ? 5.110   10.041  -10.518 1.00 16.22 ? 124 ARG A N   1 
ATOM   970  C CA  . ARG A 1 124 ? 4.645   11.400  -10.875 1.00 15.09 ? 124 ARG A CA  1 
ATOM   971  C C   . ARG A 1 124 ? 5.781   12.334  -10.444 1.00 17.11 ? 124 ARG A C   1 
ATOM   972  O O   . ARG A 1 124 ? 6.252   12.261  -9.289  1.00 17.68 ? 124 ARG A O   1 
ATOM   973  C CB  . ARG A 1 124 ? 3.380   11.703  -10.115 1.00 18.20 ? 124 ARG A CB  1 
ATOM   974  C CG  . ARG A 1 124 ? 2.913   13.197  -10.242 1.00 23.85 ? 124 ARG A CG  1 
ATOM   975  C CD  . ARG A 1 124 ? 1.642   13.472  -9.376  1.00 32.61 ? 124 ARG A CD  1 
ATOM   976  N NE  . ARG A 1 124 ? 0.927   14.648  -9.888  1.00 44.73 ? 124 ARG A NE  1 
ATOM   977  C CZ  . ARG A 1 124 ? 0.003   14.642  -10.876 1.00 49.53 ? 124 ARG A CZ  1 
ATOM   978  N NH1 . ARG A 1 124 ? -0.356  13.519  -11.476 1.00 51.43 ? 124 ARG A NH1 1 
ATOM   979  N NH2 . ARG A 1 124 ? -0.559  15.777  -11.294 1.00 49.71 ? 124 ARG A NH2 1 
ATOM   980  N N   . GLY A 1 125 ? 6.243   13.213  -11.337 1.00 16.34 ? 125 GLY A N   1 
ATOM   981  C CA  . GLY A 1 125 ? 7.364   14.041  -10.931 1.00 15.65 ? 125 GLY A CA  1 
ATOM   982  C C   . GLY A 1 125 ? 7.789   15.005  -12.013 1.00 18.22 ? 125 GLY A C   1 
ATOM   983  O O   . GLY A 1 125 ? 6.942   15.572  -12.671 1.00 18.53 ? 125 GLY A O   1 
ATOM   984  N N   . VAL A 1 126 ? 9.093   15.131  -12.248 1.00 18.04 ? 126 VAL A N   1 
ATOM   985  C CA  . VAL A 1 126 ? 9.623   16.103  -13.230 1.00 18.73 ? 126 VAL A CA  1 
ATOM   986  C C   . VAL A 1 126 ? 9.431   15.712  -14.685 1.00 19.48 ? 126 VAL A C   1 
ATOM   987  O O   . VAL A 1 126 ? 9.064   14.578  -15.003 1.00 17.49 ? 126 VAL A O   1 
ATOM   988  C CB  . VAL A 1 126 ? 11.138  16.315  -13.019 1.00 20.02 ? 126 VAL A CB  1 
ATOM   989  C CG1 . VAL A 1 126 ? 11.408  16.748  -11.521 1.00 26.16 ? 126 VAL A CG1 1 
ATOM   990  C CG2 . VAL A 1 126 ? 11.889  14.979  -13.350 1.00 21.77 ? 126 VAL A CG2 1 
ATOM   991  N N   . GLY A 1 127 ? 9.715   16.673  -15.564 1.00 18.88 ? 127 GLY A N   1 
ATOM   992  C CA  . GLY A 1 127 ? 9.637   16.414  -16.979 1.00 17.77 ? 127 GLY A CA  1 
ATOM   993  C C   . GLY A 1 127 ? 9.605   17.702  -17.764 1.00 20.11 ? 127 GLY A C   1 
ATOM   994  O O   . GLY A 1 127 ? 8.852   18.653  -17.433 1.00 17.93 ? 127 GLY A O   1 
ATOM   995  N N   . GLU A 1 128 ? 10.396  17.714  -18.827 1.00 19.09 ? 128 GLU A N   1 
ATOM   996  C CA  . GLU A 1 128 ? 10.441  18.880  -19.713 1.00 20.05 ? 128 GLU A CA  1 
ATOM   997  C C   . GLU A 1 128 ? 9.114   19.020  -20.469 1.00 18.66 ? 128 GLU A C   1 
ATOM   998  O O   . GLU A 1 128 ? 8.662   20.118  -20.732 1.00 20.40 ? 128 GLU A O   1 
ATOM   999  C CB  . GLU A 1 128 ? 11.600  18.753  -20.712 1.00 20.49 ? 128 GLU A CB  1 
ATOM   1000 C CG  . GLU A 1 128 ? 11.426  19.715  -21.917 1.00 24.89 ? 128 GLU A CG  1 
ATOM   1001 C CD  . GLU A 1 128 ? 12.698  19.863  -22.759 1.00 25.74 ? 128 GLU A CD  1 
ATOM   1002 O OE1 . GLU A 1 128 ? 13.736  20.001  -22.133 1.00 26.67 ? 128 GLU A OE1 1 
ATOM   1003 O OE2 . GLU A 1 128 ? 12.643  19.897  -24.011 1.00 28.13 ? 128 GLU A OE2 1 
ATOM   1004 N N   . ARG A 1 129 ? 8.482   17.895  -20.810 1.00 19.01 ? 129 ARG A N   1 
ATOM   1005 C CA  . ARG A 1 129 ? 7.209   17.887  -21.502 1.00 17.77 ? 129 ARG A CA  1 
ATOM   1006 C C   . ARG A 1 129 ? 6.125   17.578  -20.493 1.00 17.89 ? 129 ARG A C   1 
ATOM   1007 O O   . ARG A 1 129 ? 6.176   16.551  -19.779 1.00 18.10 ? 129 ARG A O   1 
ATOM   1008 C CB  . ARG A 1 129 ? 7.223   16.853  -22.646 1.00 22.62 ? 129 ARG A CB  1 
ATOM   1009 C CG  . ARG A 1 129 ? 6.006   16.864  -23.544 1.00 27.87 ? 129 ARG A CG  1 
ATOM   1010 C CD  . ARG A 1 129 ? 6.233   16.013  -24.836 1.00 27.52 ? 129 ARG A CD  1 
ATOM   1011 N NE  . ARG A 1 129 ? 7.151   16.679  -25.746 1.00 28.51 ? 129 ARG A NE  1 
ATOM   1012 C CZ  . ARG A 1 129 ? 6.805   17.734  -26.494 1.00 24.39 ? 129 ARG A CZ  1 
ATOM   1013 N NH1 . ARG A 1 129 ? 5.571   18.219  -26.442 1.00 22.79 ? 129 ARG A NH1 1 
ATOM   1014 N NH2 . ARG A 1 129 ? 7.707   18.308  -27.270 1.00 24.93 ? 129 ARG A NH2 1 
ATOM   1015 N N   . LEU A 1 130 ? 5.140   18.474  -20.410 1.00 17.55 ? 130 LEU A N   1 
ATOM   1016 C CA  . LEU A 1 130 ? 4.078   18.306  -19.397 1.00 17.82 ? 130 LEU A CA  1 
ATOM   1017 C C   . LEU A 1 130 ? 3.474   16.905  -19.350 1.00 18.21 ? 130 LEU A C   1 
ATOM   1018 O O   . LEU A 1 130 ? 3.309   16.373  -18.265 1.00 17.64 ? 130 LEU A O   1 
ATOM   1019 C CB  . LEU A 1 130 ? 2.951   19.357  -19.582 1.00 20.62 ? 130 LEU A CB  1 
ATOM   1020 C CG  . LEU A 1 130 ? 1.881   19.500  -18.487 1.00 23.24 ? 130 LEU A CG  1 
ATOM   1021 C CD1 . LEU A 1 130 ? 2.543   20.026  -17.208 1.00 26.28 ? 130 LEU A CD1 1 
ATOM   1022 C CD2 . LEU A 1 130 ? 0.757   20.467  -18.915 1.00 27.44 ? 130 LEU A CD2 1 
ATOM   1023 N N   . ARG A 1 131 ? 3.173   16.293  -20.507 1.00 18.57 ? 131 ARG A N   1 
ATOM   1024 C CA  . ARG A 1 131 ? 2.510   14.971  -20.489 1.00 20.90 ? 131 ARG A CA  1 
ATOM   1025 C C   . ARG A 1 131 ? 3.341   13.824  -19.971 1.00 20.50 ? 131 ARG A C   1 
ATOM   1026 O O   . ARG A 1 131 ? 2.803   12.775  -19.676 1.00 20.66 ? 131 ARG A O   1 
ATOM   1027 C CB  . ARG A 1 131 ? 1.957   14.573  -21.881 1.00 24.29 ? 131 ARG A CB  1 
ATOM   1028 C CG  . ARG A 1 131 ? 3.042   14.429  -23.007 1.00 26.84 ? 131 ARG A CG  1 
ATOM   1029 C CD  . ARG A 1 131 ? 3.423   12.915  -23.225 1.00 29.42 ? 131 ARG A CD  1 
ATOM   1030 N NE  . ARG A 1 131 ? 4.681   12.695  -23.976 1.00 32.81 ? 131 ARG A NE  1 
ATOM   1031 C CZ  . ARG A 1 131 ? 4.808   12.738  -25.307 1.00 32.29 ? 131 ARG A CZ  1 
ATOM   1032 N NH1 . ARG A 1 131 ? 3.763   12.996  -26.078 1.00 29.62 ? 131 ARG A NH1 1 
ATOM   1033 N NH2 . ARG A 1 131 ? 5.992   12.492  -25.876 1.00 35.92 ? 131 ARG A NH2 1 
ATOM   1034 N N   . ASP A 1 132 ? 4.642   14.019  -19.846 1.00 21.26 ? 132 ASP A N   1 
ATOM   1035 C CA  . ASP A 1 132 ? 5.480   12.948  -19.342 1.00 21.18 ? 132 ASP A CA  1 
ATOM   1036 C C   . ASP A 1 132 ? 5.529   12.980  -17.810 1.00 22.76 ? 132 ASP A C   1 
ATOM   1037 O O   . ASP A 1 132 ? 5.983   12.033  -17.187 1.00 23.51 ? 132 ASP A O   1 
ATOM   1038 C CB  . ASP A 1 132 ? 6.905   13.129  -19.835 1.00 23.64 ? 132 ASP A CB  1 
ATOM   1039 C CG  . ASP A 1 132 ? 7.029   12.945  -21.344 1.00 25.99 ? 132 ASP A CG  1 
ATOM   1040 O OD1 . ASP A 1 132 ? 6.153   12.244  -21.928 1.00 29.56 ? 132 ASP A OD1 1 
ATOM   1041 O OD2 . ASP A 1 132 ? 8.020   13.472  -21.904 1.00 23.19 ? 132 ASP A OD2 1 
ATOM   1042 N N   . ARG A 1 133 ? 5.049   14.052  -17.209 1.00 17.86 ? 133 ARG A N   1 
ATOM   1043 C CA  . ARG A 1 133 ? 5.211   14.150  -15.768 1.00 18.24 ? 133 ARG A CA  1 
ATOM   1044 C C   . ARG A 1 133 ? 4.466   13.189  -14.858 1.00 19.00 ? 133 ARG A C   1 
ATOM   1045 O O   . ARG A 1 133 ? 5.042   12.639  -13.910 1.00 21.59 ? 133 ARG A O   1 
ATOM   1046 C CB  . ARG A 1 133 ? 4.892   15.564  -15.298 1.00 14.25 ? 133 ARG A CB  1 
ATOM   1047 C CG  . ARG A 1 133 ? 5.912   16.603  -15.881 1.00 13.13 ? 133 ARG A CG  1 
ATOM   1048 C CD  . ARG A 1 133 ? 5.633   18.009  -15.331 1.00 15.18 ? 133 ARG A CD  1 
ATOM   1049 N NE  . ARG A 1 133 ? 6.687   18.949  -15.741 1.00 14.47 ? 133 ARG A NE  1 
ATOM   1050 C CZ  . ARG A 1 133 ? 6.798   20.191  -15.273 1.00 19.28 ? 133 ARG A CZ  1 
ATOM   1051 N NH1 . ARG A 1 133 ? 5.907   20.665  -14.361 1.00 16.22 ? 133 ARG A NH1 1 
ATOM   1052 N NH2 . ARG A 1 133 ? 7.805   20.955  -15.706 1.00 15.40 ? 133 ARG A NH2 1 
ATOM   1053 N N   . ALA A 1 134 ? 3.210   12.966  -15.171 1.00 20.23 ? 134 ALA A N   1 
ATOM   1054 C CA  . ALA A 1 134 ? 2.369   12.164  -14.279 1.00 20.94 ? 134 ALA A CA  1 
ATOM   1055 C C   . ALA A 1 134 ? 2.425   10.637  -14.522 1.00 20.21 ? 134 ALA A C   1 
ATOM   1056 O O   . ALA A 1 134 ? 1.985   9.865   -13.669 1.00 19.88 ? 134 ALA A O   1 
ATOM   1057 C CB  . ALA A 1 134 ? 0.918   12.684  -14.397 1.00 20.65 ? 134 ALA A CB  1 
ATOM   1058 N N   . GLU A 1 135 ? 3.041   10.219  -15.617 1.00 20.05 ? 135 GLU A N   1 
ATOM   1059 C CA  . GLU A 1 135 ? 3.051   8.786   -15.963 1.00 24.15 ? 135 GLU A CA  1 
ATOM   1060 C C   . GLU A 1 135 ? 4.406   8.322   -16.357 1.00 21.98 ? 135 GLU A C   1 
ATOM   1061 O O   . GLU A 1 135 ? 4.543   7.585   -17.333 1.00 21.49 ? 135 GLU A O   1 
ATOM   1062 C CB  . GLU A 1 135 ? 2.087   8.527   -17.142 1.00 28.35 ? 135 GLU A CB  1 
ATOM   1063 C CG  . GLU A 1 135 ? 0.875   9.437   -17.148 1.00 31.12 ? 135 GLU A CG  1 
ATOM   1064 C CD  . GLU A 1 135 ? -0.015  9.332   -18.418 1.00 36.30 ? 135 GLU A CD  1 
ATOM   1065 O OE1 . GLU A 1 135 ? 0.468   9.554   -19.566 1.00 27.53 ? 135 GLU A OE1 1 
ATOM   1066 O OE2 . GLU A 1 135 ? -1.228  9.050   -18.217 1.00 38.09 ? 135 GLU A OE2 1 
ATOM   1067 N N   . ARG A 1 136 ? 5.433   8.766   -15.638 1.00 19.12 ? 136 ARG A N   1 
ATOM   1068 C CA  . ARG A 1 136 ? 6.754   8.302   -15.979 1.00 17.18 ? 136 ARG A CA  1 
ATOM   1069 C C   . ARG A 1 136 ? 6.836   6.790   -15.550 1.00 19.26 ? 136 ARG A C   1 
ATOM   1070 O O   . ARG A 1 136 ? 6.359   6.417   -14.456 1.00 16.01 ? 136 ARG A O   1 
ATOM   1071 C CB  . ARG A 1 136 ? 7.744   9.128   -15.197 1.00 19.42 ? 136 ARG A CB  1 
ATOM   1072 C CG  . ARG A 1 136 ? 9.108   8.618   -15.296 1.00 22.93 ? 136 ARG A CG  1 
ATOM   1073 C CD  . ARG A 1 136 ? 9.945   9.497   -16.118 1.00 27.33 ? 136 ARG A CD  1 
ATOM   1074 N NE  . ARG A 1 136 ? 9.551   10.918  -16.114 1.00 26.49 ? 136 ARG A NE  1 
ATOM   1075 C CZ  . ARG A 1 136 ? 10.018  11.770  -17.022 1.00 27.62 ? 136 ARG A CZ  1 
ATOM   1076 N NH1 . ARG A 1 136 ? 10.889  11.312  -17.936 1.00 25.93 ? 136 ARG A NH1 1 
ATOM   1077 N NH2 . ARG A 1 136 ? 9.568   13.037  -17.082 1.00 23.26 ? 136 ARG A NH2 1 
ATOM   1078 N N   . LEU A 1 137 ? 7.453   5.941   -16.377 1.00 16.62 ? 137 LEU A N   1 
ATOM   1079 C CA  . LEU A 1 137 ? 7.518   4.492   -16.040 1.00 15.03 ? 137 LEU A CA  1 
ATOM   1080 C C   . LEU A 1 137 ? 8.917   3.973   -15.834 1.00 16.40 ? 137 LEU A C   1 
ATOM   1081 O O   . LEU A 1 137 ? 9.845   4.224   -16.645 1.00 18.91 ? 137 LEU A O   1 
ATOM   1082 C CB  . LEU A 1 137 ? 6.846   3.651   -17.133 1.00 13.69 ? 137 LEU A CB  1 
ATOM   1083 C CG  . LEU A 1 137 ? 5.419   4.086   -17.469 1.00 15.70 ? 137 LEU A CG  1 
ATOM   1084 C CD1 . LEU A 1 137 ? 4.982   3.459   -18.824 1.00 17.24 ? 137 LEU A CD1 1 
ATOM   1085 C CD2 . LEU A 1 137 ? 4.498   3.657   -16.360 1.00 16.23 ? 137 LEU A CD2 1 
ATOM   1086 N N   . VAL A 1 138 ? 9.102   3.212   -14.754 1.00 13.70 ? 138 VAL A N   1 
ATOM   1087 C CA  . VAL A 1 138 ? 10.435  2.668   -14.470 1.00 16.05 ? 138 VAL A CA  1 
ATOM   1088 C C   . VAL A 1 138 ? 10.280  1.193   -13.957 1.00 16.98 ? 138 VAL A C   1 
ATOM   1089 O O   . VAL A 1 138 ? 9.642   0.952   -12.954 1.00 17.06 ? 138 VAL A O   1 
ATOM   1090 C CB  . VAL A 1 138 ? 11.182  3.520   -13.336 1.00 16.97 ? 138 VAL A CB  1 
ATOM   1091 C CG1 . VAL A 1 138 ? 12.471  2.827   -12.912 1.00 16.43 ? 138 VAL A CG1 1 
ATOM   1092 C CG2 . VAL A 1 138 ? 11.480  4.946   -13.840 1.00 18.97 ? 138 VAL A CG2 1 
ATOM   1093 N N   . PRO A 1 139 ? 10.922  0.227   -14.621 1.00 17.82 ? 139 PRO A N   1 
ATOM   1094 C CA  . PRO A 1 139 ? 10.837  -1.184  -14.214 1.00 19.53 ? 139 PRO A CA  1 
ATOM   1095 C C   . PRO A 1 139 ? 11.347  -1.334  -12.796 1.00 16.66 ? 139 PRO A C   1 
ATOM   1096 O O   . PRO A 1 139 ? 12.472  -0.964  -12.485 1.00 18.49 ? 139 PRO A O   1 
ATOM   1097 C CB  . PRO A 1 139 ? 11.787  -1.895  -15.187 1.00 21.27 ? 139 PRO A CB  1 
ATOM   1098 C CG  . PRO A 1 139 ? 11.919  -0.949  -16.293 1.00 19.73 ? 139 PRO A CG  1 
ATOM   1099 C CD  . PRO A 1 139 ? 11.987  0.377   -15.617 1.00 17.02 ? 139 PRO A CD  1 
ATOM   1100 N N   . LEU A 1 140 ? 10.504  -1.870  -11.934 1.00 15.79 ? 140 LEU A N   1 
ATOM   1101 C CA  . LEU A 1 140 ? 10.833  -2.085  -10.539 1.00 17.01 ? 140 LEU A CA  1 
ATOM   1102 C C   . LEU A 1 140 ? 12.127  -2.928  -10.330 1.00 17.68 ? 140 LEU A C   1 
ATOM   1103 O O   . LEU A 1 140 ? 12.933  -2.591  -9.492  1.00 16.92 ? 140 LEU A O   1 
ATOM   1104 C CB  . LEU A 1 140 ? 9.676   -2.830  -9.846  1.00 16.46 ? 140 LEU A CB  1 
ATOM   1105 C CG  . LEU A 1 140 ? 9.919   -3.273  -8.404  1.00 19.62 ? 140 LEU A CG  1 
ATOM   1106 C CD1 . LEU A 1 140 ? 10.318  -2.061  -7.487  1.00 17.69 ? 140 LEU A CD1 1 
ATOM   1107 C CD2 . LEU A 1 140 ? 8.614   -3.984  -7.903  1.00 18.25 ? 140 LEU A CD2 1 
ATOM   1108 N N   . GLN A 1 141 ? 12.283  -3.997  -11.109 1.00 17.02 ? 141 GLN A N   1 
ATOM   1109 C CA  . GLN A 1 141 ? 13.403  -4.926  -10.941 1.00 20.06 ? 141 GLN A CA  1 
ATOM   1110 C C   . GLN A 1 141 ? 14.643  -4.639  -11.800 1.00 21.11 ? 141 GLN A C   1 
ATOM   1111 O O   . GLN A 1 141 ? 15.586  -5.473  -11.837 1.00 20.42 ? 141 GLN A O   1 
ATOM   1112 C CB  . GLN A 1 141 ? 12.892  -6.373  -11.246 1.00 18.88 ? 141 GLN A CB  1 
ATOM   1113 C CG  . GLN A 1 141 ? 11.688  -6.836  -10.352 1.00 20.52 ? 141 GLN A CG  1 
ATOM   1114 C CD  . GLN A 1 141 ? 12.079  -7.259  -8.918  1.00 26.66 ? 141 GLN A CD  1 
ATOM   1115 O OE1 . GLN A 1 141 ? 13.262  -7.285  -8.562  1.00 25.47 ? 141 GLN A OE1 1 
ATOM   1116 N NE2 . GLN A 1 141 ? 11.065  -7.581  -8.082  1.00 25.57 ? 141 GLN A NE2 1 
ATOM   1117 N N   . ALA A 1 142 ? 14.663  -3.492  -12.494 1.00 21.23 ? 142 ALA A N   1 
ATOM   1118 C CA  . ALA A 1 142 ? 15.835  -3.132  -13.354 1.00 20.22 ? 142 ALA A CA  1 
ATOM   1119 C C   . ALA A 1 142 ? 17.113  -3.055  -12.494 1.00 20.39 ? 142 ALA A C   1 
ATOM   1120 O O   . ALA A 1 142 ? 17.067  -2.707  -11.324 1.00 20.23 ? 142 ALA A O   1 
ATOM   1121 C CB  . ALA A 1 142 ? 15.619  -1.752  -14.068 1.00 17.77 ? 142 ALA A CB  1 
ATOM   1122 N N   . PRO A 1 143 ? 18.277  -3.377  -13.081 1.00 23.46 ? 143 PRO A N   1 
ATOM   1123 C CA  . PRO A 1 143 ? 19.489  -3.306  -12.260 1.00 24.52 ? 143 PRO A CA  1 
ATOM   1124 C C   . PRO A 1 143 ? 19.846  -1.850  -11.963 1.00 26.04 ? 143 PRO A C   1 
ATOM   1125 O O   . PRO A 1 143 ? 20.551  -1.581  -10.989 1.00 27.57 ? 143 PRO A O   1 
ATOM   1126 C CB  . PRO A 1 143 ? 20.542  -4.005  -13.126 1.00 23.49 ? 143 PRO A CB  1 
ATOM   1127 C CG  . PRO A 1 143 ? 20.158  -3.652  -14.486 1.00 25.00 ? 143 PRO A CG  1 
ATOM   1128 C CD  . PRO A 1 143 ? 18.596  -3.778  -14.463 1.00 23.97 ? 143 PRO A CD  1 
ATOM   1129 N N   . TYR A 1 144 ? 19.355  -0.911  -12.780 1.00 24.36 ? 144 TYR A N   1 
ATOM   1130 C CA  . TYR A 1 144 ? 19.675  0.502   -12.508 1.00 24.76 ? 144 TYR A CA  1 
ATOM   1131 C C   . TYR A 1 144 ? 18.724  1.112   -11.493 1.00 24.26 ? 144 TYR A C   1 
ATOM   1132 O O   . TYR A 1 144 ? 18.722  2.328   -11.293 1.00 25.50 ? 144 TYR A O   1 
ATOM   1133 C CB  . TYR A 1 144 ? 19.646  1.333   -13.780 1.00 23.57 ? 144 TYR A CB  1 
ATOM   1134 C CG  . TYR A 1 144 ? 18.400  1.184   -14.608 1.00 20.08 ? 144 TYR A CG  1 
ATOM   1135 C CD1 . TYR A 1 144 ? 17.254  1.907   -14.331 1.00 20.62 ? 144 TYR A CD1 1 
ATOM   1136 C CD2 . TYR A 1 144 ? 18.385  0.312   -15.692 1.00 20.63 ? 144 TYR A CD2 1 
ATOM   1137 C CE1 . TYR A 1 144 ? 16.093  1.746   -15.163 1.00 17.77 ? 144 TYR A CE1 1 
ATOM   1138 C CE2 . TYR A 1 144 ? 17.291  0.155   -16.478 1.00 18.82 ? 144 TYR A CE2 1 
ATOM   1139 C CZ  . TYR A 1 144 ? 16.142  0.863   -16.226 1.00 18.59 ? 144 TYR A CZ  1 
ATOM   1140 O OH  . TYR A 1 144 ? 15.061  0.663   -17.073 1.00 18.52 ? 144 TYR A OH  1 
ATOM   1141 N N   . VAL A 1 145 ? 17.924  0.258   -10.845 1.00 24.41 ? 145 VAL A N   1 
ATOM   1142 C CA  . VAL A 1 145 ? 16.950  0.703   -9.823  1.00 20.33 ? 145 VAL A CA  1 
ATOM   1143 C C   . VAL A 1 145 ? 17.260  0.118   -8.447  1.00 23.21 ? 145 VAL A C   1 
ATOM   1144 O O   . VAL A 1 145 ? 17.406  -1.095  -8.309  1.00 23.84 ? 145 VAL A O   1 
ATOM   1145 C CB  . VAL A 1 145 ? 15.525  0.292   -10.232 1.00 20.35 ? 145 VAL A CB  1 
ATOM   1146 C CG1 . VAL A 1 145 ? 14.564  0.475   -9.056  1.00 20.72 ? 145 VAL A CG1 1 
ATOM   1147 C CG2 . VAL A 1 145 ? 15.022  1.182   -11.472 1.00 15.97 ? 145 VAL A CG2 1 
ATOM   1148 N N   . ARG A 1 146 ? 17.322  0.960   -7.425  1.00 22.28 ? 146 ARG A N   1 
ATOM   1149 C CA  . ARG A 1 146 ? 17.597  0.494   -6.068  1.00 25.23 ? 146 ARG A CA  1 
ATOM   1150 C C   . ARG A 1 146 ? 16.509  0.891   -5.038  1.00 27.01 ? 146 ARG A C   1 
ATOM   1151 O O   . ARG A 1 146 ? 16.319  2.077   -4.662  1.00 24.31 ? 146 ARG A O   1 
ATOM   1152 C CB  . ARG A 1 146 ? 18.988  0.997   -5.642  1.00 27.61 ? 146 ARG A CB  1 
ATOM   1153 C CG  . ARG A 1 146 ? 19.303  0.830   -4.190  1.00 31.77 ? 146 ARG A CG  1 
ATOM   1154 C CD  . ARG A 1 146 ? 20.837  0.990   -3.947  1.00 36.76 ? 146 ARG A CD  1 
ATOM   1155 N NE  . ARG A 1 146 ? 21.341  2.283   -4.403  1.00 36.65 ? 146 ARG A NE  1 
ATOM   1156 C CZ  . ARG A 1 146 ? 21.186  3.423   -3.728  1.00 41.72 ? 146 ARG A CZ  1 
ATOM   1157 N NH1 . ARG A 1 146 ? 20.540  3.432   -2.564  1.00 37.95 ? 146 ARG A NH1 1 
ATOM   1158 N NH2 . ARG A 1 146 ? 21.705  4.559   -4.204  1.00 43.69 ? 146 ARG A NH2 1 
ATOM   1159 N N   . VAL A 1 147 ? 15.772  -0.114  -4.588  1.00 24.77 ? 147 VAL A N   1 
ATOM   1160 C CA  . VAL A 1 147 ? 14.694  0.126   -3.618  1.00 23.76 ? 147 VAL A CA  1 
ATOM   1161 C C   . VAL A 1 147 ? 15.242  0.040   -2.205  1.00 27.21 ? 147 VAL A C   1 
ATOM   1162 O O   . VAL A 1 147 ? 15.844  -0.948  -1.842  1.00 28.39 ? 147 VAL A O   1 
ATOM   1163 C CB  . VAL A 1 147 ? 13.538  -0.942  -3.779  1.00 24.21 ? 147 VAL A CB  1 
ATOM   1164 C CG1 . VAL A 1 147 ? 12.455  -0.753  -2.681  1.00 22.60 ? 147 VAL A CG1 1 
ATOM   1165 C CG2 . VAL A 1 147 ? 12.849  -0.786  -5.134  1.00 18.24 ? 147 VAL A CG2 1 
ATOM   1166 N N   . GLU A 1 148 ? 15.018  1.061   -1.400  1.00 26.45 ? 148 GLU A N   1 
ATOM   1167 C CA  . GLU A 1 148 ? 15.499  1.061   -0.028  1.00 30.01 ? 148 GLU A CA  1 
ATOM   1168 C C   . GLU A 1 148 ? 14.257  1.169   0.805   1.00 31.50 ? 148 GLU A C   1 
ATOM   1169 O O   . GLU A 1 148 ? 13.162  1.294   0.270   1.00 27.91 ? 148 GLU A O   1 
ATOM   1170 C CB  . GLU A 1 148 ? 16.411  2.268   0.240   1.00 29.65 ? 148 GLU A CB  1 
ATOM   1171 C CG  . GLU A 1 148 ? 17.657  2.261   -0.609  1.00 33.49 ? 148 GLU A CG  1 
ATOM   1172 C CD  . GLU A 1 148 ? 18.738  1.278   -0.130  1.00 36.50 ? 148 GLU A CD  1 
ATOM   1173 O OE1 . GLU A 1 148 ? 18.527  0.621   0.915   1.00 39.06 ? 148 GLU A OE1 1 
ATOM   1174 O OE2 . GLU A 1 148 ? 19.798  1.167   -0.809  1.00 35.98 ? 148 GLU A OE2 1 
ATOM   1175 N N   . GLU A 1 149 ? 14.426  1.149   2.120   1.00 33.44 ? 149 GLU A N   1 
ATOM   1176 C CA  . GLU A 1 149 ? 13.293  1.207   3.013   1.00 36.26 ? 149 GLU A CA  1 
ATOM   1177 C C   . GLU A 1 149 ? 12.359  2.396   2.840   1.00 34.47 ? 149 GLU A C   1 
ATOM   1178 O O   . GLU A 1 149 ? 11.135  2.236   2.813   1.00 35.92 ? 149 GLU A O   1 
ATOM   1179 C CB  . GLU A 1 149 ? 13.779  1.126   4.452   1.00 40.38 ? 149 GLU A CB  1 
ATOM   1180 C CG  . GLU A 1 149 ? 12.645  1.131   5.460   1.00 47.76 ? 149 GLU A CG  1 
ATOM   1181 C CD  . GLU A 1 149 ? 13.137  0.781   6.850   1.00 51.65 ? 149 GLU A CD  1 
ATOM   1182 O OE1 . GLU A 1 149 ? 13.331  -0.432  7.104   1.00 52.95 ? 149 GLU A OE1 1 
ATOM   1183 O OE2 . GLU A 1 149 ? 13.358  1.716   7.668   1.00 53.51 ? 149 GLU A OE2 1 
ATOM   1184 N N   . GLY A 1 150 ? 12.912  3.589   2.713   1.00 32.12 ? 150 GLY A N   1 
ATOM   1185 C CA  . GLY A 1 150 ? 12.053  4.740   2.550   1.00 28.12 ? 150 GLY A CA  1 
ATOM   1186 C C   . GLY A 1 150 ? 12.199  5.491   1.237   1.00 25.66 ? 150 GLY A C   1 
ATOM   1187 O O   . GLY A 1 150 ? 11.738  6.615   1.146   1.00 25.17 ? 150 GLY A O   1 
ATOM   1188 N N   . SER A 1 151 ? 12.846  4.916   0.230   1.00 26.86 ? 151 SER A N   1 
ATOM   1189 C CA  . SER A 1 151 ? 13.019  5.643   -1.032  1.00 24.81 ? 151 SER A CA  1 
ATOM   1190 C C   . SER A 1 151 ? 13.476  4.717   -2.100  1.00 23.95 ? 151 SER A C   1 
ATOM   1191 O O   . SER A 1 151 ? 13.869  3.597   -1.823  1.00 24.52 ? 151 SER A O   1 
ATOM   1192 C CB  . SER A 1 151 ? 14.093  6.729   -0.879  1.00 25.88 ? 151 SER A CB  1 
ATOM   1193 O OG  . SER A 1 151 ? 15.249  6.135   -0.336  1.00 23.41 ? 151 SER A OG  1 
ATOM   1194 N N   . ILE A 1 152 ? 13.505  5.227   -3.323  1.00 21.81 ? 152 ILE A N   1 
ATOM   1195 C CA  . ILE A 1 152 ? 13.934  4.453   -4.447  1.00 21.23 ? 152 ILE A CA  1 
ATOM   1196 C C   . ILE A 1 152 ? 14.937  5.311   -5.171  1.00 20.56 ? 152 ILE A C   1 
ATOM   1197 O O   . ILE A 1 152 ? 14.683  6.497   -5.390  1.00 21.27 ? 152 ILE A O   1 
ATOM   1198 C CB  . ILE A 1 152 ? 12.769  4.134   -5.354  1.00 16.97 ? 152 ILE A CB  1 
ATOM   1199 C CG1 . ILE A 1 152 ? 11.826  3.115   -4.662  1.00 17.91 ? 152 ILE A CG1 1 
ATOM   1200 C CG2 . ILE A 1 152 ? 13.288  3.615   -6.671  1.00 17.66 ? 152 ILE A CG2 1 
ATOM   1201 C CD1 . ILE A 1 152 ? 10.526  2.920   -5.477  1.00 15.85 ? 152 ILE A CD1 1 
ATOM   1202 N N   . HIS A 1 153 ? 16.049  4.684   -5.549  1.00 20.42 ? 153 HIS A N   1 
ATOM   1203 C CA  . HIS A 1 153 ? 17.161  5.346   -6.219  1.00 22.53 ? 153 HIS A CA  1 
ATOM   1204 C C   . HIS A 1 153 ? 17.376  4.802   -7.560  1.00 21.10 ? 153 HIS A C   1 
ATOM   1205 O O   . HIS A 1 153 ? 17.522  3.603   -7.749  1.00 27.25 ? 153 HIS A O   1 
ATOM   1206 C CB  . HIS A 1 153 ? 18.443  5.236   -5.330  1.00 24.07 ? 153 HIS A CB  1 
ATOM   1207 C CG  . HIS A 1 153 ? 18.274  5.868   -3.984  1.00 27.05 ? 153 HIS A CG  1 
ATOM   1208 N ND1 . HIS A 1 153 ? 18.522  7.208   -3.753  1.00 28.03 ? 153 HIS A ND1 1 
ATOM   1209 C CD2 . HIS A 1 153 ? 17.737  5.383   -2.835  1.00 28.04 ? 153 HIS A CD2 1 
ATOM   1210 C CE1 . HIS A 1 153 ? 18.131  7.525   -2.526  1.00 27.93 ? 153 HIS A CE1 1 
ATOM   1211 N NE2 . HIS A 1 153 ? 17.650  6.434   -1.950  1.00 28.45 ? 153 HIS A NE2 1 
ATOM   1212 N N   . VAL A 1 154 ? 17.409  5.690   -8.532  1.00 19.88 ? 154 VAL A N   1 
ATOM   1213 C CA  . VAL A 1 154 ? 17.548  5.268   -9.885  1.00 19.37 ? 154 VAL A CA  1 
ATOM   1214 C C   . VAL A 1 154 ? 18.778  5.946   -10.461 1.00 25.09 ? 154 VAL A C   1 
ATOM   1215 O O   . VAL A 1 154 ? 19.040  7.092   -10.120 1.00 25.99 ? 154 VAL A O   1 
ATOM   1216 C CB  . VAL A 1 154 ? 16.318  5.682   -10.671 1.00 17.87 ? 154 VAL A CB  1 
ATOM   1217 C CG1 . VAL A 1 154 ? 16.376  5.116   -12.049 1.00 20.71 ? 154 VAL A CG1 1 
ATOM   1218 C CG2 . VAL A 1 154 ? 15.110  5.216   -9.956  1.00 14.93 ? 154 VAL A CG2 1 
ATOM   1219 N N   . ASP A 1 155 ? 19.532  5.215   -11.282 1.00 26.40 ? 155 ASP A N   1 
ATOM   1220 C CA  . ASP A 1 155 ? 20.735  5.743   -11.947 1.00 28.80 ? 155 ASP A CA  1 
ATOM   1221 C C   . ASP A 1 155 ? 20.321  6.770   -12.992 1.00 29.09 ? 155 ASP A C   1 
ATOM   1222 O O   . ASP A 1 155 ? 19.249  6.667   -13.558 1.00 30.20 ? 155 ASP A O   1 
ATOM   1223 C CB  . ASP A 1 155 ? 21.460  4.650   -12.710 1.00 28.02 ? 155 ASP A CB  1 
ATOM   1224 C CG  . ASP A 1 155 ? 22.092  3.625   -11.819 1.00 29.94 ? 155 ASP A CG  1 
ATOM   1225 O OD1 . ASP A 1 155 ? 22.250  3.850   -10.608 1.00 29.89 ? 155 ASP A OD1 1 
ATOM   1226 O OD2 . ASP A 1 155 ? 22.462  2.571   -12.369 1.00 35.55 ? 155 ASP A OD2 1 
ATOM   1227 N N   . PRO A 1 156 ? 21.195  7.746   -13.306 1.00 31.16 ? 156 PRO A N   1 
ATOM   1228 C CA  . PRO A 1 156 ? 20.837  8.753   -14.318 1.00 32.26 ? 156 PRO A CA  1 
ATOM   1229 C C   . PRO A 1 156 ? 20.930  8.195   -15.750 1.00 34.92 ? 156 PRO A C   1 
ATOM   1230 O O   . PRO A 1 156 ? 21.829  8.548   -16.498 1.00 36.88 ? 156 PRO A O   1 
ATOM   1231 C CB  . PRO A 1 156 ? 21.862  9.868   -14.066 1.00 31.74 ? 156 PRO A CB  1 
ATOM   1232 C CG  . PRO A 1 156 ? 23.041  9.145   -13.689 1.00 31.53 ? 156 PRO A CG  1 
ATOM   1233 C CD  . PRO A 1 156 ? 22.524  8.038   -12.740 1.00 31.15 ? 156 PRO A CD  1 
ATOM   1234 N N   . ILE A 1 157 ? 20.022  7.302   -16.120 1.00 35.55 ? 157 ILE A N   1 
ATOM   1235 C CA  . ILE A 1 157 ? 20.007  6.719   -17.456 1.00 35.88 ? 157 ILE A CA  1 
ATOM   1236 C C   . ILE A 1 157 ? 19.667  7.858   -18.405 1.00 38.04 ? 157 ILE A C   1 
ATOM   1237 O O   . ILE A 1 157 ? 18.769  8.641   -18.122 1.00 38.57 ? 157 ILE A O   1 
ATOM   1238 C CB  . ILE A 1 157 ? 18.896  5.665   -17.595 1.00 34.31 ? 157 ILE A CB  1 
ATOM   1239 C CG1 . ILE A 1 157 ? 19.061  4.512   -16.551 1.00 34.23 ? 157 ILE A CG1 1 
ATOM   1240 C CG2 . ILE A 1 157 ? 18.753  5.260   -19.056 1.00 34.41 ? 157 ILE A CG2 1 
ATOM   1241 C CD1 . ILE A 1 157 ? 20.442  4.070   -16.195 1.00 34.03 ? 157 ILE A CD1 1 
ATOM   1242 N N   . PRO A 1 158 ? 20.365  7.965   -19.553 1.00 37.98 ? 158 PRO A N   1 
ATOM   1243 C CA  . PRO A 1 158 ? 20.046  9.060   -20.481 1.00 39.65 ? 158 PRO A CA  1 
ATOM   1244 C C   . PRO A 1 158 ? 18.675  8.892   -21.109 1.00 39.34 ? 158 PRO A C   1 
ATOM   1245 O O   . PRO A 1 158 ? 18.368  7.821   -21.658 1.00 40.71 ? 158 PRO A O   1 
ATOM   1246 C CB  . PRO A 1 158 ? 21.167  8.987   -21.521 1.00 39.06 ? 158 PRO A CB  1 
ATOM   1247 C CG  . PRO A 1 158 ? 22.349  8.471   -20.714 1.00 40.82 ? 158 PRO A CG  1 
ATOM   1248 C CD  . PRO A 1 158 ? 21.672  7.363   -19.877 1.00 40.87 ? 158 PRO A CD  1 
ATOM   1249 N N   . GLY A 1 159 ? 17.860  9.948   -21.048 1.00 38.54 ? 159 GLY A N   1 
ATOM   1250 C CA  . GLY A 1 159 ? 16.522  9.894   -21.613 1.00 36.25 ? 159 GLY A CA  1 
ATOM   1251 C C   . GLY A 1 159 ? 15.462  9.181   -20.754 1.00 38.04 ? 159 GLY A C   1 
ATOM   1252 O O   . GLY A 1 159 ? 14.321  8.915   -21.235 1.00 40.56 ? 159 GLY A O   1 
ATOM   1253 N N   . LEU A 1 160 ? 15.807  8.851   -19.505 1.00 34.22 ? 160 LEU A N   1 
ATOM   1254 C CA  . LEU A 1 160 ? 14.834  8.135   -18.647 1.00 30.53 ? 160 LEU A CA  1 
ATOM   1255 C C   . LEU A 1 160 ? 13.942  9.144   -17.958 1.00 31.04 ? 160 LEU A C   1 
ATOM   1256 O O   . LEU A 1 160 ? 12.718  9.054   -18.093 1.00 34.16 ? 160 LEU A O   1 
ATOM   1257 C CB  . LEU A 1 160 ? 15.528  7.256   -17.586 1.00 25.11 ? 160 LEU A CB  1 
ATOM   1258 C CG  . LEU A 1 160 ? 14.557  6.527   -16.636 1.00 23.07 ? 160 LEU A CG  1 
ATOM   1259 C CD1 . LEU A 1 160 ? 13.341  5.896   -17.438 1.00 17.65 ? 160 LEU A CD1 1 
ATOM   1260 C CD2 . LEU A 1 160 ? 15.358  5.436   -15.871 1.00 20.20 ? 160 LEU A CD2 1 
ATOM   1261 N N   . PHE A 1 161 ? 14.563  10.108  -17.271 1.00 28.76 ? 161 PHE A N   1 
ATOM   1262 C CA  . PHE A 1 161 ? 13.872  11.176  -16.566 1.00 30.38 ? 161 PHE A CA  1 
ATOM   1263 C C   . PHE A 1 161 ? 13.856  12.584  -17.183 1.00 32.82 ? 161 PHE A C   1 
ATOM   1264 O O   . PHE A 1 161 ? 13.655  13.570  -16.454 1.00 30.38 ? 161 PHE A O   1 
ATOM   1265 C CB  . PHE A 1 161 ? 14.445  11.315  -15.192 1.00 32.77 ? 161 PHE A CB  1 
ATOM   1266 C CG  . PHE A 1 161 ? 13.999  10.253  -14.265 1.00 32.84 ? 161 PHE A CG  1 
ATOM   1267 C CD1 . PHE A 1 161 ? 12.720  10.321  -13.685 1.00 32.89 ? 161 PHE A CD1 1 
ATOM   1268 C CD2 . PHE A 1 161 ? 14.864  9.187   -13.957 1.00 34.68 ? 161 PHE A CD2 1 
ATOM   1269 C CE1 . PHE A 1 161 ? 12.307  9.314   -12.791 1.00 34.67 ? 161 PHE A CE1 1 
ATOM   1270 C CE2 . PHE A 1 161 ? 14.462  8.173   -13.067 1.00 34.26 ? 161 PHE A CE2 1 
ATOM   1271 C CZ  . PHE A 1 161 ? 13.191  8.249   -12.497 1.00 35.76 ? 161 PHE A CZ  1 
ATOM   1272 N N   . ASP A 1 162 ? 14.060  12.695  -18.487 1.00 30.72 ? 162 ASP A N   1 
ATOM   1273 C CA  . ASP A 1 162 ? 14.048  14.024  -19.097 1.00 33.71 ? 162 ASP A CA  1 
ATOM   1274 C C   . ASP A 1 162 ? 12.645  14.639  -19.066 1.00 32.84 ? 162 ASP A C   1 
ATOM   1275 O O   . ASP A 1 162 ? 12.628  15.873  -19.019 1.00 29.99 ? 162 ASP A O   1 
ATOM   1276 C CB  . ASP A 1 162 ? 14.521  13.976  -20.540 1.00 34.08 ? 162 ASP A CB  1 
ATOM   1277 C CG  . ASP A 1 162 ? 16.018  13.628  -20.664 1.00 39.10 ? 162 ASP A CG  1 
ATOM   1278 O OD1 . ASP A 1 162 ? 16.769  13.748  -19.647 1.00 34.90 ? 162 ASP A OD1 1 
ATOM   1279 O OD2 . ASP A 1 162 ? 16.416  13.246  -21.793 1.00 39.70 ? 162 ASP A OD2 1 
ATOM   1280 O OXT . ASP A 1 162 ? 11.607  13.904  -19.127 1.00 32.03 ? 162 ASP A OXT 1 
HETATM 1281 O O   . HOH B 2 .   ? -0.049  -2.824  11.272  1.00 13.44 ? 201 HOH A O   1 
HETATM 1282 O O   . HOH B 2 .   ? 9.569   6.198   -18.430 1.00 15.65 ? 202 HOH A O   1 
HETATM 1283 O O   . HOH B 2 .   ? -6.204  9.440   9.526   1.00 18.49 ? 203 HOH A O   1 
HETATM 1284 O O   . HOH B 2 .   ? -20.333 -9.574  13.429  1.00 16.81 ? 204 HOH A O   1 
HETATM 1285 O O   . HOH B 2 .   ? 8.257   -4.417  0.244   1.00 15.98 ? 205 HOH A O   1 
HETATM 1286 O O   . HOH B 2 .   ? 8.095   12.255  -14.014 1.00 18.27 ? 206 HOH A O   1 
HETATM 1287 O O   . HOH B 2 .   ? -23.800 -12.180 14.524  1.00 18.31 ? 207 HOH A O   1 
HETATM 1288 O O   . HOH B 2 .   ? -16.659 -8.215  0.948   1.00 20.38 ? 208 HOH A O   1 
HETATM 1289 O O   . HOH B 2 .   ? -1.354  -8.857  0.812   1.00 25.80 ? 209 HOH A O   1 
HETATM 1290 O O   . HOH B 2 .   ? 8.967   1.385   3.952   1.00 22.69 ? 210 HOH A O   1 
HETATM 1291 O O   . HOH B 2 .   ? 0.463   -6.288  13.605  1.00 15.97 ? 211 HOH A O   1 
HETATM 1292 O O   . HOH B 2 .   ? -0.108  4.236   1.385   1.00 21.80 ? 212 HOH A O   1 
HETATM 1293 O O   . HOH B 2 .   ? -14.204 -9.027  1.907   1.00 17.60 ? 213 HOH A O   1 
HETATM 1294 O O   . HOH B 2 .   ? 5.534   9.728   -21.349 1.00 18.03 ? 214 HOH A O   1 
HETATM 1295 O O   . HOH B 2 .   ? -0.495  -2.616  -18.226 1.00 23.39 ? 215 HOH A O   1 
HETATM 1296 O O   . HOH B 2 .   ? 7.012   9.973   -18.701 1.00 25.55 ? 216 HOH A O   1 
HETATM 1297 O O   . HOH B 2 .   ? 15.775  -8.481  -8.222  1.00 21.82 ? 217 HOH A O   1 
HETATM 1298 O O   . HOH B 2 .   ? 2.974   18.033  -22.917 1.00 23.59 ? 218 HOH A O   1 
HETATM 1299 O O   . HOH B 2 .   ? -1.087  1.201   -0.670  1.00 19.68 ? 219 HOH A O   1 
HETATM 1300 O O   . HOH B 2 .   ? -17.403 -5.525  0.446   1.00 21.95 ? 220 HOH A O   1 
HETATM 1301 O O   . HOH B 2 .   ? 9.699   15.217  -20.720 1.00 19.16 ? 221 HOH A O   1 
HETATM 1302 O O   . HOH B 2 .   ? 8.580   1.595   9.056   1.00 27.55 ? 222 HOH A O   1 
HETATM 1303 O O   . HOH B 2 .   ? 14.621  -14.785 -3.160  1.00 14.36 ? 223 HOH A O   1 
HETATM 1304 O O   . HOH B 2 .   ? -21.415 -6.453  12.387  1.00 18.15 ? 224 HOH A O   1 
HETATM 1305 O O   . HOH B 2 .   ? 15.172  -3.281  -8.421  1.00 21.70 ? 225 HOH A O   1 
HETATM 1306 O O   . HOH B 2 .   ? 11.083  8.144   -19.675 1.00 23.26 ? 226 HOH A O   1 
HETATM 1307 O O   . HOH B 2 .   ? -14.513 -6.998  17.979  1.00 23.30 ? 227 HOH A O   1 
HETATM 1308 O O   . HOH B 2 .   ? 3.019   17.437  -25.624 1.00 28.72 ? 228 HOH A O   1 
HETATM 1309 O O   . HOH B 2 .   ? 12.503  -10.633 -7.876  1.00 20.22 ? 229 HOH A O   1 
HETATM 1310 O O   . HOH B 2 .   ? 4.605   16.446  -11.577 1.00 22.44 ? 230 HOH A O   1 
HETATM 1311 O O   . HOH B 2 .   ? -16.718 -8.075  17.339  1.00 20.58 ? 231 HOH A O   1 
HETATM 1312 O O   . HOH B 2 .   ? 1.728   14.652  -16.962 1.00 20.63 ? 232 HOH A O   1 
HETATM 1313 O O   . HOH B 2 .   ? 10.622  19.188  -14.944 1.00 23.19 ? 233 HOH A O   1 
HETATM 1314 O O   . HOH B 2 .   ? 9.998   3.690   9.809   1.00 30.86 ? 234 HOH A O   1 
HETATM 1315 O O   . HOH B 2 .   ? 8.682   -9.924  -7.866  1.00 25.79 ? 235 HOH A O   1 
HETATM 1316 O O   . HOH B 2 .   ? -12.012 -15.259 1.519   1.00 27.38 ? 236 HOH A O   1 
HETATM 1317 O O   . HOH B 2 .   ? 10.515  -4.927  -13.038 1.00 23.36 ? 237 HOH A O   1 
HETATM 1318 O O   . HOH B 2 .   ? 8.602   -7.804  -9.411  1.00 34.25 ? 238 HOH A O   1 
HETATM 1319 O O   . HOH B 2 .   ? 12.397  -9.978  -17.962 1.00 25.10 ? 239 HOH A O   1 
HETATM 1320 O O   . HOH B 2 .   ? -26.256 -1.679  9.509   1.00 30.34 ? 240 HOH A O   1 
HETATM 1321 O O   . HOH B 2 .   ? -3.618  -7.514  18.943  1.00 38.19 ? 241 HOH A O   1 
HETATM 1322 O O   . HOH B 2 .   ? -8.202  -16.332 12.315  1.00 30.90 ? 242 HOH A O   1 
HETATM 1323 O O   . HOH B 2 .   ? 7.565   -8.833  -5.405  1.00 21.70 ? 243 HOH A O   1 
HETATM 1324 O O   . HOH B 2 .   ? 1.997   2.935   0.520   1.00 24.10 ? 244 HOH A O   1 
HETATM 1325 O O   . HOH B 2 .   ? -15.233 -13.333 16.448  1.00 31.66 ? 245 HOH A O   1 
HETATM 1326 O O   . HOH B 2 .   ? -17.027 2.856   15.823  1.00 26.02 ? 246 HOH A O   1 
HETATM 1327 O O   . HOH B 2 .   ? -21.762 -11.337 1.793   1.00 26.38 ? 247 HOH A O   1 
HETATM 1328 O O   . HOH B 2 .   ? 8.888   -7.587  -12.380 1.00 27.74 ? 248 HOH A O   1 
HETATM 1329 O O   . HOH B 2 .   ? 20.185  8.755   -5.524  1.00 33.79 ? 249 HOH A O   1 
HETATM 1330 O O   . HOH B 2 .   ? 20.738  7.760   -8.306  1.00 36.39 ? 250 HOH A O   1 
HETATM 1331 O O   . HOH B 2 .   ? 15.620  5.342   2.709   1.00 36.68 ? 251 HOH A O   1 
HETATM 1332 O O   . HOH B 2 .   ? 8.379   -9.979  -13.444 1.00 32.35 ? 252 HOH A O   1 
HETATM 1333 O O   . HOH B 2 .   ? 10.466  -6.173  0.620   1.00 30.02 ? 253 HOH A O   1 
HETATM 1334 O O   . HOH B 2 .   ? 8.163   0.936   13.010  1.00 25.74 ? 254 HOH A O   1 
HETATM 1335 O O   . HOH B 2 .   ? 0.243   11.960  -20.356 1.00 41.28 ? 255 HOH A O   1 
HETATM 1336 O O   . HOH B 2 .   ? 17.170  10.985  -17.377 1.00 39.35 ? 256 HOH A O   1 
HETATM 1337 O O   . HOH B 2 .   ? -10.799 7.324   17.643  1.00 33.91 ? 257 HOH A O   1 
HETATM 1338 O O   . HOH B 2 .   ? 4.052   6.777   1.853   1.00 30.04 ? 258 HOH A O   1 
HETATM 1339 O O   . HOH B 2 .   ? 16.797  -6.766  -9.671  1.00 25.40 ? 259 HOH A O   1 
HETATM 1340 O O   . HOH B 2 .   ? 8.736   -16.088 -3.907  1.00 43.17 ? 260 HOH A O   1 
HETATM 1341 O O   . HOH B 2 .   ? 10.172  -7.276  3.485   1.00 36.95 ? 261 HOH A O   1 
HETATM 1342 O O   . HOH B 2 .   ? 0.845   11.923  -25.362 1.00 55.78 ? 262 HOH A O   1 
HETATM 1343 O O   . HOH B 2 .   ? 6.275   -3.455  14.595  1.00 38.08 ? 263 HOH A O   1 
HETATM 1344 O O   . HOH B 2 .   ? -1.365  -3.434  -14.354 1.00 34.57 ? 264 HOH A O   1 
HETATM 1345 O O   . HOH B 2 .   ? -24.555 -11.473 4.374   1.00 42.31 ? 265 HOH A O   1 
HETATM 1346 O O   . HOH B 2 .   ? 8.402   -5.462  7.454   1.00 32.57 ? 266 HOH A O   1 
HETATM 1347 O O   . HOH B 2 .   ? -9.846  -1.625  -1.094  1.00 43.02 ? 267 HOH A O   1 
HETATM 1348 O O   . HOH B 2 .   ? -12.603 10.923  12.857  1.00 30.67 ? 268 HOH A O   1 
HETATM 1349 O O   . HOH B 2 .   ? -16.305 0.580   21.684  1.00 29.66 ? 269 HOH A O   1 
HETATM 1350 O O   . HOH B 2 .   ? -6.767  8.133   4.849   1.00 33.98 ? 270 HOH A O   1 
HETATM 1351 O O   . HOH B 2 .   ? 5.733   14.134  -7.352  1.00 32.29 ? 271 HOH A O   1 
HETATM 1352 O O   . HOH B 2 .   ? -1.945  8.120   -15.856 1.00 34.32 ? 272 HOH A O   1 
HETATM 1353 O O   . HOH B 2 .   ? -5.958  -0.465  -0.804  1.00 38.96 ? 273 HOH A O   1 
HETATM 1354 O O   . HOH B 2 .   ? 8.189   12.306  -24.303 1.00 34.48 ? 274 HOH A O   1 
HETATM 1355 O O   . HOH B 2 .   ? 13.353  -7.445  -1.048  1.00 33.78 ? 275 HOH A O   1 
HETATM 1356 O O   . HOH B 2 .   ? -4.288  -2.269  -2.018  1.00 39.75 ? 276 HOH A O   1 
HETATM 1357 O O   . HOH B 2 .   ? 3.597   -11.853 3.363   1.00 30.98 ? 277 HOH A O   1 
HETATM 1358 O O   . HOH B 2 .   ? 7.096   7.658   7.551   1.00 32.42 ? 278 HOH A O   1 
HETATM 1359 O O   . HOH B 2 .   ? -1.483  -4.064  -4.249  1.00 38.84 ? 279 HOH A O   1 
HETATM 1360 O O   . HOH B 2 .   ? 17.308  -4.812  -22.292 1.00 55.38 ? 280 HOH A O   1 
HETATM 1361 O O   . HOH B 2 .   ? -19.321 -14.320 1.880   1.00 34.51 ? 281 HOH A O   1 
HETATM 1362 O O   . HOH B 2 .   ? -8.120  -0.789  19.911  1.00 48.84 ? 282 HOH A O   1 
HETATM 1363 O O   . HOH B 2 .   ? 10.389  17.450  -26.858 1.00 39.95 ? 283 HOH A O   1 
HETATM 1364 O O   . HOH B 2 .   ? -4.014  6.351   1.575   1.00 36.61 ? 284 HOH A O   1 
HETATM 1365 O O   . HOH B 2 .   ? -13.671 -5.800  21.894  1.00 36.77 ? 285 HOH A O   1 
HETATM 1366 O O   . HOH B 2 .   ? 2.023   8.666   -4.135  1.00 30.36 ? 286 HOH A O   1 
HETATM 1367 O O   . HOH B 2 .   ? 6.209   7.519   3.260   1.00 36.98 ? 287 HOH A O   1 
HETATM 1368 O O   . HOH B 2 .   ? -14.568 -4.748  13.622  1.00 33.76 ? 288 HOH A O   1 
HETATM 1369 O O   . HOH B 2 .   ? 10.693  -14.544 4.260   1.00 42.48 ? 289 HOH A O   1 
HETATM 1370 O O   . HOH B 2 .   ? 7.824   14.188  -5.965  1.00 41.27 ? 290 HOH A O   1 
HETATM 1371 O O   . HOH B 2 .   ? 10.029  -5.472  11.546  1.00 43.64 ? 291 HOH A O   1 
HETATM 1372 O O   . HOH B 2 .   ? -2.883  8.682   -20.328 1.00 37.88 ? 292 HOH A O   1 
HETATM 1373 O O   . HOH B 2 .   ? 4.452   -9.690  -2.579  1.00 38.81 ? 293 HOH A O   1 
HETATM 1374 O O   . HOH B 2 .   ? 7.440   -8.810  11.285  1.00 49.75 ? 294 HOH A O   1 
HETATM 1375 O O   . HOH B 2 .   ? -2.381  -13.871 3.734   1.00 42.01 ? 295 HOH A O   1 
HETATM 1376 O O   . HOH B 2 .   ? 15.807  -14.167 0.776   1.00 32.95 ? 296 HOH A O   1 
HETATM 1377 O O   . HOH B 2 .   ? 9.410   3.362   14.000  1.00 31.15 ? 297 HOH A O   1 
HETATM 1378 O O   . HOH B 2 .   ? 14.732  17.688  -18.691 1.00 41.53 ? 298 HOH A O   1 
HETATM 1379 O O   . HOH B 2 .   ? 7.646   -12.177 -14.817 1.00 39.70 ? 299 HOH A O   1 
HETATM 1380 O O   . HOH B 2 .   ? 15.743  -2.749  -5.722  1.00 38.01 ? 300 HOH A O   1 
HETATM 1381 O O   . HOH B 2 .   ? -21.482 -3.231  21.389  1.00 44.64 ? 301 HOH A O   1 
HETATM 1382 O O   . HOH B 2 .   ? -20.460 -8.176  20.087  1.00 30.59 ? 302 HOH A O   1 
HETATM 1383 O O   . HOH B 2 .   ? 7.483   19.988  -29.630 1.00 33.15 ? 303 HOH A O   1 
HETATM 1384 O O   . HOH B 2 .   ? 2.366   -7.299  -3.102  1.00 29.30 ? 304 HOH A O   1 
HETATM 1385 O O   . HOH B 2 .   ? -20.006 -12.215 14.012  1.00 24.55 ? 305 HOH A O   1 
HETATM 1386 O O   . HOH B 2 .   ? 7.402   -3.342  2.617   1.00 26.36 ? 306 HOH A O   1 
HETATM 1387 O O   . HOH B 2 .   ? 8.601   -5.495  4.635   1.00 26.57 ? 307 HOH A O   1 
HETATM 1388 O O   . HOH B 2 .   ? 9.013   9.974   -20.744 1.00 34.80 ? 308 HOH A O   1 
HETATM 1389 O O   . HOH B 2 .   ? -0.889  -1.878  -5.151  1.00 46.50 ? 309 HOH A O   1 
HETATM 1390 O O   . HOH B 2 .   ? 5.630   8.311   5.882   1.00 32.41 ? 310 HOH A O   1 
HETATM 1391 O O   . HOH B 2 .   ? 1.783   -5.993  -12.003 1.00 33.94 ? 311 HOH A O   1 
HETATM 1392 O O   . HOH B 2 .   ? 11.260  15.541  -22.929 1.00 27.20 ? 312 HOH A O   1 
HETATM 1393 O O   . HOH B 2 .   ? 9.443   1.588   6.574   1.00 27.76 ? 313 HOH A O   1 
HETATM 1394 O O   . HOH B 2 .   ? 8.471   -0.976  2.407   1.00 37.74 ? 314 HOH A O   1 
HETATM 1395 O O   . HOH B 2 .   ? 4.495   18.984  -11.903 1.00 40.74 ? 315 HOH A O   1 
HETATM 1396 O O   . HOH B 2 .   ? 0.178   -5.399  -3.514  1.00 27.64 ? 316 HOH A O   1 
HETATM 1397 O O   . HOH B 2 .   ? 4.875   16.397  -8.741  1.00 31.87 ? 317 HOH A O   1 
HETATM 1398 O O   . HOH B 2 .   ? -21.950 -13.909 13.895  1.00 40.26 ? 318 HOH A O   1 
HETATM 1399 O O   . HOH B 2 .   ? -0.520  13.285  -17.880 1.00 42.52 ? 319 HOH A O   1 
HETATM 1400 O O   . HOH B 2 .   ? -17.630 -9.483  19.466  1.00 32.15 ? 320 HOH A O   1 
HETATM 1401 O O   . HOH B 2 .   ? 18.640  -5.496  -9.123  1.00 45.16 ? 321 HOH A O   1 
HETATM 1402 O O   . HOH B 2 .   ? 8.533   9.902   -23.299 1.00 34.88 ? 322 HOH A O   1 
HETATM 1403 O O   . HOH B 2 .   ? 8.800   -13.803 -0.127  1.00 35.56 ? 323 HOH A O   1 
HETATM 1404 O O   . HOH B 2 .   ? -13.528 8.510   17.090  1.00 38.14 ? 324 HOH A O   1 
HETATM 1405 O O   . HOH B 2 .   ? -12.801 -9.539  -0.495  1.00 41.69 ? 325 HOH A O   1 
HETATM 1406 O O   . HOH B 2 .   ? -2.508  -0.071  -2.602  1.00 31.78 ? 326 HOH A O   1 
HETATM 1407 O O   . HOH B 2 .   ? 6.630   -12.504 -2.360  1.00 32.75 ? 327 HOH A O   1 
HETATM 1408 O O   . HOH B 2 .   ? 14.775  -6.113  -20.586 1.00 39.08 ? 328 HOH A O   1 
HETATM 1409 O O   . HOH B 2 .   ? 23.727  10.991  -4.827  1.00 49.32 ? 329 HOH A O   1 
HETATM 1410 O O   . HOH B 2 .   ? -3.459  -15.335 1.875   1.00 51.49 ? 330 HOH A O   1 
HETATM 1411 O O   . HOH B 2 .   ? -21.395 -15.651 11.366  1.00 25.88 ? 331 HOH A O   1 
HETATM 1412 O O   . HOH B 2 .   ? 10.288  -0.701  0.665   1.00 37.12 ? 332 HOH A O   1 
HETATM 1413 O O   . HOH B 2 .   ? -10.533 -8.456  -0.837  1.00 37.76 ? 333 HOH A O   1 
HETATM 1414 O O   . HOH B 2 .   ? -13.971 1.883   17.331  1.00 35.69 ? 334 HOH A O   1 
HETATM 1415 O O   . HOH B 2 .   ? 13.782  16.417  -23.080 1.00 43.85 ? 335 HOH A O   1 
HETATM 1416 O O   . HOH B 2 .   ? 9.717   6.938   5.591   1.00 32.33 ? 336 HOH A O   1 
HETATM 1417 O O   . HOH B 2 .   ? 18.243  11.762  -15.217 1.00 46.05 ? 337 HOH A O   1 
# 
